data_7CFW
# 
_entry.id   7CFW 
# 
_audit_conform.dict_name       mmcif_pdbx.dic 
_audit_conform.dict_version    5.398 
_audit_conform.dict_location   http://mmcif.pdb.org/dictionaries/ascii/mmcif_pdbx.dic 
# 
loop_
_database_2.database_id 
_database_2.database_code 
_database_2.pdbx_database_accession 
_database_2.pdbx_DOI 
PDB   7CFW         pdb_00007cfw 10.2210/pdb7cfw/pdb 
WWPDB D_1300012719 ?            ?                   
# 
loop_
_pdbx_audit_revision_history.ordinal 
_pdbx_audit_revision_history.data_content_type 
_pdbx_audit_revision_history.major_revision 
_pdbx_audit_revision_history.minor_revision 
_pdbx_audit_revision_history.revision_date 
1 'Structure model' 1 0 2020-11-04 
2 'Structure model' 1 1 2023-11-29 
3 'Structure model' 1 2 2024-11-20 
# 
_pdbx_audit_revision_details.ordinal             1 
_pdbx_audit_revision_details.revision_ordinal    1 
_pdbx_audit_revision_details.data_content_type   'Structure model' 
_pdbx_audit_revision_details.provider            repository 
_pdbx_audit_revision_details.type                'Initial release' 
_pdbx_audit_revision_details.description         ? 
_pdbx_audit_revision_details.details             ? 
# 
loop_
_pdbx_audit_revision_group.ordinal 
_pdbx_audit_revision_group.revision_ordinal 
_pdbx_audit_revision_group.data_content_type 
_pdbx_audit_revision_group.group 
1 2 'Structure model' 'Data collection'        
2 2 'Structure model' 'Database references'    
3 2 'Structure model' 'Refinement description' 
4 3 'Structure model' 'Structure summary'      
# 
loop_
_pdbx_audit_revision_category.ordinal 
_pdbx_audit_revision_category.revision_ordinal 
_pdbx_audit_revision_category.data_content_type 
_pdbx_audit_revision_category.category 
1 2 'Structure model' chem_comp_atom                
2 2 'Structure model' chem_comp_bond                
3 2 'Structure model' database_2                    
4 2 'Structure model' pdbx_initial_refinement_model 
5 3 'Structure model' pdbx_entry_details            
6 3 'Structure model' pdbx_modification_feature     
# 
loop_
_pdbx_audit_revision_item.ordinal 
_pdbx_audit_revision_item.revision_ordinal 
_pdbx_audit_revision_item.data_content_type 
_pdbx_audit_revision_item.item 
1 2 'Structure model' '_database_2.pdbx_DOI'                         
2 2 'Structure model' '_database_2.pdbx_database_accession'          
3 3 'Structure model' '_pdbx_entry_details.has_protein_modification' 
# 
_pdbx_database_status.status_code                     REL 
_pdbx_database_status.status_code_sf                  REL 
_pdbx_database_status.status_code_mr                  ? 
_pdbx_database_status.entry_id                        7CFW 
_pdbx_database_status.recvd_initial_deposition_date   2020-06-29 
_pdbx_database_status.SG_entry                        N 
_pdbx_database_status.deposit_site                    PDBJ 
_pdbx_database_status.process_site                    PDBJ 
_pdbx_database_status.status_code_cs                  ? 
_pdbx_database_status.status_code_nmr_data            ? 
_pdbx_database_status.methods_development_category    ? 
_pdbx_database_status.pdb_format_compatible           Y 
# 
loop_
_audit_author.name 
_audit_author.pdbx_ordinal 
_audit_author.identifier_ORCID 
'Chen, S.K.'      1  ? 
'Guan, H.H.'      2  ? 
'Wu, P.H.'        3  ? 
'Lin, L.T.'       4  ? 
'Wu, M.C.'        5  ? 
'Chang, H.Y.'     6  ? 
'Chen, N.C.'      7  ? 
'Lin, C.C.'       8  ? 
'Chuankhayan, P.' 9  ? 
'Huang, Y.C.'     10 ? 
'Lin, P.J.'       11 ? 
'Chen, C.J.'      12 ? 
# 
_citation.abstract                  ? 
_citation.abstract_id_CAS           ? 
_citation.book_id_ISBN              ? 
_citation.book_publisher            ? 
_citation.book_publisher_city       ? 
_citation.book_title                ? 
_citation.coordinate_linkage        ? 
_citation.country                   UK 
_citation.database_id_Medline       ? 
_citation.details                   ? 
_citation.id                        primary 
_citation.journal_abbrev            Iucrj 
_citation.journal_id_ASTM           ? 
_citation.journal_id_CSD            ? 
_citation.journal_id_ISSN           2052-2525 
_citation.journal_full              ? 
_citation.journal_issue             ? 
_citation.journal_volume            7 
_citation.language                  ? 
_citation.page_first                934 
_citation.page_last                 948 
_citation.title                     
;Structural insights into the histidine-containing phospho-transfer protein and receiver domain of sensor histidine kinase suggest a complex model in the two-component regulatory system in Pseudomonas aeruginosa
;
_citation.year                      2020 
_citation.database_id_CSD           ? 
_citation.pdbx_database_id_DOI      10.1107/S2052252520009665 
_citation.pdbx_database_id_PubMed   32939285 
_citation.unpublished_flag          ? 
# 
loop_
_citation_author.citation_id 
_citation_author.name 
_citation_author.ordinal 
_citation_author.identifier_ORCID 
primary 'Chen, S.K.'      1  ?                   
primary 'Guan, H.H.'      2  ?                   
primary 'Wu, P.H.'        3  ?                   
primary 'Lin, L.T.'       4  ?                   
primary 'Wu, M.C.'        5  ?                   
primary 'Chang, H.Y.'     6  ?                   
primary 'Chen, N.C.'      7  ?                   
primary 'Lin, C.C.'       8  ?                   
primary 'Chuankhayan, P.' 9  ?                   
primary 'Huang, Y.C.'     10 ?                   
primary 'Lin, P.J.'       11 ?                   
primary 'Chen, C.J.'      12 0000-0002-5157-4288 
# 
loop_
_entity.id 
_entity.type 
_entity.src_method 
_entity.pdbx_description 
_entity.formula_weight 
_entity.pdbx_number_of_molecules 
_entity.pdbx_ec 
_entity.pdbx_mutation 
_entity.pdbx_fragment 
_entity.details 
1 polymer     man 'Histidine kinase' 18291.627 1   2.7.13.3 ? ? ? 
2 non-polymer syn 'CALCIUM ION'      40.078    1   ?        ? ? ? 
3 water       nat water              18.015    222 ?        ? ? ? 
# 
_entity_poly.entity_id                      1 
_entity_poly.type                           'polypeptide(L)' 
_entity_poly.nstd_linkage                   no 
_entity_poly.nstd_monomer                   no 
_entity_poly.pdbx_seq_one_letter_code       
;MGSSHHHHHHSSGLVPAGSHMDAAPVAAGQEILLVEDNPVNQTVIEAMLRSLGYRVTLVADGIQAVRSAERQRYDAILMD
CRLPVLDGYSATREIRAQENGRRVPIIALTANALQGDRENCLQAGMNDYLAKPFKRAELQRILQRWIGSQPELPVTSNET
GRGEPE
;
_entity_poly.pdbx_seq_one_letter_code_can   
;MGSSHHHHHHSSGLVPAGSHMDAAPVAAGQEILLVEDNPVNQTVIEAMLRSLGYRVTLVADGIQAVRSAERQRYDAILMD
CRLPVLDGYSATREIRAQENGRRVPIIALTANALQGDRENCLQAGMNDYLAKPFKRAELQRILQRWIGSQPELPVTSNET
GRGEPE
;
_entity_poly.pdbx_strand_id                 A 
_entity_poly.pdbx_target_identifier         ? 
# 
loop_
_pdbx_entity_nonpoly.entity_id 
_pdbx_entity_nonpoly.name 
_pdbx_entity_nonpoly.comp_id 
2 'CALCIUM ION' CA  
3 water         HOH 
# 
loop_
_entity_poly_seq.entity_id 
_entity_poly_seq.num 
_entity_poly_seq.mon_id 
_entity_poly_seq.hetero 
1 1   MET n 
1 2   GLY n 
1 3   SER n 
1 4   SER n 
1 5   HIS n 
1 6   HIS n 
1 7   HIS n 
1 8   HIS n 
1 9   HIS n 
1 10  HIS n 
1 11  SER n 
1 12  SER n 
1 13  GLY n 
1 14  LEU n 
1 15  VAL n 
1 16  PRO n 
1 17  ALA n 
1 18  GLY n 
1 19  SER n 
1 20  HIS n 
1 21  MET n 
1 22  ASP n 
1 23  ALA n 
1 24  ALA n 
1 25  PRO n 
1 26  VAL n 
1 27  ALA n 
1 28  ALA n 
1 29  GLY n 
1 30  GLN n 
1 31  GLU n 
1 32  ILE n 
1 33  LEU n 
1 34  LEU n 
1 35  VAL n 
1 36  GLU n 
1 37  ASP n 
1 38  ASN n 
1 39  PRO n 
1 40  VAL n 
1 41  ASN n 
1 42  GLN n 
1 43  THR n 
1 44  VAL n 
1 45  ILE n 
1 46  GLU n 
1 47  ALA n 
1 48  MET n 
1 49  LEU n 
1 50  ARG n 
1 51  SER n 
1 52  LEU n 
1 53  GLY n 
1 54  TYR n 
1 55  ARG n 
1 56  VAL n 
1 57  THR n 
1 58  LEU n 
1 59  VAL n 
1 60  ALA n 
1 61  ASP n 
1 62  GLY n 
1 63  ILE n 
1 64  GLN n 
1 65  ALA n 
1 66  VAL n 
1 67  ARG n 
1 68  SER n 
1 69  ALA n 
1 70  GLU n 
1 71  ARG n 
1 72  GLN n 
1 73  ARG n 
1 74  TYR n 
1 75  ASP n 
1 76  ALA n 
1 77  ILE n 
1 78  LEU n 
1 79  MET n 
1 80  ASP n 
1 81  CYS n 
1 82  ARG n 
1 83  LEU n 
1 84  PRO n 
1 85  VAL n 
1 86  LEU n 
1 87  ASP n 
1 88  GLY n 
1 89  TYR n 
1 90  SER n 
1 91  ALA n 
1 92  THR n 
1 93  ARG n 
1 94  GLU n 
1 95  ILE n 
1 96  ARG n 
1 97  ALA n 
1 98  GLN n 
1 99  GLU n 
1 100 ASN n 
1 101 GLY n 
1 102 ARG n 
1 103 ARG n 
1 104 VAL n 
1 105 PRO n 
1 106 ILE n 
1 107 ILE n 
1 108 ALA n 
1 109 LEU n 
1 110 THR n 
1 111 ALA n 
1 112 ASN n 
1 113 ALA n 
1 114 LEU n 
1 115 GLN n 
1 116 GLY n 
1 117 ASP n 
1 118 ARG n 
1 119 GLU n 
1 120 ASN n 
1 121 CYS n 
1 122 LEU n 
1 123 GLN n 
1 124 ALA n 
1 125 GLY n 
1 126 MET n 
1 127 ASN n 
1 128 ASP n 
1 129 TYR n 
1 130 LEU n 
1 131 ALA n 
1 132 LYS n 
1 133 PRO n 
1 134 PHE n 
1 135 LYS n 
1 136 ARG n 
1 137 ALA n 
1 138 GLU n 
1 139 LEU n 
1 140 GLN n 
1 141 ARG n 
1 142 ILE n 
1 143 LEU n 
1 144 GLN n 
1 145 ARG n 
1 146 TRP n 
1 147 ILE n 
1 148 GLY n 
1 149 SER n 
1 150 GLN n 
1 151 PRO n 
1 152 GLU n 
1 153 LEU n 
1 154 PRO n 
1 155 VAL n 
1 156 THR n 
1 157 SER n 
1 158 ASN n 
1 159 GLU n 
1 160 THR n 
1 161 GLY n 
1 162 ARG n 
1 163 GLY n 
1 164 GLU n 
1 165 PRO n 
1 166 GLU n 
# 
_entity_src_gen.entity_id                          1 
_entity_src_gen.pdbx_src_id                        1 
_entity_src_gen.pdbx_alt_source_flag               sample 
_entity_src_gen.pdbx_seq_type                      'Biological sequence' 
_entity_src_gen.pdbx_beg_seq_num                   1 
_entity_src_gen.pdbx_end_seq_num                   166 
_entity_src_gen.gene_src_common_name               ? 
_entity_src_gen.gene_src_genus                     ? 
_entity_src_gen.pdbx_gene_src_gene                 'barA_6, NCTC11839_05765' 
_entity_src_gen.gene_src_species                   ? 
_entity_src_gen.gene_src_strain                    ? 
_entity_src_gen.gene_src_tissue                    ? 
_entity_src_gen.gene_src_tissue_fraction           ? 
_entity_src_gen.gene_src_details                   ? 
_entity_src_gen.pdbx_gene_src_fragment             ? 
_entity_src_gen.pdbx_gene_src_scientific_name      'Pseudomonas aeruginosa' 
_entity_src_gen.pdbx_gene_src_ncbi_taxonomy_id     287 
_entity_src_gen.pdbx_gene_src_variant              ? 
_entity_src_gen.pdbx_gene_src_cell_line            ? 
_entity_src_gen.pdbx_gene_src_atcc                 ? 
_entity_src_gen.pdbx_gene_src_organ                ? 
_entity_src_gen.pdbx_gene_src_organelle            ? 
_entity_src_gen.pdbx_gene_src_cell                 ? 
_entity_src_gen.pdbx_gene_src_cellular_location    ? 
_entity_src_gen.host_org_common_name               ? 
_entity_src_gen.pdbx_host_org_scientific_name      'Escherichia coli' 
_entity_src_gen.pdbx_host_org_ncbi_taxonomy_id     562 
_entity_src_gen.host_org_genus                     ? 
_entity_src_gen.pdbx_host_org_gene                 ? 
_entity_src_gen.pdbx_host_org_organ                ? 
_entity_src_gen.host_org_species                   ? 
_entity_src_gen.pdbx_host_org_tissue               ? 
_entity_src_gen.pdbx_host_org_tissue_fraction      ? 
_entity_src_gen.pdbx_host_org_strain               ? 
_entity_src_gen.pdbx_host_org_variant              ? 
_entity_src_gen.pdbx_host_org_cell_line            ? 
_entity_src_gen.pdbx_host_org_atcc                 ? 
_entity_src_gen.pdbx_host_org_culture_collection   ? 
_entity_src_gen.pdbx_host_org_cell                 ? 
_entity_src_gen.pdbx_host_org_organelle            ? 
_entity_src_gen.pdbx_host_org_cellular_location    ? 
_entity_src_gen.pdbx_host_org_vector_type          ? 
_entity_src_gen.pdbx_host_org_vector               ? 
_entity_src_gen.host_org_details                   ? 
_entity_src_gen.expression_system_id               ? 
_entity_src_gen.plasmid_name                       ? 
_entity_src_gen.plasmid_details                    ? 
_entity_src_gen.pdbx_description                   ? 
# 
loop_
_chem_comp.id 
_chem_comp.type 
_chem_comp.mon_nstd_flag 
_chem_comp.name 
_chem_comp.pdbx_synonyms 
_chem_comp.formula 
_chem_comp.formula_weight 
ALA 'L-peptide linking' y ALANINE         ? 'C3 H7 N O2'     89.093  
ARG 'L-peptide linking' y ARGININE        ? 'C6 H15 N4 O2 1' 175.209 
ASN 'L-peptide linking' y ASPARAGINE      ? 'C4 H8 N2 O3'    132.118 
ASP 'L-peptide linking' y 'ASPARTIC ACID' ? 'C4 H7 N O4'     133.103 
CA  non-polymer         . 'CALCIUM ION'   ? 'Ca 2'           40.078  
CYS 'L-peptide linking' y CYSTEINE        ? 'C3 H7 N O2 S'   121.158 
GLN 'L-peptide linking' y GLUTAMINE       ? 'C5 H10 N2 O3'   146.144 
GLU 'L-peptide linking' y 'GLUTAMIC ACID' ? 'C5 H9 N O4'     147.129 
GLY 'peptide linking'   y GLYCINE         ? 'C2 H5 N O2'     75.067  
HIS 'L-peptide linking' y HISTIDINE       ? 'C6 H10 N3 O2 1' 156.162 
HOH non-polymer         . WATER           ? 'H2 O'           18.015  
ILE 'L-peptide linking' y ISOLEUCINE      ? 'C6 H13 N O2'    131.173 
LEU 'L-peptide linking' y LEUCINE         ? 'C6 H13 N O2'    131.173 
LYS 'L-peptide linking' y LYSINE          ? 'C6 H15 N2 O2 1' 147.195 
MET 'L-peptide linking' y METHIONINE      ? 'C5 H11 N O2 S'  149.211 
PHE 'L-peptide linking' y PHENYLALANINE   ? 'C9 H11 N O2'    165.189 
PRO 'L-peptide linking' y PROLINE         ? 'C5 H9 N O2'     115.130 
SER 'L-peptide linking' y SERINE          ? 'C3 H7 N O3'     105.093 
THR 'L-peptide linking' y THREONINE       ? 'C4 H9 N O3'     119.119 
TRP 'L-peptide linking' y TRYPTOPHAN      ? 'C11 H12 N2 O2'  204.225 
TYR 'L-peptide linking' y TYROSINE        ? 'C9 H11 N O3'    181.189 
VAL 'L-peptide linking' y VALINE          ? 'C5 H11 N O2'    117.146 
# 
loop_
_pdbx_poly_seq_scheme.asym_id 
_pdbx_poly_seq_scheme.entity_id 
_pdbx_poly_seq_scheme.seq_id 
_pdbx_poly_seq_scheme.mon_id 
_pdbx_poly_seq_scheme.ndb_seq_num 
_pdbx_poly_seq_scheme.pdb_seq_num 
_pdbx_poly_seq_scheme.auth_seq_num 
_pdbx_poly_seq_scheme.pdb_mon_id 
_pdbx_poly_seq_scheme.auth_mon_id 
_pdbx_poly_seq_scheme.pdb_strand_id 
_pdbx_poly_seq_scheme.pdb_ins_code 
_pdbx_poly_seq_scheme.hetero 
A 1 1   MET 1   486 ?   ?   ?   A . n 
A 1 2   GLY 2   487 ?   ?   ?   A . n 
A 1 3   SER 3   488 ?   ?   ?   A . n 
A 1 4   SER 4   489 ?   ?   ?   A . n 
A 1 5   HIS 5   490 ?   ?   ?   A . n 
A 1 6   HIS 6   491 ?   ?   ?   A . n 
A 1 7   HIS 7   492 ?   ?   ?   A . n 
A 1 8   HIS 8   493 ?   ?   ?   A . n 
A 1 9   HIS 9   494 ?   ?   ?   A . n 
A 1 10  HIS 10  495 ?   ?   ?   A . n 
A 1 11  SER 11  496 ?   ?   ?   A . n 
A 1 12  SER 12  497 ?   ?   ?   A . n 
A 1 13  GLY 13  498 ?   ?   ?   A . n 
A 1 14  LEU 14  499 ?   ?   ?   A . n 
A 1 15  VAL 15  500 ?   ?   ?   A . n 
A 1 16  PRO 16  501 ?   ?   ?   A . n 
A 1 17  ALA 17  502 ?   ?   ?   A . n 
A 1 18  GLY 18  503 ?   ?   ?   A . n 
A 1 19  SER 19  504 ?   ?   ?   A . n 
A 1 20  HIS 20  505 ?   ?   ?   A . n 
A 1 21  MET 21  506 ?   ?   ?   A . n 
A 1 22  ASP 22  507 ?   ?   ?   A . n 
A 1 23  ALA 23  508 ?   ?   ?   A . n 
A 1 24  ALA 24  509 ?   ?   ?   A . n 
A 1 25  PRO 25  510 ?   ?   ?   A . n 
A 1 26  VAL 26  511 ?   ?   ?   A . n 
A 1 27  ALA 27  512 ?   ?   ?   A . n 
A 1 28  ALA 28  513 513 ALA ALA A . n 
A 1 29  GLY 29  514 514 GLY GLY A . n 
A 1 30  GLN 30  515 515 GLN GLN A . n 
A 1 31  GLU 31  516 516 GLU GLU A . n 
A 1 32  ILE 32  517 517 ILE ILE A . n 
A 1 33  LEU 33  518 518 LEU LEU A . n 
A 1 34  LEU 34  519 519 LEU LEU A . n 
A 1 35  VAL 35  520 520 VAL VAL A . n 
A 1 36  GLU 36  521 521 GLU GLU A . n 
A 1 37  ASP 37  522 522 ASP ASP A . n 
A 1 38  ASN 38  523 523 ASN ASN A . n 
A 1 39  PRO 39  524 524 PRO PRO A . n 
A 1 40  VAL 40  525 525 VAL VAL A . n 
A 1 41  ASN 41  526 526 ASN ASN A . n 
A 1 42  GLN 42  527 527 GLN GLN A . n 
A 1 43  THR 43  528 528 THR THR A . n 
A 1 44  VAL 44  529 529 VAL VAL A . n 
A 1 45  ILE 45  530 530 ILE ILE A . n 
A 1 46  GLU 46  531 531 GLU GLU A . n 
A 1 47  ALA 47  532 532 ALA ALA A . n 
A 1 48  MET 48  533 533 MET MET A . n 
A 1 49  LEU 49  534 534 LEU LEU A . n 
A 1 50  ARG 50  535 535 ARG ARG A . n 
A 1 51  SER 51  536 536 SER SER A . n 
A 1 52  LEU 52  537 537 LEU LEU A . n 
A 1 53  GLY 53  538 538 GLY GLY A . n 
A 1 54  TYR 54  539 539 TYR TYR A . n 
A 1 55  ARG 55  540 540 ARG ARG A . n 
A 1 56  VAL 56  541 541 VAL VAL A . n 
A 1 57  THR 57  542 542 THR THR A . n 
A 1 58  LEU 58  543 543 LEU LEU A . n 
A 1 59  VAL 59  544 544 VAL VAL A . n 
A 1 60  ALA 60  545 545 ALA ALA A . n 
A 1 61  ASP 61  546 546 ASP ASP A . n 
A 1 62  GLY 62  547 547 GLY GLY A . n 
A 1 63  ILE 63  548 548 ILE ILE A . n 
A 1 64  GLN 64  549 549 GLN GLN A . n 
A 1 65  ALA 65  550 550 ALA ALA A . n 
A 1 66  VAL 66  551 551 VAL VAL A . n 
A 1 67  ARG 67  552 552 ARG ARG A . n 
A 1 68  SER 68  553 553 SER SER A . n 
A 1 69  ALA 69  554 554 ALA ALA A . n 
A 1 70  GLU 70  555 555 GLU GLU A . n 
A 1 71  ARG 71  556 556 ARG ARG A . n 
A 1 72  GLN 72  557 557 GLN GLN A . n 
A 1 73  ARG 73  558 558 ARG ARG A . n 
A 1 74  TYR 74  559 559 TYR TYR A . n 
A 1 75  ASP 75  560 560 ASP ASP A . n 
A 1 76  ALA 76  561 561 ALA ALA A . n 
A 1 77  ILE 77  562 562 ILE ILE A . n 
A 1 78  LEU 78  563 563 LEU LEU A . n 
A 1 79  MET 79  564 564 MET MET A . n 
A 1 80  ASP 80  565 565 ASP ASP A . n 
A 1 81  CYS 81  566 566 CYS CYS A . n 
A 1 82  ARG 82  567 567 ARG ARG A . n 
A 1 83  LEU 83  568 568 LEU LEU A . n 
A 1 84  PRO 84  569 569 PRO PRO A . n 
A 1 85  VAL 85  570 570 VAL VAL A . n 
A 1 86  LEU 86  571 571 LEU LEU A . n 
A 1 87  ASP 87  572 572 ASP ASP A . n 
A 1 88  GLY 88  573 573 GLY GLY A . n 
A 1 89  TYR 89  574 574 TYR TYR A . n 
A 1 90  SER 90  575 575 SER SER A . n 
A 1 91  ALA 91  576 576 ALA ALA A . n 
A 1 92  THR 92  577 577 THR THR A . n 
A 1 93  ARG 93  578 578 ARG ARG A . n 
A 1 94  GLU 94  579 579 GLU GLU A . n 
A 1 95  ILE 95  580 580 ILE ILE A . n 
A 1 96  ARG 96  581 581 ARG ARG A . n 
A 1 97  ALA 97  582 582 ALA ALA A . n 
A 1 98  GLN 98  583 583 GLN GLN A . n 
A 1 99  GLU 99  584 584 GLU GLU A . n 
A 1 100 ASN 100 585 585 ASN ASN A . n 
A 1 101 GLY 101 586 586 GLY GLY A . n 
A 1 102 ARG 102 587 587 ARG ARG A . n 
A 1 103 ARG 103 588 588 ARG ARG A . n 
A 1 104 VAL 104 589 589 VAL VAL A . n 
A 1 105 PRO 105 590 590 PRO PRO A . n 
A 1 106 ILE 106 591 591 ILE ILE A . n 
A 1 107 ILE 107 592 592 ILE ILE A . n 
A 1 108 ALA 108 593 593 ALA ALA A . n 
A 1 109 LEU 109 594 594 LEU LEU A . n 
A 1 110 THR 110 595 595 THR THR A . n 
A 1 111 ALA 111 596 596 ALA ALA A . n 
A 1 112 ASN 112 597 597 ASN ASN A . n 
A 1 113 ALA 113 598 598 ALA ALA A . n 
A 1 114 LEU 114 599 599 LEU LEU A . n 
A 1 115 GLN 115 600 600 GLN GLN A . n 
A 1 116 GLY 116 601 601 GLY GLY A . n 
A 1 117 ASP 117 602 602 ASP ASP A . n 
A 1 118 ARG 118 603 603 ARG ARG A . n 
A 1 119 GLU 119 604 604 GLU GLU A . n 
A 1 120 ASN 120 605 605 ASN ASN A . n 
A 1 121 CYS 121 606 606 CYS CYS A . n 
A 1 122 LEU 122 607 607 LEU LEU A . n 
A 1 123 GLN 123 608 608 GLN GLN A . n 
A 1 124 ALA 124 609 609 ALA ALA A . n 
A 1 125 GLY 125 610 610 GLY GLY A . n 
A 1 126 MET 126 611 611 MET MET A . n 
A 1 127 ASN 127 612 612 ASN ASN A . n 
A 1 128 ASP 128 613 613 ASP ASP A . n 
A 1 129 TYR 129 614 614 TYR TYR A . n 
A 1 130 LEU 130 615 615 LEU LEU A . n 
A 1 131 ALA 131 616 616 ALA ALA A . n 
A 1 132 LYS 132 617 617 LYS LYS A . n 
A 1 133 PRO 133 618 618 PRO PRO A . n 
A 1 134 PHE 134 619 619 PHE PHE A . n 
A 1 135 LYS 135 620 620 LYS LYS A . n 
A 1 136 ARG 136 621 621 ARG ARG A . n 
A 1 137 ALA 137 622 622 ALA ALA A . n 
A 1 138 GLU 138 623 623 GLU GLU A . n 
A 1 139 LEU 139 624 624 LEU LEU A . n 
A 1 140 GLN 140 625 625 GLN GLN A . n 
A 1 141 ARG 141 626 626 ARG ARG A . n 
A 1 142 ILE 142 627 627 ILE ILE A . n 
A 1 143 LEU 143 628 628 LEU LEU A . n 
A 1 144 GLN 144 629 629 GLN GLN A . n 
A 1 145 ARG 145 630 630 ARG ARG A . n 
A 1 146 TRP 146 631 631 TRP TRP A . n 
A 1 147 ILE 147 632 632 ILE ILE A . n 
A 1 148 GLY 148 633 633 GLY GLY A . n 
A 1 149 SER 149 634 634 SER SER A . n 
A 1 150 GLN 150 635 635 GLN GLN A . n 
A 1 151 PRO 151 636 ?   ?   ?   A . n 
A 1 152 GLU 152 637 ?   ?   ?   A . n 
A 1 153 LEU 153 638 ?   ?   ?   A . n 
A 1 154 PRO 154 639 ?   ?   ?   A . n 
A 1 155 VAL 155 640 ?   ?   ?   A . n 
A 1 156 THR 156 641 ?   ?   ?   A . n 
A 1 157 SER 157 642 ?   ?   ?   A . n 
A 1 158 ASN 158 643 ?   ?   ?   A . n 
A 1 159 GLU 159 644 ?   ?   ?   A . n 
A 1 160 THR 160 645 ?   ?   ?   A . n 
A 1 161 GLY 161 646 ?   ?   ?   A . n 
A 1 162 ARG 162 647 ?   ?   ?   A . n 
A 1 163 GLY 163 648 ?   ?   ?   A . n 
A 1 164 GLU 164 649 ?   ?   ?   A . n 
A 1 165 PRO 165 650 ?   ?   ?   A . n 
A 1 166 GLU 166 651 ?   ?   ?   A . n 
# 
_pdbx_entity_instance_feature.ordinal        1 
_pdbx_entity_instance_feature.comp_id        CA 
_pdbx_entity_instance_feature.asym_id        ? 
_pdbx_entity_instance_feature.seq_num        ? 
_pdbx_entity_instance_feature.auth_comp_id   CA 
_pdbx_entity_instance_feature.auth_asym_id   ? 
_pdbx_entity_instance_feature.auth_seq_num   ? 
_pdbx_entity_instance_feature.feature_type   'SUBJECT OF INVESTIGATION' 
_pdbx_entity_instance_feature.details        ? 
# 
loop_
_pdbx_nonpoly_scheme.asym_id 
_pdbx_nonpoly_scheme.entity_id 
_pdbx_nonpoly_scheme.mon_id 
_pdbx_nonpoly_scheme.ndb_seq_num 
_pdbx_nonpoly_scheme.pdb_seq_num 
_pdbx_nonpoly_scheme.auth_seq_num 
_pdbx_nonpoly_scheme.pdb_mon_id 
_pdbx_nonpoly_scheme.auth_mon_id 
_pdbx_nonpoly_scheme.pdb_strand_id 
_pdbx_nonpoly_scheme.pdb_ins_code 
B 2 CA  1   701  1   CA  CA  A . 
C 3 HOH 1   801  222 HOH HOH A . 
C 3 HOH 2   802  153 HOH HOH A . 
C 3 HOH 3   803  161 HOH HOH A . 
C 3 HOH 4   804  130 HOH HOH A . 
C 3 HOH 5   805  75  HOH HOH A . 
C 3 HOH 6   806  84  HOH HOH A . 
C 3 HOH 7   807  7   HOH HOH A . 
C 3 HOH 8   808  1   HOH HOH A . 
C 3 HOH 9   809  145 HOH HOH A . 
C 3 HOH 10  810  221 HOH HOH A . 
C 3 HOH 11  811  59  HOH HOH A . 
C 3 HOH 12  812  111 HOH HOH A . 
C 3 HOH 13  813  119 HOH HOH A . 
C 3 HOH 14  814  185 HOH HOH A . 
C 3 HOH 15  815  136 HOH HOH A . 
C 3 HOH 16  816  187 HOH HOH A . 
C 3 HOH 17  817  186 HOH HOH A . 
C 3 HOH 18  818  64  HOH HOH A . 
C 3 HOH 19  819  9   HOH HOH A . 
C 3 HOH 20  820  121 HOH HOH A . 
C 3 HOH 21  821  56  HOH HOH A . 
C 3 HOH 22  822  31  HOH HOH A . 
C 3 HOH 23  823  203 HOH HOH A . 
C 3 HOH 24  824  70  HOH HOH A . 
C 3 HOH 25  825  40  HOH HOH A . 
C 3 HOH 26  826  47  HOH HOH A . 
C 3 HOH 27  827  210 HOH HOH A . 
C 3 HOH 28  828  214 HOH HOH A . 
C 3 HOH 29  829  143 HOH HOH A . 
C 3 HOH 30  830  54  HOH HOH A . 
C 3 HOH 31  831  90  HOH HOH A . 
C 3 HOH 32  832  2   HOH HOH A . 
C 3 HOH 33  833  10  HOH HOH A . 
C 3 HOH 34  834  131 HOH HOH A . 
C 3 HOH 35  835  142 HOH HOH A . 
C 3 HOH 36  836  149 HOH HOH A . 
C 3 HOH 37  837  117 HOH HOH A . 
C 3 HOH 38  838  21  HOH HOH A . 
C 3 HOH 39  839  86  HOH HOH A . 
C 3 HOH 40  840  134 HOH HOH A . 
C 3 HOH 41  841  211 HOH HOH A . 
C 3 HOH 42  842  49  HOH HOH A . 
C 3 HOH 43  843  216 HOH HOH A . 
C 3 HOH 44  844  144 HOH HOH A . 
C 3 HOH 45  845  183 HOH HOH A . 
C 3 HOH 46  846  28  HOH HOH A . 
C 3 HOH 47  847  35  HOH HOH A . 
C 3 HOH 48  848  79  HOH HOH A . 
C 3 HOH 49  849  182 HOH HOH A . 
C 3 HOH 50  850  48  HOH HOH A . 
C 3 HOH 51  851  108 HOH HOH A . 
C 3 HOH 52  852  209 HOH HOH A . 
C 3 HOH 53  853  126 HOH HOH A . 
C 3 HOH 54  854  103 HOH HOH A . 
C 3 HOH 55  855  193 HOH HOH A . 
C 3 HOH 56  856  74  HOH HOH A . 
C 3 HOH 57  857  77  HOH HOH A . 
C 3 HOH 58  858  68  HOH HOH A . 
C 3 HOH 59  859  8   HOH HOH A . 
C 3 HOH 60  860  120 HOH HOH A . 
C 3 HOH 61  861  165 HOH HOH A . 
C 3 HOH 62  862  140 HOH HOH A . 
C 3 HOH 63  863  11  HOH HOH A . 
C 3 HOH 64  864  133 HOH HOH A . 
C 3 HOH 65  865  18  HOH HOH A . 
C 3 HOH 66  866  17  HOH HOH A . 
C 3 HOH 67  867  112 HOH HOH A . 
C 3 HOH 68  868  96  HOH HOH A . 
C 3 HOH 69  869  69  HOH HOH A . 
C 3 HOH 70  870  125 HOH HOH A . 
C 3 HOH 71  871  81  HOH HOH A . 
C 3 HOH 72  872  53  HOH HOH A . 
C 3 HOH 73  873  51  HOH HOH A . 
C 3 HOH 74  874  208 HOH HOH A . 
C 3 HOH 75  875  57  HOH HOH A . 
C 3 HOH 76  876  4   HOH HOH A . 
C 3 HOH 77  877  27  HOH HOH A . 
C 3 HOH 78  878  155 HOH HOH A . 
C 3 HOH 79  879  204 HOH HOH A . 
C 3 HOH 80  880  190 HOH HOH A . 
C 3 HOH 81  881  58  HOH HOH A . 
C 3 HOH 82  882  123 HOH HOH A . 
C 3 HOH 83  883  122 HOH HOH A . 
C 3 HOH 84  884  73  HOH HOH A . 
C 3 HOH 85  885  19  HOH HOH A . 
C 3 HOH 86  886  38  HOH HOH A . 
C 3 HOH 87  887  105 HOH HOH A . 
C 3 HOH 88  888  16  HOH HOH A . 
C 3 HOH 89  889  33  HOH HOH A . 
C 3 HOH 90  890  159 HOH HOH A . 
C 3 HOH 91  891  42  HOH HOH A . 
C 3 HOH 92  892  152 HOH HOH A . 
C 3 HOH 93  893  65  HOH HOH A . 
C 3 HOH 94  894  91  HOH HOH A . 
C 3 HOH 95  895  207 HOH HOH A . 
C 3 HOH 96  896  89  HOH HOH A . 
C 3 HOH 97  897  196 HOH HOH A . 
C 3 HOH 98  898  85  HOH HOH A . 
C 3 HOH 99  899  30  HOH HOH A . 
C 3 HOH 100 900  20  HOH HOH A . 
C 3 HOH 101 901  12  HOH HOH A . 
C 3 HOH 102 902  55  HOH HOH A . 
C 3 HOH 103 903  41  HOH HOH A . 
C 3 HOH 104 904  88  HOH HOH A . 
C 3 HOH 105 905  46  HOH HOH A . 
C 3 HOH 106 906  36  HOH HOH A . 
C 3 HOH 107 907  212 HOH HOH A . 
C 3 HOH 108 908  98  HOH HOH A . 
C 3 HOH 109 909  43  HOH HOH A . 
C 3 HOH 110 910  3   HOH HOH A . 
C 3 HOH 111 911  26  HOH HOH A . 
C 3 HOH 112 912  124 HOH HOH A . 
C 3 HOH 113 913  110 HOH HOH A . 
C 3 HOH 114 914  34  HOH HOH A . 
C 3 HOH 115 915  23  HOH HOH A . 
C 3 HOH 116 916  39  HOH HOH A . 
C 3 HOH 117 917  141 HOH HOH A . 
C 3 HOH 118 918  22  HOH HOH A . 
C 3 HOH 119 919  188 HOH HOH A . 
C 3 HOH 120 920  50  HOH HOH A . 
C 3 HOH 121 921  24  HOH HOH A . 
C 3 HOH 122 922  82  HOH HOH A . 
C 3 HOH 123 923  45  HOH HOH A . 
C 3 HOH 124 924  129 HOH HOH A . 
C 3 HOH 125 925  146 HOH HOH A . 
C 3 HOH 126 926  101 HOH HOH A . 
C 3 HOH 127 927  116 HOH HOH A . 
C 3 HOH 128 928  60  HOH HOH A . 
C 3 HOH 129 929  127 HOH HOH A . 
C 3 HOH 130 930  166 HOH HOH A . 
C 3 HOH 131 931  206 HOH HOH A . 
C 3 HOH 132 932  13  HOH HOH A . 
C 3 HOH 133 933  25  HOH HOH A . 
C 3 HOH 134 934  192 HOH HOH A . 
C 3 HOH 135 935  107 HOH HOH A . 
C 3 HOH 136 936  44  HOH HOH A . 
C 3 HOH 137 937  63  HOH HOH A . 
C 3 HOH 138 938  106 HOH HOH A . 
C 3 HOH 139 939  132 HOH HOH A . 
C 3 HOH 140 940  164 HOH HOH A . 
C 3 HOH 141 941  6   HOH HOH A . 
C 3 HOH 142 942  137 HOH HOH A . 
C 3 HOH 143 943  184 HOH HOH A . 
C 3 HOH 144 944  147 HOH HOH A . 
C 3 HOH 145 945  100 HOH HOH A . 
C 3 HOH 146 946  95  HOH HOH A . 
C 3 HOH 147 947  32  HOH HOH A . 
C 3 HOH 148 948  113 HOH HOH A . 
C 3 HOH 149 949  139 HOH HOH A . 
C 3 HOH 150 950  5   HOH HOH A . 
C 3 HOH 151 951  97  HOH HOH A . 
C 3 HOH 152 952  194 HOH HOH A . 
C 3 HOH 153 953  128 HOH HOH A . 
C 3 HOH 154 954  76  HOH HOH A . 
C 3 HOH 155 955  114 HOH HOH A . 
C 3 HOH 156 956  154 HOH HOH A . 
C 3 HOH 157 957  109 HOH HOH A . 
C 3 HOH 158 958  29  HOH HOH A . 
C 3 HOH 159 959  199 HOH HOH A . 
C 3 HOH 160 960  61  HOH HOH A . 
C 3 HOH 161 961  171 HOH HOH A . 
C 3 HOH 162 962  217 HOH HOH A . 
C 3 HOH 163 963  15  HOH HOH A . 
C 3 HOH 164 964  176 HOH HOH A . 
C 3 HOH 165 965  173 HOH HOH A . 
C 3 HOH 166 966  195 HOH HOH A . 
C 3 HOH 167 967  71  HOH HOH A . 
C 3 HOH 168 968  14  HOH HOH A . 
C 3 HOH 169 969  37  HOH HOH A . 
C 3 HOH 170 970  67  HOH HOH A . 
C 3 HOH 171 971  94  HOH HOH A . 
C 3 HOH 172 972  135 HOH HOH A . 
C 3 HOH 173 973  83  HOH HOH A . 
C 3 HOH 174 974  175 HOH HOH A . 
C 3 HOH 175 975  219 HOH HOH A . 
C 3 HOH 176 976  191 HOH HOH A . 
C 3 HOH 177 977  202 HOH HOH A . 
C 3 HOH 178 978  138 HOH HOH A . 
C 3 HOH 179 979  104 HOH HOH A . 
C 3 HOH 180 980  93  HOH HOH A . 
C 3 HOH 181 981  158 HOH HOH A . 
C 3 HOH 182 982  172 HOH HOH A . 
C 3 HOH 183 983  215 HOH HOH A . 
C 3 HOH 184 984  102 HOH HOH A . 
C 3 HOH 185 985  151 HOH HOH A . 
C 3 HOH 186 986  148 HOH HOH A . 
C 3 HOH 187 987  52  HOH HOH A . 
C 3 HOH 188 988  92  HOH HOH A . 
C 3 HOH 189 989  160 HOH HOH A . 
C 3 HOH 190 990  205 HOH HOH A . 
C 3 HOH 191 991  189 HOH HOH A . 
C 3 HOH 192 992  80  HOH HOH A . 
C 3 HOH 193 993  157 HOH HOH A . 
C 3 HOH 194 994  99  HOH HOH A . 
C 3 HOH 195 995  118 HOH HOH A . 
C 3 HOH 196 996  167 HOH HOH A . 
C 3 HOH 197 997  213 HOH HOH A . 
C 3 HOH 198 998  150 HOH HOH A . 
C 3 HOH 199 999  170 HOH HOH A . 
C 3 HOH 200 1000 177 HOH HOH A . 
C 3 HOH 201 1001 168 HOH HOH A . 
C 3 HOH 202 1002 72  HOH HOH A . 
C 3 HOH 203 1003 180 HOH HOH A . 
C 3 HOH 204 1004 162 HOH HOH A . 
C 3 HOH 205 1005 220 HOH HOH A . 
C 3 HOH 206 1006 163 HOH HOH A . 
C 3 HOH 207 1007 169 HOH HOH A . 
C 3 HOH 208 1008 78  HOH HOH A . 
C 3 HOH 209 1009 87  HOH HOH A . 
C 3 HOH 210 1010 66  HOH HOH A . 
C 3 HOH 211 1011 156 HOH HOH A . 
C 3 HOH 212 1012 178 HOH HOH A . 
C 3 HOH 213 1013 200 HOH HOH A . 
C 3 HOH 214 1014 62  HOH HOH A . 
C 3 HOH 215 1015 174 HOH HOH A . 
C 3 HOH 216 1016 115 HOH HOH A . 
C 3 HOH 217 1017 201 HOH HOH A . 
C 3 HOH 218 1018 218 HOH HOH A . 
C 3 HOH 219 1019 197 HOH HOH A . 
C 3 HOH 220 1020 181 HOH HOH A . 
C 3 HOH 221 1021 198 HOH HOH A . 
C 3 HOH 222 1022 179 HOH HOH A . 
# 
loop_
_software.citation_id 
_software.classification 
_software.compiler_name 
_software.compiler_version 
_software.contact_author 
_software.contact_author_email 
_software.date 
_software.description 
_software.dependencies 
_software.hardware 
_software.language 
_software.location 
_software.mods 
_software.name 
_software.os 
_software.os_version 
_software.type 
_software.version 
_software.pdbx_ordinal 
? refinement       ? ? ? ? ? ? ? ? ? ? ? REFMAC   ? ? ? 5.8.0258 1 
? 'data reduction' ? ? ? ? ? ? ? ? ? ? ? HKL-2000 ? ? ? .        2 
? 'data scaling'   ? ? ? ? ? ? ? ? ? ? ? HKL-2000 ? ? ? .        3 
? phasing          ? ? ? ? ? ? ? ? ? ? ? MOLREP   ? ? ? .        4 
# 
_cell.angle_alpha                  90.00 
_cell.angle_alpha_esd              ? 
_cell.angle_beta                   90.00 
_cell.angle_beta_esd               ? 
_cell.angle_gamma                  120.00 
_cell.angle_gamma_esd              ? 
_cell.entry_id                     7CFW 
_cell.details                      ? 
_cell.formula_units_Z              ? 
_cell.length_a                     55.065 
_cell.length_a_esd                 ? 
_cell.length_b                     55.065 
_cell.length_b_esd                 ? 
_cell.length_c                     68.957 
_cell.length_c_esd                 ? 
_cell.volume                       ? 
_cell.volume_esd                   ? 
_cell.Z_PDB                        6 
_cell.reciprocal_angle_alpha       ? 
_cell.reciprocal_angle_beta        ? 
_cell.reciprocal_angle_gamma       ? 
_cell.reciprocal_angle_alpha_esd   ? 
_cell.reciprocal_angle_beta_esd    ? 
_cell.reciprocal_angle_gamma_esd   ? 
_cell.reciprocal_length_a          ? 
_cell.reciprocal_length_b          ? 
_cell.reciprocal_length_c          ? 
_cell.reciprocal_length_a_esd      ? 
_cell.reciprocal_length_b_esd      ? 
_cell.reciprocal_length_c_esd      ? 
_cell.pdbx_unique_axis             ? 
# 
_symmetry.entry_id                         7CFW 
_symmetry.cell_setting                     ? 
_symmetry.Int_Tables_number                152 
_symmetry.space_group_name_Hall            ? 
_symmetry.space_group_name_H-M             'P 31 2 1' 
_symmetry.pdbx_full_space_group_name_H-M   ? 
# 
_exptl.absorpt_coefficient_mu     ? 
_exptl.absorpt_correction_T_max   ? 
_exptl.absorpt_correction_T_min   ? 
_exptl.absorpt_correction_type    ? 
_exptl.absorpt_process_details    ? 
_exptl.entry_id                   7CFW 
_exptl.crystals_number            1 
_exptl.details                    ? 
_exptl.method                     'X-RAY DIFFRACTION' 
_exptl.method_details             ? 
# 
_exptl_crystal.colour                      ? 
_exptl_crystal.density_diffrn              ? 
_exptl_crystal.density_Matthews            1.65 
_exptl_crystal.density_method              ? 
_exptl_crystal.density_percent_sol         25.45 
_exptl_crystal.description                 ? 
_exptl_crystal.F_000                       ? 
_exptl_crystal.id                          1 
_exptl_crystal.preparation                 ? 
_exptl_crystal.size_max                    ? 
_exptl_crystal.size_mid                    ? 
_exptl_crystal.size_min                    ? 
_exptl_crystal.size_rad                    ? 
_exptl_crystal.colour_lustre               ? 
_exptl_crystal.colour_modifier             ? 
_exptl_crystal.colour_primary              ? 
_exptl_crystal.density_meas                ? 
_exptl_crystal.density_meas_esd            ? 
_exptl_crystal.density_meas_gt             ? 
_exptl_crystal.density_meas_lt             ? 
_exptl_crystal.density_meas_temp           ? 
_exptl_crystal.density_meas_temp_esd       ? 
_exptl_crystal.density_meas_temp_gt        ? 
_exptl_crystal.density_meas_temp_lt        ? 
_exptl_crystal.pdbx_crystal_image_url      ? 
_exptl_crystal.pdbx_crystal_image_format   ? 
_exptl_crystal.pdbx_mosaicity              ? 
_exptl_crystal.pdbx_mosaicity_esd          ? 
# 
_exptl_crystal_grow.apparatus       ? 
_exptl_crystal_grow.atmosphere      ? 
_exptl_crystal_grow.crystal_id      1 
_exptl_crystal_grow.details         ? 
_exptl_crystal_grow.method          'VAPOR DIFFUSION, HANGING DROP' 
_exptl_crystal_grow.method_ref      ? 
_exptl_crystal_grow.pH              ? 
_exptl_crystal_grow.pressure        ? 
_exptl_crystal_grow.pressure_esd    ? 
_exptl_crystal_grow.seeding         ? 
_exptl_crystal_grow.seeding_ref     ? 
_exptl_crystal_grow.temp            291 
_exptl_crystal_grow.temp_details    ? 
_exptl_crystal_grow.temp_esd        ? 
_exptl_crystal_grow.time            ? 
_exptl_crystal_grow.pdbx_details    'PEG 8000, Ca(OAc)2, Imidazole-HCl' 
_exptl_crystal_grow.pdbx_pH_range   ? 
# 
_diffrn.ambient_environment              ? 
_diffrn.ambient_temp                     110 
_diffrn.ambient_temp_details             ? 
_diffrn.ambient_temp_esd                 ? 
_diffrn.crystal_id                       1 
_diffrn.crystal_support                  ? 
_diffrn.crystal_treatment                ? 
_diffrn.details                          ? 
_diffrn.id                               1 
_diffrn.ambient_pressure                 ? 
_diffrn.ambient_pressure_esd             ? 
_diffrn.ambient_pressure_gt              ? 
_diffrn.ambient_pressure_lt              ? 
_diffrn.ambient_temp_gt                  ? 
_diffrn.ambient_temp_lt                  ? 
_diffrn.pdbx_serial_crystal_experiment   N 
# 
_diffrn_detector.details                      ? 
_diffrn_detector.detector                     CCD 
_diffrn_detector.diffrn_id                    1 
_diffrn_detector.type                         'RAYONIX MX300HE' 
_diffrn_detector.area_resol_mean              ? 
_diffrn_detector.dtime                        ? 
_diffrn_detector.pdbx_frames_total            ? 
_diffrn_detector.pdbx_collection_time_total   ? 
_diffrn_detector.pdbx_collection_date         2017-05-25 
_diffrn_detector.pdbx_frequency               ? 
# 
_diffrn_radiation.collimation                      ? 
_diffrn_radiation.diffrn_id                        1 
_diffrn_radiation.filter_edge                      ? 
_diffrn_radiation.inhomogeneity                    ? 
_diffrn_radiation.monochromator                    ? 
_diffrn_radiation.polarisn_norm                    ? 
_diffrn_radiation.polarisn_ratio                   ? 
_diffrn_radiation.probe                            ? 
_diffrn_radiation.type                             ? 
_diffrn_radiation.xray_symbol                      ? 
_diffrn_radiation.wavelength_id                    1 
_diffrn_radiation.pdbx_monochromatic_or_laue_m_l   M 
_diffrn_radiation.pdbx_wavelength_list             ? 
_diffrn_radiation.pdbx_wavelength                  ? 
_diffrn_radiation.pdbx_diffrn_protocol             'SINGLE WAVELENGTH' 
_diffrn_radiation.pdbx_analyzer                    ? 
_diffrn_radiation.pdbx_scattering_type             x-ray 
# 
_diffrn_radiation_wavelength.id           1 
_diffrn_radiation_wavelength.wavelength   1.0 
_diffrn_radiation_wavelength.wt           1.0 
# 
_diffrn_source.current                     ? 
_diffrn_source.details                     ? 
_diffrn_source.diffrn_id                   1 
_diffrn_source.power                       ? 
_diffrn_source.size                        ? 
_diffrn_source.source                      SYNCHROTRON 
_diffrn_source.target                      ? 
_diffrn_source.type                        'NSRRC BEAMLINE BL15A1' 
_diffrn_source.voltage                     ? 
_diffrn_source.take-off_angle              ? 
_diffrn_source.pdbx_wavelength_list        1.0 
_diffrn_source.pdbx_wavelength             ? 
_diffrn_source.pdbx_synchrotron_beamline   BL15A1 
_diffrn_source.pdbx_synchrotron_site       NSRRC 
# 
_reflns.B_iso_Wilson_estimate            ? 
_reflns.entry_id                         7CFW 
_reflns.data_reduction_details           ? 
_reflns.data_reduction_method            ? 
_reflns.d_resolution_high                1.31 
_reflns.d_resolution_low                 30 
_reflns.details                          ? 
_reflns.limit_h_max                      ? 
_reflns.limit_h_min                      ? 
_reflns.limit_k_max                      ? 
_reflns.limit_k_min                      ? 
_reflns.limit_l_max                      ? 
_reflns.limit_l_min                      ? 
_reflns.number_all                       ? 
_reflns.number_obs                       27872 
_reflns.observed_criterion               ? 
_reflns.observed_criterion_F_max         ? 
_reflns.observed_criterion_F_min         ? 
_reflns.observed_criterion_I_max         ? 
_reflns.observed_criterion_I_min         ? 
_reflns.observed_criterion_sigma_F       ? 
_reflns.observed_criterion_sigma_I       ? 
_reflns.percent_possible_obs             94 
_reflns.R_free_details                   ? 
_reflns.Rmerge_F_all                     ? 
_reflns.Rmerge_F_obs                     ? 
_reflns.Friedel_coverage                 ? 
_reflns.number_gt                        ? 
_reflns.threshold_expression             ? 
_reflns.pdbx_redundancy                  7.3 
_reflns.pdbx_Rmerge_I_obs                0.096 
_reflns.pdbx_Rmerge_I_all                ? 
_reflns.pdbx_Rsym_value                  ? 
_reflns.pdbx_netI_over_av_sigmaI         ? 
_reflns.pdbx_netI_over_sigmaI            16.0 
_reflns.pdbx_res_netI_over_av_sigmaI_2   ? 
_reflns.pdbx_res_netI_over_sigmaI_2      ? 
_reflns.pdbx_chi_squared                 ? 
_reflns.pdbx_scaling_rejects             ? 
_reflns.pdbx_d_res_high_opt              ? 
_reflns.pdbx_d_res_low_opt               ? 
_reflns.pdbx_d_res_opt_method            ? 
_reflns.phase_calculation_details        ? 
_reflns.pdbx_Rrim_I_all                  0.104 
_reflns.pdbx_Rpim_I_all                  0.039 
_reflns.pdbx_d_opt                       ? 
_reflns.pdbx_number_measured_all         ? 
_reflns.pdbx_diffrn_id                   1 
_reflns.pdbx_ordinal                     1 
_reflns.pdbx_CC_half                     ? 
_reflns.pdbx_CC_star                     ? 
_reflns.pdbx_R_split                     ? 
# 
_reflns_shell.d_res_high                  1.31 
_reflns_shell.d_res_low                   1.36 
_reflns_shell.meanI_over_sigI_all         ? 
_reflns_shell.meanI_over_sigI_obs         2.42 
_reflns_shell.number_measured_all         ? 
_reflns_shell.number_measured_obs         ? 
_reflns_shell.number_possible             ? 
_reflns_shell.number_unique_all           ? 
_reflns_shell.number_unique_obs           2739 
_reflns_shell.percent_possible_all        93.8 
_reflns_shell.percent_possible_obs        ? 
_reflns_shell.Rmerge_F_all                ? 
_reflns_shell.Rmerge_F_obs                ? 
_reflns_shell.Rmerge_I_all                ? 
_reflns_shell.Rmerge_I_obs                1.036 
_reflns_shell.meanI_over_sigI_gt          ? 
_reflns_shell.meanI_over_uI_all           ? 
_reflns_shell.meanI_over_uI_gt            ? 
_reflns_shell.number_measured_gt          ? 
_reflns_shell.number_unique_gt            ? 
_reflns_shell.percent_possible_gt         ? 
_reflns_shell.Rmerge_F_gt                 ? 
_reflns_shell.Rmerge_I_gt                 ? 
_reflns_shell.pdbx_redundancy             7.4 
_reflns_shell.pdbx_Rsym_value             ? 
_reflns_shell.pdbx_chi_squared            ? 
_reflns_shell.pdbx_netI_over_sigmaI_all   ? 
_reflns_shell.pdbx_netI_over_sigmaI_obs   ? 
_reflns_shell.pdbx_Rrim_I_all             1.113 
_reflns_shell.pdbx_Rpim_I_all             0.405 
_reflns_shell.pdbx_rejects                ? 
_reflns_shell.pdbx_ordinal                1 
_reflns_shell.pdbx_diffrn_id              1 
_reflns_shell.pdbx_CC_half                ? 
_reflns_shell.pdbx_CC_star                ? 
_reflns_shell.pdbx_R_split                ? 
# 
_refine.aniso_B[1][1]                            0.32 
_refine.aniso_B[1][2]                            0.16 
_refine.aniso_B[1][3]                            0.00 
_refine.aniso_B[2][2]                            0.32 
_refine.aniso_B[2][3]                            0.00 
_refine.aniso_B[3][3]                            -1.03 
_refine.B_iso_max                                ? 
_refine.B_iso_mean                               17.451 
_refine.B_iso_min                                ? 
_refine.correlation_coeff_Fo_to_Fc               0.966 
_refine.correlation_coeff_Fo_to_Fc_free          0.951 
_refine.details                                  'HYDROGENS HAVE BEEN ADDED IN THE RIDING POSITIONS' 
_refine.diff_density_max                         ? 
_refine.diff_density_max_esd                     ? 
_refine.diff_density_min                         ? 
_refine.diff_density_min_esd                     ? 
_refine.diff_density_rms                         ? 
_refine.diff_density_rms_esd                     ? 
_refine.entry_id                                 7CFW 
_refine.pdbx_refine_id                           'X-RAY DIFFRACTION' 
_refine.ls_abs_structure_details                 ? 
_refine.ls_abs_structure_Flack                   ? 
_refine.ls_abs_structure_Flack_esd               ? 
_refine.ls_abs_structure_Rogers                  ? 
_refine.ls_abs_structure_Rogers_esd              ? 
_refine.ls_d_res_high                            1.31 
_refine.ls_d_res_low                             23.86 
_refine.ls_extinction_coef                       ? 
_refine.ls_extinction_coef_esd                   ? 
_refine.ls_extinction_expression                 ? 
_refine.ls_extinction_method                     ? 
_refine.ls_goodness_of_fit_all                   ? 
_refine.ls_goodness_of_fit_all_esd               ? 
_refine.ls_goodness_of_fit_obs                   ? 
_refine.ls_goodness_of_fit_obs_esd               ? 
_refine.ls_hydrogen_treatment                    ? 
_refine.ls_matrix_type                           ? 
_refine.ls_number_constraints                    ? 
_refine.ls_number_parameters                     ? 
_refine.ls_number_reflns_all                     ? 
_refine.ls_number_reflns_obs                     26479 
_refine.ls_number_reflns_R_free                  1382 
_refine.ls_number_reflns_R_work                  ? 
_refine.ls_number_restraints                     ? 
_refine.ls_percent_reflns_obs                    94.05 
_refine.ls_percent_reflns_R_free                 5.0 
_refine.ls_R_factor_all                          ? 
_refine.ls_R_factor_obs                          0.17808 
_refine.ls_R_factor_R_free                       0.21284 
_refine.ls_R_factor_R_free_error                 ? 
_refine.ls_R_factor_R_free_error_details         ? 
_refine.ls_R_factor_R_work                       0.17623 
_refine.ls_R_Fsqd_factor_obs                     ? 
_refine.ls_R_I_factor_obs                        ? 
_refine.ls_redundancy_reflns_all                 ? 
_refine.ls_redundancy_reflns_obs                 ? 
_refine.ls_restrained_S_all                      ? 
_refine.ls_restrained_S_obs                      ? 
_refine.ls_shift_over_esd_max                    ? 
_refine.ls_shift_over_esd_mean                   ? 
_refine.ls_structure_factor_coef                 ? 
_refine.ls_weighting_details                     ? 
_refine.ls_weighting_scheme                      ? 
_refine.ls_wR_factor_all                         ? 
_refine.ls_wR_factor_obs                         ? 
_refine.ls_wR_factor_R_free                      ? 
_refine.ls_wR_factor_R_work                      ? 
_refine.occupancy_max                            ? 
_refine.occupancy_min                            ? 
_refine.solvent_model_details                    MASK 
_refine.solvent_model_param_bsol                 ? 
_refine.solvent_model_param_ksol                 ? 
_refine.pdbx_R_complete                          ? 
_refine.ls_R_factor_gt                           ? 
_refine.ls_goodness_of_fit_gt                    ? 
_refine.ls_goodness_of_fit_ref                   ? 
_refine.ls_shift_over_su_max                     ? 
_refine.ls_shift_over_su_max_lt                  ? 
_refine.ls_shift_over_su_mean                    ? 
_refine.ls_shift_over_su_mean_lt                 ? 
_refine.pdbx_ls_sigma_I                          ? 
_refine.pdbx_ls_sigma_F                          ? 
_refine.pdbx_ls_sigma_Fsqd                       ? 
_refine.pdbx_data_cutoff_high_absF               ? 
_refine.pdbx_data_cutoff_high_rms_absF           ? 
_refine.pdbx_data_cutoff_low_absF                ? 
_refine.pdbx_isotropic_thermal_model             ? 
_refine.pdbx_ls_cross_valid_method               THROUGHOUT 
_refine.pdbx_method_to_determine_struct          'MOLECULAR REPLACEMENT' 
_refine.pdbx_starting_model                      2R25 
_refine.pdbx_stereochemistry_target_values       'MAXIMUM LIKELIHOOD' 
_refine.pdbx_R_Free_selection_details            RANDOM 
_refine.pdbx_stereochem_target_val_spec_case     ? 
_refine.pdbx_overall_ESU_R                       0.061 
_refine.pdbx_overall_ESU_R_Free                  0.065 
_refine.pdbx_solvent_vdw_probe_radii             1.20 
_refine.pdbx_solvent_ion_probe_radii             0.80 
_refine.pdbx_solvent_shrinkage_radii             0.80 
_refine.pdbx_real_space_R                        ? 
_refine.pdbx_density_correlation                 ? 
_refine.pdbx_pd_number_of_powder_patterns        ? 
_refine.pdbx_pd_number_of_points                 ? 
_refine.pdbx_pd_meas_number_of_points            ? 
_refine.pdbx_pd_proc_ls_prof_R_factor            ? 
_refine.pdbx_pd_proc_ls_prof_wR_factor           ? 
_refine.pdbx_pd_Marquardt_correlation_coeff      ? 
_refine.pdbx_pd_Fsqrd_R_factor                   ? 
_refine.pdbx_pd_ls_matrix_band_width             ? 
_refine.pdbx_overall_phase_error                 ? 
_refine.pdbx_overall_SU_R_free_Cruickshank_DPI   ? 
_refine.pdbx_overall_SU_R_free_Blow_DPI          ? 
_refine.pdbx_overall_SU_R_Blow_DPI               ? 
_refine.pdbx_TLS_residual_ADP_flag               ? 
_refine.pdbx_diffrn_id                           1 
_refine.overall_SU_B                             1.079 
_refine.overall_SU_ML                            0.046 
_refine.overall_SU_R_Cruickshank_DPI             ? 
_refine.overall_SU_R_free                        ? 
_refine.overall_FOM_free_R_set                   ? 
_refine.overall_FOM_work_R_set                   ? 
_refine.pdbx_average_fsc_overall                 ? 
_refine.pdbx_average_fsc_work                    ? 
_refine.pdbx_average_fsc_free                    ? 
# 
_refine_hist.pdbx_refine_id                   'X-RAY DIFFRACTION' 
_refine_hist.cycle_id                         1 
_refine_hist.details                          ? 
_refine_hist.d_res_high                       1.31 
_refine_hist.d_res_low                        23.86 
_refine_hist.number_atoms_solvent             222 
_refine_hist.number_atoms_total               1192 
_refine_hist.number_reflns_all                ? 
_refine_hist.number_reflns_obs                ? 
_refine_hist.number_reflns_R_free             ? 
_refine_hist.number_reflns_R_work             ? 
_refine_hist.R_factor_all                     ? 
_refine_hist.R_factor_obs                     ? 
_refine_hist.R_factor_R_free                  ? 
_refine_hist.R_factor_R_work                  ? 
_refine_hist.pdbx_number_residues_total       ? 
_refine_hist.pdbx_B_iso_mean_ligand           ? 
_refine_hist.pdbx_B_iso_mean_solvent          ? 
_refine_hist.pdbx_number_atoms_protein        969 
_refine_hist.pdbx_number_atoms_nucleic_acid   0 
_refine_hist.pdbx_number_atoms_ligand         1 
_refine_hist.pdbx_number_atoms_lipid          ? 
_refine_hist.pdbx_number_atoms_carb           ? 
_refine_hist.pdbx_pseudo_atom_details         ? 
# 
loop_
_refine_ls_restr.pdbx_refine_id 
_refine_ls_restr.criterion 
_refine_ls_restr.dev_ideal 
_refine_ls_restr.dev_ideal_target 
_refine_ls_restr.number 
_refine_ls_restr.rejects 
_refine_ls_restr.type 
_refine_ls_restr.weight 
_refine_ls_restr.pdbx_restraint_function 
'X-RAY DIFFRACTION' ? 0.013  0.013  1150 ? r_bond_refined_d             ? ? 
'X-RAY DIFFRACTION' ? 0.001  0.017  1104 ? r_bond_other_d               ? ? 
'X-RAY DIFFRACTION' ? 1.784  1.649  1572 ? r_angle_refined_deg          ? ? 
'X-RAY DIFFRACTION' ? 1.561  1.580  2550 ? r_angle_other_deg            ? ? 
'X-RAY DIFFRACTION' ? 7.017  5.000  154  ? r_dihedral_angle_1_deg       ? ? 
'X-RAY DIFFRACTION' ? 31.343 19.750 80   ? r_dihedral_angle_2_deg       ? ? 
'X-RAY DIFFRACTION' ? 15.536 15.000 218  ? r_dihedral_angle_3_deg       ? ? 
'X-RAY DIFFRACTION' ? 26.093 15.000 19   ? r_dihedral_angle_4_deg       ? ? 
'X-RAY DIFFRACTION' ? 0.091  0.200  148  ? r_chiral_restr               ? ? 
'X-RAY DIFFRACTION' ? 0.010  0.020  1383 ? r_gen_planes_refined         ? ? 
'X-RAY DIFFRACTION' ? 0.003  0.020  270  ? r_gen_planes_other           ? ? 
'X-RAY DIFFRACTION' ? ?      ?      ?    ? r_nbd_refined                ? ? 
'X-RAY DIFFRACTION' ? ?      ?      ?    ? r_nbd_other                  ? ? 
'X-RAY DIFFRACTION' ? ?      ?      ?    ? r_nbtor_refined              ? ? 
'X-RAY DIFFRACTION' ? ?      ?      ?    ? r_nbtor_other                ? ? 
'X-RAY DIFFRACTION' ? ?      ?      ?    ? r_xyhbond_nbd_refined        ? ? 
'X-RAY DIFFRACTION' ? ?      ?      ?    ? r_xyhbond_nbd_other          ? ? 
'X-RAY DIFFRACTION' ? ?      ?      ?    ? r_metal_ion_refined          ? ? 
'X-RAY DIFFRACTION' ? ?      ?      ?    ? r_metal_ion_other            ? ? 
'X-RAY DIFFRACTION' ? ?      ?      ?    ? r_symmetry_vdw_refined       ? ? 
'X-RAY DIFFRACTION' ? ?      ?      ?    ? r_symmetry_vdw_other         ? ? 
'X-RAY DIFFRACTION' ? ?      ?      ?    ? r_symmetry_hbond_refined     ? ? 
'X-RAY DIFFRACTION' ? ?      ?      ?    ? r_symmetry_hbond_other       ? ? 
'X-RAY DIFFRACTION' ? ?      ?      ?    ? r_symmetry_metal_ion_refined ? ? 
'X-RAY DIFFRACTION' ? ?      ?      ?    ? r_symmetry_metal_ion_other   ? ? 
'X-RAY DIFFRACTION' ? 1.765  1.484  574  ? r_mcbond_it                  ? ? 
'X-RAY DIFFRACTION' ? 1.694  1.479  573  ? r_mcbond_other               ? ? 
'X-RAY DIFFRACTION' ? 2.759  2.216  739  ? r_mcangle_it                 ? ? 
'X-RAY DIFFRACTION' ? 2.758  2.223  740  ? r_mcangle_other              ? ? 
'X-RAY DIFFRACTION' ? 2.236  1.838  576  ? r_scbond_it                  ? ? 
'X-RAY DIFFRACTION' ? 2.222  1.827  574  ? r_scbond_other               ? ? 
'X-RAY DIFFRACTION' ? ?      ?      ?    ? r_scangle_it                 ? ? 
'X-RAY DIFFRACTION' ? 3.521  2.631  832  ? r_scangle_other              ? ? 
'X-RAY DIFFRACTION' ? 7.794  22.226 1439 ? r_long_range_B_refined       ? ? 
'X-RAY DIFFRACTION' ? 7.420  19.997 1337 ? r_long_range_B_other         ? ? 
'X-RAY DIFFRACTION' ? ?      ?      ?    ? r_rigid_bond_restr           ? ? 
'X-RAY DIFFRACTION' ? ?      ?      ?    ? r_sphericity_free            ? ? 
'X-RAY DIFFRACTION' ? ?      ?      ?    ? r_sphericity_bonded          ? ? 
# 
_refine_ls_shell.pdbx_refine_id                   'X-RAY DIFFRACTION' 
_refine_ls_shell.d_res_high                       1.310 
_refine_ls_shell.d_res_low                        1.344 
_refine_ls_shell.number_reflns_all                ? 
_refine_ls_shell.number_reflns_obs                ? 
_refine_ls_shell.number_reflns_R_free             94 
_refine_ls_shell.number_reflns_R_work             1923 
_refine_ls_shell.percent_reflns_obs               93.04 
_refine_ls_shell.percent_reflns_R_free            ? 
_refine_ls_shell.R_factor_all                     ? 
_refine_ls_shell.R_factor_obs                     ? 
_refine_ls_shell.R_factor_R_free                  0.278 
_refine_ls_shell.R_factor_R_free_error            ? 
_refine_ls_shell.R_factor_R_work                  0.263 
_refine_ls_shell.redundancy_reflns_all            ? 
_refine_ls_shell.redundancy_reflns_obs            ? 
_refine_ls_shell.wR_factor_all                    ? 
_refine_ls_shell.wR_factor_obs                    ? 
_refine_ls_shell.wR_factor_R_free                 ? 
_refine_ls_shell.wR_factor_R_work                 ? 
_refine_ls_shell.pdbx_R_complete                  ? 
_refine_ls_shell.pdbx_total_number_of_bins_used   20 
_refine_ls_shell.pdbx_phase_error                 ? 
_refine_ls_shell.pdbx_fsc_work                    ? 
_refine_ls_shell.pdbx_fsc_free                    ? 
# 
_struct.entry_id                     7CFW 
_struct.title                        
;Crystal structure of the receiver domain of sensor histidine kinase PA1611 (PA1611REC) from Pseudomonas aeruginosa PAO1 with calcium ion coordinated in the active site cleft
;
_struct.pdbx_model_details           ? 
_struct.pdbx_formula_weight          ? 
_struct.pdbx_formula_weight_method   ? 
_struct.pdbx_model_type_details      ? 
_struct.pdbx_CASP_flag               N 
# 
_struct_keywords.entry_id        7CFW 
_struct_keywords.text            
'P. aeruginosa, Two-component regulatory system, Sensor histidine kinase, Histidine-containing phosphotransfer protein, TRANSFERASE' 
_struct_keywords.pdbx_keywords   TRANSFERASE 
# 
loop_
_struct_asym.id 
_struct_asym.pdbx_blank_PDB_chainid_flag 
_struct_asym.pdbx_modified 
_struct_asym.entity_id 
_struct_asym.details 
A N N 1 ? 
B N N 2 ? 
C N N 3 ? 
# 
_struct_ref.id                         1 
_struct_ref.db_name                    UNP 
_struct_ref.db_code                    A0A4U9SBT9_PSEAI 
_struct_ref.pdbx_db_accession          A0A4U9SBT9 
_struct_ref.pdbx_db_isoform            ? 
_struct_ref.entity_id                  1 
_struct_ref.pdbx_seq_one_letter_code   
;DAAPVAAGQEILLVEDNPVNQTVIEAMLRSLGYRVTLVADGIQAVRSAERQRYDAILMDCRLPVLDGYSATREIRAQENG
RRVPIIALTANALQGDRENCLQAGMNDYLAKPFKRAELQRILQRWIGSQPELPVTSNETGRGEPE
;
_struct_ref.pdbx_align_begin           507 
# 
_struct_ref_seq.align_id                      1 
_struct_ref_seq.ref_id                        1 
_struct_ref_seq.pdbx_PDB_id_code              7CFW 
_struct_ref_seq.pdbx_strand_id                A 
_struct_ref_seq.seq_align_beg                 22 
_struct_ref_seq.pdbx_seq_align_beg_ins_code   ? 
_struct_ref_seq.seq_align_end                 166 
_struct_ref_seq.pdbx_seq_align_end_ins_code   ? 
_struct_ref_seq.pdbx_db_accession             A0A4U9SBT9 
_struct_ref_seq.db_align_beg                  507 
_struct_ref_seq.pdbx_db_align_beg_ins_code    ? 
_struct_ref_seq.db_align_end                  651 
_struct_ref_seq.pdbx_db_align_end_ins_code    ? 
_struct_ref_seq.pdbx_auth_seq_align_beg       507 
_struct_ref_seq.pdbx_auth_seq_align_end       651 
# 
loop_
_struct_ref_seq_dif.align_id 
_struct_ref_seq_dif.pdbx_pdb_id_code 
_struct_ref_seq_dif.mon_id 
_struct_ref_seq_dif.pdbx_pdb_strand_id 
_struct_ref_seq_dif.seq_num 
_struct_ref_seq_dif.pdbx_pdb_ins_code 
_struct_ref_seq_dif.pdbx_seq_db_name 
_struct_ref_seq_dif.pdbx_seq_db_accession_code 
_struct_ref_seq_dif.db_mon_id 
_struct_ref_seq_dif.pdbx_seq_db_seq_num 
_struct_ref_seq_dif.details 
_struct_ref_seq_dif.pdbx_auth_seq_num 
_struct_ref_seq_dif.pdbx_ordinal 
1 7CFW MET A 1  ? UNP A0A4U9SBT9 ? ? 'initiating methionine' 486 1  
1 7CFW GLY A 2  ? UNP A0A4U9SBT9 ? ? 'expression tag'        487 2  
1 7CFW SER A 3  ? UNP A0A4U9SBT9 ? ? 'expression tag'        488 3  
1 7CFW SER A 4  ? UNP A0A4U9SBT9 ? ? 'expression tag'        489 4  
1 7CFW HIS A 5  ? UNP A0A4U9SBT9 ? ? 'expression tag'        490 5  
1 7CFW HIS A 6  ? UNP A0A4U9SBT9 ? ? 'expression tag'        491 6  
1 7CFW HIS A 7  ? UNP A0A4U9SBT9 ? ? 'expression tag'        492 7  
1 7CFW HIS A 8  ? UNP A0A4U9SBT9 ? ? 'expression tag'        493 8  
1 7CFW HIS A 9  ? UNP A0A4U9SBT9 ? ? 'expression tag'        494 9  
1 7CFW HIS A 10 ? UNP A0A4U9SBT9 ? ? 'expression tag'        495 10 
1 7CFW SER A 11 ? UNP A0A4U9SBT9 ? ? 'expression tag'        496 11 
1 7CFW SER A 12 ? UNP A0A4U9SBT9 ? ? 'expression tag'        497 12 
1 7CFW GLY A 13 ? UNP A0A4U9SBT9 ? ? 'expression tag'        498 13 
1 7CFW LEU A 14 ? UNP A0A4U9SBT9 ? ? 'expression tag'        499 14 
1 7CFW VAL A 15 ? UNP A0A4U9SBT9 ? ? 'expression tag'        500 15 
1 7CFW PRO A 16 ? UNP A0A4U9SBT9 ? ? 'expression tag'        501 16 
1 7CFW ALA A 17 ? UNP A0A4U9SBT9 ? ? 'expression tag'        502 17 
1 7CFW GLY A 18 ? UNP A0A4U9SBT9 ? ? 'expression tag'        503 18 
1 7CFW SER A 19 ? UNP A0A4U9SBT9 ? ? 'expression tag'        504 19 
1 7CFW HIS A 20 ? UNP A0A4U9SBT9 ? ? 'expression tag'        505 20 
1 7CFW MET A 21 ? UNP A0A4U9SBT9 ? ? 'expression tag'        506 21 
# 
_pdbx_struct_assembly.id                   1 
_pdbx_struct_assembly.details              author_defined_assembly 
_pdbx_struct_assembly.method_details       ? 
_pdbx_struct_assembly.oligomeric_details   monomeric 
_pdbx_struct_assembly.oligomeric_count     1 
# 
loop_
_pdbx_struct_assembly_prop.biol_id 
_pdbx_struct_assembly_prop.type 
_pdbx_struct_assembly_prop.value 
_pdbx_struct_assembly_prop.details 
1 'ABSA (A^2)' 90   ? 
1 MORE         -10  ? 
1 'SSA (A^2)'  6520 ? 
# 
_pdbx_struct_assembly_gen.assembly_id       1 
_pdbx_struct_assembly_gen.oper_expression   1 
_pdbx_struct_assembly_gen.asym_id_list      A,B,C 
# 
_pdbx_struct_assembly_auth_evidence.id                     1 
_pdbx_struct_assembly_auth_evidence.assembly_id            1 
_pdbx_struct_assembly_auth_evidence.experimental_support   'gel filtration' 
_pdbx_struct_assembly_auth_evidence.details                ? 
# 
_pdbx_struct_oper_list.id                   1 
_pdbx_struct_oper_list.type                 'identity operation' 
_pdbx_struct_oper_list.name                 1_555 
_pdbx_struct_oper_list.symmetry_operation   x,y,z 
_pdbx_struct_oper_list.matrix[1][1]         1.0000000000 
_pdbx_struct_oper_list.matrix[1][2]         0.0000000000 
_pdbx_struct_oper_list.matrix[1][3]         0.0000000000 
_pdbx_struct_oper_list.vector[1]            0.0000000000 
_pdbx_struct_oper_list.matrix[2][1]         0.0000000000 
_pdbx_struct_oper_list.matrix[2][2]         1.0000000000 
_pdbx_struct_oper_list.matrix[2][3]         0.0000000000 
_pdbx_struct_oper_list.vector[2]            0.0000000000 
_pdbx_struct_oper_list.matrix[3][1]         0.0000000000 
_pdbx_struct_oper_list.matrix[3][2]         0.0000000000 
_pdbx_struct_oper_list.matrix[3][3]         1.0000000000 
_pdbx_struct_oper_list.vector[3]            0.0000000000 
# 
loop_
_struct_conf.conf_type_id 
_struct_conf.id 
_struct_conf.pdbx_PDB_helix_id 
_struct_conf.beg_label_comp_id 
_struct_conf.beg_label_asym_id 
_struct_conf.beg_label_seq_id 
_struct_conf.pdbx_beg_PDB_ins_code 
_struct_conf.end_label_comp_id 
_struct_conf.end_label_asym_id 
_struct_conf.end_label_seq_id 
_struct_conf.pdbx_end_PDB_ins_code 
_struct_conf.beg_auth_comp_id 
_struct_conf.beg_auth_asym_id 
_struct_conf.beg_auth_seq_id 
_struct_conf.end_auth_comp_id 
_struct_conf.end_auth_asym_id 
_struct_conf.end_auth_seq_id 
_struct_conf.pdbx_PDB_helix_class 
_struct_conf.details 
_struct_conf.pdbx_PDB_helix_length 
HELX_P HELX_P1 AA1 ASN A 38  ? LEU A 52  ? ASN A 523 LEU A 537 1 ? 15 
HELX_P HELX_P2 AA2 ASP A 61  ? GLN A 72  ? ASP A 546 GLN A 557 1 ? 12 
HELX_P HELX_P3 AA3 ASP A 87  ? ALA A 97  ? ASP A 572 ALA A 582 1 ? 11 
HELX_P HELX_P4 AA4 GLY A 116 ? ALA A 124 ? GLY A 601 ALA A 609 5 ? 9  
HELX_P HELX_P5 AA5 LYS A 135 ? GLY A 148 ? LYS A 620 GLY A 633 1 ? 14 
# 
_struct_conf_type.id          HELX_P 
_struct_conf_type.criteria    ? 
_struct_conf_type.reference   ? 
# 
loop_
_struct_conn.id 
_struct_conn.conn_type_id 
_struct_conn.pdbx_leaving_atom_flag 
_struct_conn.pdbx_PDB_id 
_struct_conn.ptnr1_label_asym_id 
_struct_conn.ptnr1_label_comp_id 
_struct_conn.ptnr1_label_seq_id 
_struct_conn.ptnr1_label_atom_id 
_struct_conn.pdbx_ptnr1_label_alt_id 
_struct_conn.pdbx_ptnr1_PDB_ins_code 
_struct_conn.pdbx_ptnr1_standard_comp_id 
_struct_conn.ptnr1_symmetry 
_struct_conn.ptnr2_label_asym_id 
_struct_conn.ptnr2_label_comp_id 
_struct_conn.ptnr2_label_seq_id 
_struct_conn.ptnr2_label_atom_id 
_struct_conn.pdbx_ptnr2_label_alt_id 
_struct_conn.pdbx_ptnr2_PDB_ins_code 
_struct_conn.ptnr1_auth_asym_id 
_struct_conn.ptnr1_auth_comp_id 
_struct_conn.ptnr1_auth_seq_id 
_struct_conn.ptnr2_auth_asym_id 
_struct_conn.ptnr2_auth_comp_id 
_struct_conn.ptnr2_auth_seq_id 
_struct_conn.ptnr2_symmetry 
_struct_conn.pdbx_ptnr3_label_atom_id 
_struct_conn.pdbx_ptnr3_label_seq_id 
_struct_conn.pdbx_ptnr3_label_comp_id 
_struct_conn.pdbx_ptnr3_label_asym_id 
_struct_conn.pdbx_ptnr3_label_alt_id 
_struct_conn.pdbx_ptnr3_PDB_ins_code 
_struct_conn.details 
_struct_conn.pdbx_dist_value 
_struct_conn.pdbx_value_order 
_struct_conn.pdbx_role 
disulf1 disulf ? ? A CYS 81 SG  ? ? ? 1_555 A CYS 121 SG ? ? A CYS 566 A CYS 606 1_555 ? ? ? ? ? ? ? 2.152 ? ? 
metalc1 metalc ? ? A ASP 37 OD1 ? ? ? 1_555 B CA  .   CA ? ? A ASP 522 A CA  701 1_555 ? ? ? ? ? ? ? 2.362 ? ? 
metalc2 metalc ? ? A ASP 80 OD2 ? ? ? 1_555 B CA  .   CA ? ? A ASP 565 A CA  701 1_555 ? ? ? ? ? ? ? 2.224 ? ? 
metalc3 metalc ? ? A ARG 82 O   ? ? ? 1_555 B CA  .   CA ? ? A ARG 567 A CA  701 1_555 ? ? ? ? ? ? ? 2.293 ? ? 
metalc4 metalc ? ? B CA  .  CA  ? ? ? 1_555 C HOH .   O  ? ? A CA  701 A HOH 819 1_555 ? ? ? ? ? ? ? 2.337 ? ? 
metalc5 metalc ? ? B CA  .  CA  ? ? ? 1_555 C HOH .   O  ? ? A CA  701 A HOH 901 1_555 ? ? ? ? ? ? ? 2.330 ? ? 
metalc6 metalc ? ? B CA  .  CA  ? ? ? 1_555 C HOH .   O  ? ? A CA  701 A HOH 968 1_555 ? ? ? ? ? ? ? 2.434 ? ? 
# 
loop_
_struct_conn_type.id 
_struct_conn_type.criteria 
_struct_conn_type.reference 
disulf ? ? 
metalc ? ? 
# 
loop_
_pdbx_struct_conn_angle.id 
_pdbx_struct_conn_angle.ptnr1_label_atom_id 
_pdbx_struct_conn_angle.ptnr1_label_alt_id 
_pdbx_struct_conn_angle.ptnr1_label_asym_id 
_pdbx_struct_conn_angle.ptnr1_label_comp_id 
_pdbx_struct_conn_angle.ptnr1_label_seq_id 
_pdbx_struct_conn_angle.ptnr1_auth_atom_id 
_pdbx_struct_conn_angle.ptnr1_auth_asym_id 
_pdbx_struct_conn_angle.ptnr1_auth_comp_id 
_pdbx_struct_conn_angle.ptnr1_auth_seq_id 
_pdbx_struct_conn_angle.ptnr1_PDB_ins_code 
_pdbx_struct_conn_angle.ptnr1_symmetry 
_pdbx_struct_conn_angle.ptnr2_label_atom_id 
_pdbx_struct_conn_angle.ptnr2_label_alt_id 
_pdbx_struct_conn_angle.ptnr2_label_asym_id 
_pdbx_struct_conn_angle.ptnr2_label_comp_id 
_pdbx_struct_conn_angle.ptnr2_label_seq_id 
_pdbx_struct_conn_angle.ptnr2_auth_atom_id 
_pdbx_struct_conn_angle.ptnr2_auth_asym_id 
_pdbx_struct_conn_angle.ptnr2_auth_comp_id 
_pdbx_struct_conn_angle.ptnr2_auth_seq_id 
_pdbx_struct_conn_angle.ptnr2_PDB_ins_code 
_pdbx_struct_conn_angle.ptnr2_symmetry 
_pdbx_struct_conn_angle.ptnr3_label_atom_id 
_pdbx_struct_conn_angle.ptnr3_label_alt_id 
_pdbx_struct_conn_angle.ptnr3_label_asym_id 
_pdbx_struct_conn_angle.ptnr3_label_comp_id 
_pdbx_struct_conn_angle.ptnr3_label_seq_id 
_pdbx_struct_conn_angle.ptnr3_auth_atom_id 
_pdbx_struct_conn_angle.ptnr3_auth_asym_id 
_pdbx_struct_conn_angle.ptnr3_auth_comp_id 
_pdbx_struct_conn_angle.ptnr3_auth_seq_id 
_pdbx_struct_conn_angle.ptnr3_PDB_ins_code 
_pdbx_struct_conn_angle.ptnr3_symmetry 
_pdbx_struct_conn_angle.value 
_pdbx_struct_conn_angle.value_esd 
1  OD1 ? A ASP 37 ? A ASP 522 ? 1_555 CA ? B CA . ? A CA 701 ? 1_555 OD2 ? A ASP 80 ? A ASP 565 ? 1_555 100.7 ? 
2  OD1 ? A ASP 37 ? A ASP 522 ? 1_555 CA ? B CA . ? A CA 701 ? 1_555 O   ? A ARG 82 ? A ARG 567 ? 1_555 94.6  ? 
3  OD2 ? A ASP 80 ? A ASP 565 ? 1_555 CA ? B CA . ? A CA 701 ? 1_555 O   ? A ARG 82 ? A ARG 567 ? 1_555 86.4  ? 
4  OD1 ? A ASP 37 ? A ASP 522 ? 1_555 CA ? B CA . ? A CA 701 ? 1_555 O   ? C HOH .  ? A HOH 819 ? 1_555 87.5  ? 
5  OD2 ? A ASP 80 ? A ASP 565 ? 1_555 CA ? B CA . ? A CA 701 ? 1_555 O   ? C HOH .  ? A HOH 819 ? 1_555 86.1  ? 
6  O   ? A ARG 82 ? A ARG 567 ? 1_555 CA ? B CA . ? A CA 701 ? 1_555 O   ? C HOH .  ? A HOH 819 ? 1_555 172.5 ? 
7  OD1 ? A ASP 37 ? A ASP 522 ? 1_555 CA ? B CA . ? A CA 701 ? 1_555 O   ? C HOH .  ? A HOH 901 ? 1_555 84.3  ? 
8  OD2 ? A ASP 80 ? A ASP 565 ? 1_555 CA ? B CA . ? A CA 701 ? 1_555 O   ? C HOH .  ? A HOH 901 ? 1_555 174.8 ? 
9  O   ? A ARG 82 ? A ARG 567 ? 1_555 CA ? B CA . ? A CA 701 ? 1_555 O   ? C HOH .  ? A HOH 901 ? 1_555 94.4  ? 
10 O   ? C HOH .  ? A HOH 819 ? 1_555 CA ? B CA . ? A CA 701 ? 1_555 O   ? C HOH .  ? A HOH 901 ? 1_555 92.9  ? 
11 OD1 ? A ASP 37 ? A ASP 522 ? 1_555 CA ? B CA . ? A CA 701 ? 1_555 O   ? C HOH .  ? A HOH 968 ? 1_555 164.2 ? 
12 OD2 ? A ASP 80 ? A ASP 565 ? 1_555 CA ? B CA . ? A CA 701 ? 1_555 O   ? C HOH .  ? A HOH 968 ? 1_555 91.1  ? 
13 O   ? A ARG 82 ? A ARG 567 ? 1_555 CA ? B CA . ? A CA 701 ? 1_555 O   ? C HOH .  ? A HOH 968 ? 1_555 96.6  ? 
14 O   ? C HOH .  ? A HOH 819 ? 1_555 CA ? B CA . ? A CA 701 ? 1_555 O   ? C HOH .  ? A HOH 968 ? 1_555 82.8  ? 
15 O   ? C HOH .  ? A HOH 901 ? 1_555 CA ? B CA . ? A CA 701 ? 1_555 O   ? C HOH .  ? A HOH 968 ? 1_555 83.7  ? 
# 
_pdbx_modification_feature.ordinal                            1 
_pdbx_modification_feature.label_comp_id                      CYS 
_pdbx_modification_feature.label_asym_id                      A 
_pdbx_modification_feature.label_seq_id                       81 
_pdbx_modification_feature.label_alt_id                       ? 
_pdbx_modification_feature.modified_residue_label_comp_id     CYS 
_pdbx_modification_feature.modified_residue_label_asym_id     A 
_pdbx_modification_feature.modified_residue_label_seq_id      121 
_pdbx_modification_feature.modified_residue_label_alt_id      ? 
_pdbx_modification_feature.auth_comp_id                       CYS 
_pdbx_modification_feature.auth_asym_id                       A 
_pdbx_modification_feature.auth_seq_id                        566 
_pdbx_modification_feature.PDB_ins_code                       ? 
_pdbx_modification_feature.symmetry                           1_555 
_pdbx_modification_feature.modified_residue_auth_comp_id      CYS 
_pdbx_modification_feature.modified_residue_auth_asym_id      A 
_pdbx_modification_feature.modified_residue_auth_seq_id       606 
_pdbx_modification_feature.modified_residue_PDB_ins_code      ? 
_pdbx_modification_feature.modified_residue_symmetry          1_555 
_pdbx_modification_feature.comp_id_linking_atom               SG 
_pdbx_modification_feature.modified_residue_id_linking_atom   SG 
_pdbx_modification_feature.modified_residue_id                . 
_pdbx_modification_feature.ref_pcm_id                         . 
_pdbx_modification_feature.ref_comp_id                        . 
_pdbx_modification_feature.type                               None 
_pdbx_modification_feature.category                           'Disulfide bridge' 
# 
_struct_mon_prot_cis.pdbx_id                1 
_struct_mon_prot_cis.label_comp_id          LYS 
_struct_mon_prot_cis.label_seq_id           132 
_struct_mon_prot_cis.label_asym_id          A 
_struct_mon_prot_cis.label_alt_id           . 
_struct_mon_prot_cis.pdbx_PDB_ins_code      ? 
_struct_mon_prot_cis.auth_comp_id           LYS 
_struct_mon_prot_cis.auth_seq_id            617 
_struct_mon_prot_cis.auth_asym_id           A 
_struct_mon_prot_cis.pdbx_label_comp_id_2   PRO 
_struct_mon_prot_cis.pdbx_label_seq_id_2    133 
_struct_mon_prot_cis.pdbx_label_asym_id_2   A 
_struct_mon_prot_cis.pdbx_PDB_ins_code_2    ? 
_struct_mon_prot_cis.pdbx_auth_comp_id_2    PRO 
_struct_mon_prot_cis.pdbx_auth_seq_id_2     618 
_struct_mon_prot_cis.pdbx_auth_asym_id_2    A 
_struct_mon_prot_cis.pdbx_PDB_model_num     1 
_struct_mon_prot_cis.pdbx_omega_angle       -8.56 
# 
_struct_sheet.id               AA1 
_struct_sheet.type             ? 
_struct_sheet.number_strands   5 
_struct_sheet.details          ? 
# 
loop_
_struct_sheet_order.sheet_id 
_struct_sheet_order.range_id_1 
_struct_sheet_order.range_id_2 
_struct_sheet_order.offset 
_struct_sheet_order.sense 
AA1 1 2 ? parallel 
AA1 2 3 ? parallel 
AA1 3 4 ? parallel 
AA1 4 5 ? parallel 
# 
loop_
_struct_sheet_range.sheet_id 
_struct_sheet_range.id 
_struct_sheet_range.beg_label_comp_id 
_struct_sheet_range.beg_label_asym_id 
_struct_sheet_range.beg_label_seq_id 
_struct_sheet_range.pdbx_beg_PDB_ins_code 
_struct_sheet_range.end_label_comp_id 
_struct_sheet_range.end_label_asym_id 
_struct_sheet_range.end_label_seq_id 
_struct_sheet_range.pdbx_end_PDB_ins_code 
_struct_sheet_range.beg_auth_comp_id 
_struct_sheet_range.beg_auth_asym_id 
_struct_sheet_range.beg_auth_seq_id 
_struct_sheet_range.end_auth_comp_id 
_struct_sheet_range.end_auth_asym_id 
_struct_sheet_range.end_auth_seq_id 
AA1 1 ARG A 55  ? VAL A 59  ? ARG A 540 VAL A 544 
AA1 2 GLU A 31  ? VAL A 35  ? GLU A 516 VAL A 520 
AA1 3 ALA A 76  ? ASP A 80  ? ALA A 561 ASP A 565 
AA1 4 ILE A 106 ? THR A 110 ? ILE A 591 THR A 595 
AA1 5 ASP A 128 ? ALA A 131 ? ASP A 613 ALA A 616 
# 
loop_
_pdbx_struct_sheet_hbond.sheet_id 
_pdbx_struct_sheet_hbond.range_id_1 
_pdbx_struct_sheet_hbond.range_id_2 
_pdbx_struct_sheet_hbond.range_1_label_atom_id 
_pdbx_struct_sheet_hbond.range_1_label_comp_id 
_pdbx_struct_sheet_hbond.range_1_label_asym_id 
_pdbx_struct_sheet_hbond.range_1_label_seq_id 
_pdbx_struct_sheet_hbond.range_1_PDB_ins_code 
_pdbx_struct_sheet_hbond.range_1_auth_atom_id 
_pdbx_struct_sheet_hbond.range_1_auth_comp_id 
_pdbx_struct_sheet_hbond.range_1_auth_asym_id 
_pdbx_struct_sheet_hbond.range_1_auth_seq_id 
_pdbx_struct_sheet_hbond.range_2_label_atom_id 
_pdbx_struct_sheet_hbond.range_2_label_comp_id 
_pdbx_struct_sheet_hbond.range_2_label_asym_id 
_pdbx_struct_sheet_hbond.range_2_label_seq_id 
_pdbx_struct_sheet_hbond.range_2_PDB_ins_code 
_pdbx_struct_sheet_hbond.range_2_auth_atom_id 
_pdbx_struct_sheet_hbond.range_2_auth_comp_id 
_pdbx_struct_sheet_hbond.range_2_auth_asym_id 
_pdbx_struct_sheet_hbond.range_2_auth_seq_id 
AA1 1 2 O THR A 57  ? O THR A 542 N LEU A 34  ? N LEU A 519 
AA1 2 3 N VAL A 35  ? N VAL A 520 O LEU A 78  ? O LEU A 563 
AA1 3 4 N ILE A 77  ? N ILE A 562 O ILE A 107 ? O ILE A 592 
AA1 4 5 N ALA A 108 ? N ALA A 593 O LEU A 130 ? O LEU A 615 
# 
_pdbx_entry_details.entry_id                   7CFW 
_pdbx_entry_details.nonpolymer_details         ? 
_pdbx_entry_details.sequence_details           ? 
_pdbx_entry_details.compound_details           ? 
_pdbx_entry_details.source_details             ? 
_pdbx_entry_details.has_ligand_of_interest     Y 
_pdbx_entry_details.has_protein_modification   Y 
# 
loop_
_pdbx_validate_close_contact.id 
_pdbx_validate_close_contact.PDB_model_num 
_pdbx_validate_close_contact.auth_atom_id_1 
_pdbx_validate_close_contact.auth_asym_id_1 
_pdbx_validate_close_contact.auth_comp_id_1 
_pdbx_validate_close_contact.auth_seq_id_1 
_pdbx_validate_close_contact.PDB_ins_code_1 
_pdbx_validate_close_contact.label_alt_id_1 
_pdbx_validate_close_contact.auth_atom_id_2 
_pdbx_validate_close_contact.auth_asym_id_2 
_pdbx_validate_close_contact.auth_comp_id_2 
_pdbx_validate_close_contact.auth_seq_id_2 
_pdbx_validate_close_contact.PDB_ins_code_2 
_pdbx_validate_close_contact.label_alt_id_2 
_pdbx_validate_close_contact.dist 
1 1 O A HOH 807 ? ? O A HOH 1005 ? ? 2.14 
2 1 O A HOH 804 ? ? O A HOH 950  ? ? 2.16 
3 1 O A HOH 971 ? ? O A HOH 1002 ? ? 2.19 
# 
loop_
_pdbx_validate_torsion.id 
_pdbx_validate_torsion.PDB_model_num 
_pdbx_validate_torsion.auth_comp_id 
_pdbx_validate_torsion.auth_asym_id 
_pdbx_validate_torsion.auth_seq_id 
_pdbx_validate_torsion.PDB_ins_code 
_pdbx_validate_torsion.label_alt_id 
_pdbx_validate_torsion.phi 
_pdbx_validate_torsion.psi 
1 1 VAL A 570 ? ? -127.45 -63.68  
2 1 ASN A 597 ? ? -141.71 41.85   
3 1 ASN A 605 ? ? -147.02 -100.31 
# 
loop_
_pdbx_struct_special_symmetry.id 
_pdbx_struct_special_symmetry.PDB_model_num 
_pdbx_struct_special_symmetry.auth_asym_id 
_pdbx_struct_special_symmetry.auth_comp_id 
_pdbx_struct_special_symmetry.auth_seq_id 
_pdbx_struct_special_symmetry.PDB_ins_code 
_pdbx_struct_special_symmetry.label_asym_id 
_pdbx_struct_special_symmetry.label_comp_id 
_pdbx_struct_special_symmetry.label_seq_id 
1 1 A HOH 980  ? C HOH . 
2 1 A HOH 1015 ? C HOH . 
3 1 A HOH 1022 ? C HOH . 
# 
loop_
_pdbx_distant_solvent_atoms.id 
_pdbx_distant_solvent_atoms.PDB_model_num 
_pdbx_distant_solvent_atoms.auth_atom_id 
_pdbx_distant_solvent_atoms.label_alt_id 
_pdbx_distant_solvent_atoms.auth_asym_id 
_pdbx_distant_solvent_atoms.auth_comp_id 
_pdbx_distant_solvent_atoms.auth_seq_id 
_pdbx_distant_solvent_atoms.PDB_ins_code 
_pdbx_distant_solvent_atoms.neighbor_macromolecule_distance 
_pdbx_distant_solvent_atoms.neighbor_ligand_distance 
1 1 O ? A HOH 1020 ? 6.43 . 
2 1 O ? A HOH 1021 ? 7.57 . 
3 1 O ? A HOH 1022 ? 7.71 . 
# 
loop_
_pdbx_unobs_or_zero_occ_residues.id 
_pdbx_unobs_or_zero_occ_residues.PDB_model_num 
_pdbx_unobs_or_zero_occ_residues.polymer_flag 
_pdbx_unobs_or_zero_occ_residues.occupancy_flag 
_pdbx_unobs_or_zero_occ_residues.auth_asym_id 
_pdbx_unobs_or_zero_occ_residues.auth_comp_id 
_pdbx_unobs_or_zero_occ_residues.auth_seq_id 
_pdbx_unobs_or_zero_occ_residues.PDB_ins_code 
_pdbx_unobs_or_zero_occ_residues.label_asym_id 
_pdbx_unobs_or_zero_occ_residues.label_comp_id 
_pdbx_unobs_or_zero_occ_residues.label_seq_id 
1  1 Y 1 A MET 486 ? A MET 1   
2  1 Y 1 A GLY 487 ? A GLY 2   
3  1 Y 1 A SER 488 ? A SER 3   
4  1 Y 1 A SER 489 ? A SER 4   
5  1 Y 1 A HIS 490 ? A HIS 5   
6  1 Y 1 A HIS 491 ? A HIS 6   
7  1 Y 1 A HIS 492 ? A HIS 7   
8  1 Y 1 A HIS 493 ? A HIS 8   
9  1 Y 1 A HIS 494 ? A HIS 9   
10 1 Y 1 A HIS 495 ? A HIS 10  
11 1 Y 1 A SER 496 ? A SER 11  
12 1 Y 1 A SER 497 ? A SER 12  
13 1 Y 1 A GLY 498 ? A GLY 13  
14 1 Y 1 A LEU 499 ? A LEU 14  
15 1 Y 1 A VAL 500 ? A VAL 15  
16 1 Y 1 A PRO 501 ? A PRO 16  
17 1 Y 1 A ALA 502 ? A ALA 17  
18 1 Y 1 A GLY 503 ? A GLY 18  
19 1 Y 1 A SER 504 ? A SER 19  
20 1 Y 1 A HIS 505 ? A HIS 20  
21 1 Y 1 A MET 506 ? A MET 21  
22 1 Y 1 A ASP 507 ? A ASP 22  
23 1 Y 1 A ALA 508 ? A ALA 23  
24 1 Y 1 A ALA 509 ? A ALA 24  
25 1 Y 1 A PRO 510 ? A PRO 25  
26 1 Y 1 A VAL 511 ? A VAL 26  
27 1 Y 1 A ALA 512 ? A ALA 27  
28 1 Y 1 A PRO 636 ? A PRO 151 
29 1 Y 1 A GLU 637 ? A GLU 152 
30 1 Y 1 A LEU 638 ? A LEU 153 
31 1 Y 1 A PRO 639 ? A PRO 154 
32 1 Y 1 A VAL 640 ? A VAL 155 
33 1 Y 1 A THR 641 ? A THR 156 
34 1 Y 1 A SER 642 ? A SER 157 
35 1 Y 1 A ASN 643 ? A ASN 158 
36 1 Y 1 A GLU 644 ? A GLU 159 
37 1 Y 1 A THR 645 ? A THR 160 
38 1 Y 1 A GLY 646 ? A GLY 161 
39 1 Y 1 A ARG 647 ? A ARG 162 
40 1 Y 1 A GLY 648 ? A GLY 163 
41 1 Y 1 A GLU 649 ? A GLU 164 
42 1 Y 1 A PRO 650 ? A PRO 165 
43 1 Y 1 A GLU 651 ? A GLU 166 
# 
loop_
_chem_comp_atom.comp_id 
_chem_comp_atom.atom_id 
_chem_comp_atom.type_symbol 
_chem_comp_atom.pdbx_aromatic_flag 
_chem_comp_atom.pdbx_stereo_config 
_chem_comp_atom.pdbx_ordinal 
ALA N    N  N N 1   
ALA CA   C  N S 2   
ALA C    C  N N 3   
ALA O    O  N N 4   
ALA CB   C  N N 5   
ALA OXT  O  N N 6   
ALA H    H  N N 7   
ALA H2   H  N N 8   
ALA HA   H  N N 9   
ALA HB1  H  N N 10  
ALA HB2  H  N N 11  
ALA HB3  H  N N 12  
ALA HXT  H  N N 13  
ARG N    N  N N 14  
ARG CA   C  N S 15  
ARG C    C  N N 16  
ARG O    O  N N 17  
ARG CB   C  N N 18  
ARG CG   C  N N 19  
ARG CD   C  N N 20  
ARG NE   N  N N 21  
ARG CZ   C  N N 22  
ARG NH1  N  N N 23  
ARG NH2  N  N N 24  
ARG OXT  O  N N 25  
ARG H    H  N N 26  
ARG H2   H  N N 27  
ARG HA   H  N N 28  
ARG HB2  H  N N 29  
ARG HB3  H  N N 30  
ARG HG2  H  N N 31  
ARG HG3  H  N N 32  
ARG HD2  H  N N 33  
ARG HD3  H  N N 34  
ARG HE   H  N N 35  
ARG HH11 H  N N 36  
ARG HH12 H  N N 37  
ARG HH21 H  N N 38  
ARG HH22 H  N N 39  
ARG HXT  H  N N 40  
ASN N    N  N N 41  
ASN CA   C  N S 42  
ASN C    C  N N 43  
ASN O    O  N N 44  
ASN CB   C  N N 45  
ASN CG   C  N N 46  
ASN OD1  O  N N 47  
ASN ND2  N  N N 48  
ASN OXT  O  N N 49  
ASN H    H  N N 50  
ASN H2   H  N N 51  
ASN HA   H  N N 52  
ASN HB2  H  N N 53  
ASN HB3  H  N N 54  
ASN HD21 H  N N 55  
ASN HD22 H  N N 56  
ASN HXT  H  N N 57  
ASP N    N  N N 58  
ASP CA   C  N S 59  
ASP C    C  N N 60  
ASP O    O  N N 61  
ASP CB   C  N N 62  
ASP CG   C  N N 63  
ASP OD1  O  N N 64  
ASP OD2  O  N N 65  
ASP OXT  O  N N 66  
ASP H    H  N N 67  
ASP H2   H  N N 68  
ASP HA   H  N N 69  
ASP HB2  H  N N 70  
ASP HB3  H  N N 71  
ASP HD2  H  N N 72  
ASP HXT  H  N N 73  
CA  CA   CA N N 74  
CYS N    N  N N 75  
CYS CA   C  N R 76  
CYS C    C  N N 77  
CYS O    O  N N 78  
CYS CB   C  N N 79  
CYS SG   S  N N 80  
CYS OXT  O  N N 81  
CYS H    H  N N 82  
CYS H2   H  N N 83  
CYS HA   H  N N 84  
CYS HB2  H  N N 85  
CYS HB3  H  N N 86  
CYS HG   H  N N 87  
CYS HXT  H  N N 88  
GLN N    N  N N 89  
GLN CA   C  N S 90  
GLN C    C  N N 91  
GLN O    O  N N 92  
GLN CB   C  N N 93  
GLN CG   C  N N 94  
GLN CD   C  N N 95  
GLN OE1  O  N N 96  
GLN NE2  N  N N 97  
GLN OXT  O  N N 98  
GLN H    H  N N 99  
GLN H2   H  N N 100 
GLN HA   H  N N 101 
GLN HB2  H  N N 102 
GLN HB3  H  N N 103 
GLN HG2  H  N N 104 
GLN HG3  H  N N 105 
GLN HE21 H  N N 106 
GLN HE22 H  N N 107 
GLN HXT  H  N N 108 
GLU N    N  N N 109 
GLU CA   C  N S 110 
GLU C    C  N N 111 
GLU O    O  N N 112 
GLU CB   C  N N 113 
GLU CG   C  N N 114 
GLU CD   C  N N 115 
GLU OE1  O  N N 116 
GLU OE2  O  N N 117 
GLU OXT  O  N N 118 
GLU H    H  N N 119 
GLU H2   H  N N 120 
GLU HA   H  N N 121 
GLU HB2  H  N N 122 
GLU HB3  H  N N 123 
GLU HG2  H  N N 124 
GLU HG3  H  N N 125 
GLU HE2  H  N N 126 
GLU HXT  H  N N 127 
GLY N    N  N N 128 
GLY CA   C  N N 129 
GLY C    C  N N 130 
GLY O    O  N N 131 
GLY OXT  O  N N 132 
GLY H    H  N N 133 
GLY H2   H  N N 134 
GLY HA2  H  N N 135 
GLY HA3  H  N N 136 
GLY HXT  H  N N 137 
HIS N    N  N N 138 
HIS CA   C  N S 139 
HIS C    C  N N 140 
HIS O    O  N N 141 
HIS CB   C  N N 142 
HIS CG   C  Y N 143 
HIS ND1  N  Y N 144 
HIS CD2  C  Y N 145 
HIS CE1  C  Y N 146 
HIS NE2  N  Y N 147 
HIS OXT  O  N N 148 
HIS H    H  N N 149 
HIS H2   H  N N 150 
HIS HA   H  N N 151 
HIS HB2  H  N N 152 
HIS HB3  H  N N 153 
HIS HD1  H  N N 154 
HIS HD2  H  N N 155 
HIS HE1  H  N N 156 
HIS HE2  H  N N 157 
HIS HXT  H  N N 158 
HOH O    O  N N 159 
HOH H1   H  N N 160 
HOH H2   H  N N 161 
ILE N    N  N N 162 
ILE CA   C  N S 163 
ILE C    C  N N 164 
ILE O    O  N N 165 
ILE CB   C  N S 166 
ILE CG1  C  N N 167 
ILE CG2  C  N N 168 
ILE CD1  C  N N 169 
ILE OXT  O  N N 170 
ILE H    H  N N 171 
ILE H2   H  N N 172 
ILE HA   H  N N 173 
ILE HB   H  N N 174 
ILE HG12 H  N N 175 
ILE HG13 H  N N 176 
ILE HG21 H  N N 177 
ILE HG22 H  N N 178 
ILE HG23 H  N N 179 
ILE HD11 H  N N 180 
ILE HD12 H  N N 181 
ILE HD13 H  N N 182 
ILE HXT  H  N N 183 
LEU N    N  N N 184 
LEU CA   C  N S 185 
LEU C    C  N N 186 
LEU O    O  N N 187 
LEU CB   C  N N 188 
LEU CG   C  N N 189 
LEU CD1  C  N N 190 
LEU CD2  C  N N 191 
LEU OXT  O  N N 192 
LEU H    H  N N 193 
LEU H2   H  N N 194 
LEU HA   H  N N 195 
LEU HB2  H  N N 196 
LEU HB3  H  N N 197 
LEU HG   H  N N 198 
LEU HD11 H  N N 199 
LEU HD12 H  N N 200 
LEU HD13 H  N N 201 
LEU HD21 H  N N 202 
LEU HD22 H  N N 203 
LEU HD23 H  N N 204 
LEU HXT  H  N N 205 
LYS N    N  N N 206 
LYS CA   C  N S 207 
LYS C    C  N N 208 
LYS O    O  N N 209 
LYS CB   C  N N 210 
LYS CG   C  N N 211 
LYS CD   C  N N 212 
LYS CE   C  N N 213 
LYS NZ   N  N N 214 
LYS OXT  O  N N 215 
LYS H    H  N N 216 
LYS H2   H  N N 217 
LYS HA   H  N N 218 
LYS HB2  H  N N 219 
LYS HB3  H  N N 220 
LYS HG2  H  N N 221 
LYS HG3  H  N N 222 
LYS HD2  H  N N 223 
LYS HD3  H  N N 224 
LYS HE2  H  N N 225 
LYS HE3  H  N N 226 
LYS HZ1  H  N N 227 
LYS HZ2  H  N N 228 
LYS HZ3  H  N N 229 
LYS HXT  H  N N 230 
MET N    N  N N 231 
MET CA   C  N S 232 
MET C    C  N N 233 
MET O    O  N N 234 
MET CB   C  N N 235 
MET CG   C  N N 236 
MET SD   S  N N 237 
MET CE   C  N N 238 
MET OXT  O  N N 239 
MET H    H  N N 240 
MET H2   H  N N 241 
MET HA   H  N N 242 
MET HB2  H  N N 243 
MET HB3  H  N N 244 
MET HG2  H  N N 245 
MET HG3  H  N N 246 
MET HE1  H  N N 247 
MET HE2  H  N N 248 
MET HE3  H  N N 249 
MET HXT  H  N N 250 
PHE N    N  N N 251 
PHE CA   C  N S 252 
PHE C    C  N N 253 
PHE O    O  N N 254 
PHE CB   C  N N 255 
PHE CG   C  Y N 256 
PHE CD1  C  Y N 257 
PHE CD2  C  Y N 258 
PHE CE1  C  Y N 259 
PHE CE2  C  Y N 260 
PHE CZ   C  Y N 261 
PHE OXT  O  N N 262 
PHE H    H  N N 263 
PHE H2   H  N N 264 
PHE HA   H  N N 265 
PHE HB2  H  N N 266 
PHE HB3  H  N N 267 
PHE HD1  H  N N 268 
PHE HD2  H  N N 269 
PHE HE1  H  N N 270 
PHE HE2  H  N N 271 
PHE HZ   H  N N 272 
PHE HXT  H  N N 273 
PRO N    N  N N 274 
PRO CA   C  N S 275 
PRO C    C  N N 276 
PRO O    O  N N 277 
PRO CB   C  N N 278 
PRO CG   C  N N 279 
PRO CD   C  N N 280 
PRO OXT  O  N N 281 
PRO H    H  N N 282 
PRO HA   H  N N 283 
PRO HB2  H  N N 284 
PRO HB3  H  N N 285 
PRO HG2  H  N N 286 
PRO HG3  H  N N 287 
PRO HD2  H  N N 288 
PRO HD3  H  N N 289 
PRO HXT  H  N N 290 
SER N    N  N N 291 
SER CA   C  N S 292 
SER C    C  N N 293 
SER O    O  N N 294 
SER CB   C  N N 295 
SER OG   O  N N 296 
SER OXT  O  N N 297 
SER H    H  N N 298 
SER H2   H  N N 299 
SER HA   H  N N 300 
SER HB2  H  N N 301 
SER HB3  H  N N 302 
SER HG   H  N N 303 
SER HXT  H  N N 304 
THR N    N  N N 305 
THR CA   C  N S 306 
THR C    C  N N 307 
THR O    O  N N 308 
THR CB   C  N R 309 
THR OG1  O  N N 310 
THR CG2  C  N N 311 
THR OXT  O  N N 312 
THR H    H  N N 313 
THR H2   H  N N 314 
THR HA   H  N N 315 
THR HB   H  N N 316 
THR HG1  H  N N 317 
THR HG21 H  N N 318 
THR HG22 H  N N 319 
THR HG23 H  N N 320 
THR HXT  H  N N 321 
TRP N    N  N N 322 
TRP CA   C  N S 323 
TRP C    C  N N 324 
TRP O    O  N N 325 
TRP CB   C  N N 326 
TRP CG   C  Y N 327 
TRP CD1  C  Y N 328 
TRP CD2  C  Y N 329 
TRP NE1  N  Y N 330 
TRP CE2  C  Y N 331 
TRP CE3  C  Y N 332 
TRP CZ2  C  Y N 333 
TRP CZ3  C  Y N 334 
TRP CH2  C  Y N 335 
TRP OXT  O  N N 336 
TRP H    H  N N 337 
TRP H2   H  N N 338 
TRP HA   H  N N 339 
TRP HB2  H  N N 340 
TRP HB3  H  N N 341 
TRP HD1  H  N N 342 
TRP HE1  H  N N 343 
TRP HE3  H  N N 344 
TRP HZ2  H  N N 345 
TRP HZ3  H  N N 346 
TRP HH2  H  N N 347 
TRP HXT  H  N N 348 
TYR N    N  N N 349 
TYR CA   C  N S 350 
TYR C    C  N N 351 
TYR O    O  N N 352 
TYR CB   C  N N 353 
TYR CG   C  Y N 354 
TYR CD1  C  Y N 355 
TYR CD2  C  Y N 356 
TYR CE1  C  Y N 357 
TYR CE2  C  Y N 358 
TYR CZ   C  Y N 359 
TYR OH   O  N N 360 
TYR OXT  O  N N 361 
TYR H    H  N N 362 
TYR H2   H  N N 363 
TYR HA   H  N N 364 
TYR HB2  H  N N 365 
TYR HB3  H  N N 366 
TYR HD1  H  N N 367 
TYR HD2  H  N N 368 
TYR HE1  H  N N 369 
TYR HE2  H  N N 370 
TYR HH   H  N N 371 
TYR HXT  H  N N 372 
VAL N    N  N N 373 
VAL CA   C  N S 374 
VAL C    C  N N 375 
VAL O    O  N N 376 
VAL CB   C  N N 377 
VAL CG1  C  N N 378 
VAL CG2  C  N N 379 
VAL OXT  O  N N 380 
VAL H    H  N N 381 
VAL H2   H  N N 382 
VAL HA   H  N N 383 
VAL HB   H  N N 384 
VAL HG11 H  N N 385 
VAL HG12 H  N N 386 
VAL HG13 H  N N 387 
VAL HG21 H  N N 388 
VAL HG22 H  N N 389 
VAL HG23 H  N N 390 
VAL HXT  H  N N 391 
# 
loop_
_chem_comp_bond.comp_id 
_chem_comp_bond.atom_id_1 
_chem_comp_bond.atom_id_2 
_chem_comp_bond.value_order 
_chem_comp_bond.pdbx_aromatic_flag 
_chem_comp_bond.pdbx_stereo_config 
_chem_comp_bond.pdbx_ordinal 
ALA N   CA   sing N N 1   
ALA N   H    sing N N 2   
ALA N   H2   sing N N 3   
ALA CA  C    sing N N 4   
ALA CA  CB   sing N N 5   
ALA CA  HA   sing N N 6   
ALA C   O    doub N N 7   
ALA C   OXT  sing N N 8   
ALA CB  HB1  sing N N 9   
ALA CB  HB2  sing N N 10  
ALA CB  HB3  sing N N 11  
ALA OXT HXT  sing N N 12  
ARG N   CA   sing N N 13  
ARG N   H    sing N N 14  
ARG N   H2   sing N N 15  
ARG CA  C    sing N N 16  
ARG CA  CB   sing N N 17  
ARG CA  HA   sing N N 18  
ARG C   O    doub N N 19  
ARG C   OXT  sing N N 20  
ARG CB  CG   sing N N 21  
ARG CB  HB2  sing N N 22  
ARG CB  HB3  sing N N 23  
ARG CG  CD   sing N N 24  
ARG CG  HG2  sing N N 25  
ARG CG  HG3  sing N N 26  
ARG CD  NE   sing N N 27  
ARG CD  HD2  sing N N 28  
ARG CD  HD3  sing N N 29  
ARG NE  CZ   sing N N 30  
ARG NE  HE   sing N N 31  
ARG CZ  NH1  sing N N 32  
ARG CZ  NH2  doub N N 33  
ARG NH1 HH11 sing N N 34  
ARG NH1 HH12 sing N N 35  
ARG NH2 HH21 sing N N 36  
ARG NH2 HH22 sing N N 37  
ARG OXT HXT  sing N N 38  
ASN N   CA   sing N N 39  
ASN N   H    sing N N 40  
ASN N   H2   sing N N 41  
ASN CA  C    sing N N 42  
ASN CA  CB   sing N N 43  
ASN CA  HA   sing N N 44  
ASN C   O    doub N N 45  
ASN C   OXT  sing N N 46  
ASN CB  CG   sing N N 47  
ASN CB  HB2  sing N N 48  
ASN CB  HB3  sing N N 49  
ASN CG  OD1  doub N N 50  
ASN CG  ND2  sing N N 51  
ASN ND2 HD21 sing N N 52  
ASN ND2 HD22 sing N N 53  
ASN OXT HXT  sing N N 54  
ASP N   CA   sing N N 55  
ASP N   H    sing N N 56  
ASP N   H2   sing N N 57  
ASP CA  C    sing N N 58  
ASP CA  CB   sing N N 59  
ASP CA  HA   sing N N 60  
ASP C   O    doub N N 61  
ASP C   OXT  sing N N 62  
ASP CB  CG   sing N N 63  
ASP CB  HB2  sing N N 64  
ASP CB  HB3  sing N N 65  
ASP CG  OD1  doub N N 66  
ASP CG  OD2  sing N N 67  
ASP OD2 HD2  sing N N 68  
ASP OXT HXT  sing N N 69  
CYS N   CA   sing N N 70  
CYS N   H    sing N N 71  
CYS N   H2   sing N N 72  
CYS CA  C    sing N N 73  
CYS CA  CB   sing N N 74  
CYS CA  HA   sing N N 75  
CYS C   O    doub N N 76  
CYS C   OXT  sing N N 77  
CYS CB  SG   sing N N 78  
CYS CB  HB2  sing N N 79  
CYS CB  HB3  sing N N 80  
CYS SG  HG   sing N N 81  
CYS OXT HXT  sing N N 82  
GLN N   CA   sing N N 83  
GLN N   H    sing N N 84  
GLN N   H2   sing N N 85  
GLN CA  C    sing N N 86  
GLN CA  CB   sing N N 87  
GLN CA  HA   sing N N 88  
GLN C   O    doub N N 89  
GLN C   OXT  sing N N 90  
GLN CB  CG   sing N N 91  
GLN CB  HB2  sing N N 92  
GLN CB  HB3  sing N N 93  
GLN CG  CD   sing N N 94  
GLN CG  HG2  sing N N 95  
GLN CG  HG3  sing N N 96  
GLN CD  OE1  doub N N 97  
GLN CD  NE2  sing N N 98  
GLN NE2 HE21 sing N N 99  
GLN NE2 HE22 sing N N 100 
GLN OXT HXT  sing N N 101 
GLU N   CA   sing N N 102 
GLU N   H    sing N N 103 
GLU N   H2   sing N N 104 
GLU CA  C    sing N N 105 
GLU CA  CB   sing N N 106 
GLU CA  HA   sing N N 107 
GLU C   O    doub N N 108 
GLU C   OXT  sing N N 109 
GLU CB  CG   sing N N 110 
GLU CB  HB2  sing N N 111 
GLU CB  HB3  sing N N 112 
GLU CG  CD   sing N N 113 
GLU CG  HG2  sing N N 114 
GLU CG  HG3  sing N N 115 
GLU CD  OE1  doub N N 116 
GLU CD  OE2  sing N N 117 
GLU OE2 HE2  sing N N 118 
GLU OXT HXT  sing N N 119 
GLY N   CA   sing N N 120 
GLY N   H    sing N N 121 
GLY N   H2   sing N N 122 
GLY CA  C    sing N N 123 
GLY CA  HA2  sing N N 124 
GLY CA  HA3  sing N N 125 
GLY C   O    doub N N 126 
GLY C   OXT  sing N N 127 
GLY OXT HXT  sing N N 128 
HIS N   CA   sing N N 129 
HIS N   H    sing N N 130 
HIS N   H2   sing N N 131 
HIS CA  C    sing N N 132 
HIS CA  CB   sing N N 133 
HIS CA  HA   sing N N 134 
HIS C   O    doub N N 135 
HIS C   OXT  sing N N 136 
HIS CB  CG   sing N N 137 
HIS CB  HB2  sing N N 138 
HIS CB  HB3  sing N N 139 
HIS CG  ND1  sing Y N 140 
HIS CG  CD2  doub Y N 141 
HIS ND1 CE1  doub Y N 142 
HIS ND1 HD1  sing N N 143 
HIS CD2 NE2  sing Y N 144 
HIS CD2 HD2  sing N N 145 
HIS CE1 NE2  sing Y N 146 
HIS CE1 HE1  sing N N 147 
HIS NE2 HE2  sing N N 148 
HIS OXT HXT  sing N N 149 
HOH O   H1   sing N N 150 
HOH O   H2   sing N N 151 
ILE N   CA   sing N N 152 
ILE N   H    sing N N 153 
ILE N   H2   sing N N 154 
ILE CA  C    sing N N 155 
ILE CA  CB   sing N N 156 
ILE CA  HA   sing N N 157 
ILE C   O    doub N N 158 
ILE C   OXT  sing N N 159 
ILE CB  CG1  sing N N 160 
ILE CB  CG2  sing N N 161 
ILE CB  HB   sing N N 162 
ILE CG1 CD1  sing N N 163 
ILE CG1 HG12 sing N N 164 
ILE CG1 HG13 sing N N 165 
ILE CG2 HG21 sing N N 166 
ILE CG2 HG22 sing N N 167 
ILE CG2 HG23 sing N N 168 
ILE CD1 HD11 sing N N 169 
ILE CD1 HD12 sing N N 170 
ILE CD1 HD13 sing N N 171 
ILE OXT HXT  sing N N 172 
LEU N   CA   sing N N 173 
LEU N   H    sing N N 174 
LEU N   H2   sing N N 175 
LEU CA  C    sing N N 176 
LEU CA  CB   sing N N 177 
LEU CA  HA   sing N N 178 
LEU C   O    doub N N 179 
LEU C   OXT  sing N N 180 
LEU CB  CG   sing N N 181 
LEU CB  HB2  sing N N 182 
LEU CB  HB3  sing N N 183 
LEU CG  CD1  sing N N 184 
LEU CG  CD2  sing N N 185 
LEU CG  HG   sing N N 186 
LEU CD1 HD11 sing N N 187 
LEU CD1 HD12 sing N N 188 
LEU CD1 HD13 sing N N 189 
LEU CD2 HD21 sing N N 190 
LEU CD2 HD22 sing N N 191 
LEU CD2 HD23 sing N N 192 
LEU OXT HXT  sing N N 193 
LYS N   CA   sing N N 194 
LYS N   H    sing N N 195 
LYS N   H2   sing N N 196 
LYS CA  C    sing N N 197 
LYS CA  CB   sing N N 198 
LYS CA  HA   sing N N 199 
LYS C   O    doub N N 200 
LYS C   OXT  sing N N 201 
LYS CB  CG   sing N N 202 
LYS CB  HB2  sing N N 203 
LYS CB  HB3  sing N N 204 
LYS CG  CD   sing N N 205 
LYS CG  HG2  sing N N 206 
LYS CG  HG3  sing N N 207 
LYS CD  CE   sing N N 208 
LYS CD  HD2  sing N N 209 
LYS CD  HD3  sing N N 210 
LYS CE  NZ   sing N N 211 
LYS CE  HE2  sing N N 212 
LYS CE  HE3  sing N N 213 
LYS NZ  HZ1  sing N N 214 
LYS NZ  HZ2  sing N N 215 
LYS NZ  HZ3  sing N N 216 
LYS OXT HXT  sing N N 217 
MET N   CA   sing N N 218 
MET N   H    sing N N 219 
MET N   H2   sing N N 220 
MET CA  C    sing N N 221 
MET CA  CB   sing N N 222 
MET CA  HA   sing N N 223 
MET C   O    doub N N 224 
MET C   OXT  sing N N 225 
MET CB  CG   sing N N 226 
MET CB  HB2  sing N N 227 
MET CB  HB3  sing N N 228 
MET CG  SD   sing N N 229 
MET CG  HG2  sing N N 230 
MET CG  HG3  sing N N 231 
MET SD  CE   sing N N 232 
MET CE  HE1  sing N N 233 
MET CE  HE2  sing N N 234 
MET CE  HE3  sing N N 235 
MET OXT HXT  sing N N 236 
PHE N   CA   sing N N 237 
PHE N   H    sing N N 238 
PHE N   H2   sing N N 239 
PHE CA  C    sing N N 240 
PHE CA  CB   sing N N 241 
PHE CA  HA   sing N N 242 
PHE C   O    doub N N 243 
PHE C   OXT  sing N N 244 
PHE CB  CG   sing N N 245 
PHE CB  HB2  sing N N 246 
PHE CB  HB3  sing N N 247 
PHE CG  CD1  doub Y N 248 
PHE CG  CD2  sing Y N 249 
PHE CD1 CE1  sing Y N 250 
PHE CD1 HD1  sing N N 251 
PHE CD2 CE2  doub Y N 252 
PHE CD2 HD2  sing N N 253 
PHE CE1 CZ   doub Y N 254 
PHE CE1 HE1  sing N N 255 
PHE CE2 CZ   sing Y N 256 
PHE CE2 HE2  sing N N 257 
PHE CZ  HZ   sing N N 258 
PHE OXT HXT  sing N N 259 
PRO N   CA   sing N N 260 
PRO N   CD   sing N N 261 
PRO N   H    sing N N 262 
PRO CA  C    sing N N 263 
PRO CA  CB   sing N N 264 
PRO CA  HA   sing N N 265 
PRO C   O    doub N N 266 
PRO C   OXT  sing N N 267 
PRO CB  CG   sing N N 268 
PRO CB  HB2  sing N N 269 
PRO CB  HB3  sing N N 270 
PRO CG  CD   sing N N 271 
PRO CG  HG2  sing N N 272 
PRO CG  HG3  sing N N 273 
PRO CD  HD2  sing N N 274 
PRO CD  HD3  sing N N 275 
PRO OXT HXT  sing N N 276 
SER N   CA   sing N N 277 
SER N   H    sing N N 278 
SER N   H2   sing N N 279 
SER CA  C    sing N N 280 
SER CA  CB   sing N N 281 
SER CA  HA   sing N N 282 
SER C   O    doub N N 283 
SER C   OXT  sing N N 284 
SER CB  OG   sing N N 285 
SER CB  HB2  sing N N 286 
SER CB  HB3  sing N N 287 
SER OG  HG   sing N N 288 
SER OXT HXT  sing N N 289 
THR N   CA   sing N N 290 
THR N   H    sing N N 291 
THR N   H2   sing N N 292 
THR CA  C    sing N N 293 
THR CA  CB   sing N N 294 
THR CA  HA   sing N N 295 
THR C   O    doub N N 296 
THR C   OXT  sing N N 297 
THR CB  OG1  sing N N 298 
THR CB  CG2  sing N N 299 
THR CB  HB   sing N N 300 
THR OG1 HG1  sing N N 301 
THR CG2 HG21 sing N N 302 
THR CG2 HG22 sing N N 303 
THR CG2 HG23 sing N N 304 
THR OXT HXT  sing N N 305 
TRP N   CA   sing N N 306 
TRP N   H    sing N N 307 
TRP N   H2   sing N N 308 
TRP CA  C    sing N N 309 
TRP CA  CB   sing N N 310 
TRP CA  HA   sing N N 311 
TRP C   O    doub N N 312 
TRP C   OXT  sing N N 313 
TRP CB  CG   sing N N 314 
TRP CB  HB2  sing N N 315 
TRP CB  HB3  sing N N 316 
TRP CG  CD1  doub Y N 317 
TRP CG  CD2  sing Y N 318 
TRP CD1 NE1  sing Y N 319 
TRP CD1 HD1  sing N N 320 
TRP CD2 CE2  doub Y N 321 
TRP CD2 CE3  sing Y N 322 
TRP NE1 CE2  sing Y N 323 
TRP NE1 HE1  sing N N 324 
TRP CE2 CZ2  sing Y N 325 
TRP CE3 CZ3  doub Y N 326 
TRP CE3 HE3  sing N N 327 
TRP CZ2 CH2  doub Y N 328 
TRP CZ2 HZ2  sing N N 329 
TRP CZ3 CH2  sing Y N 330 
TRP CZ3 HZ3  sing N N 331 
TRP CH2 HH2  sing N N 332 
TRP OXT HXT  sing N N 333 
TYR N   CA   sing N N 334 
TYR N   H    sing N N 335 
TYR N   H2   sing N N 336 
TYR CA  C    sing N N 337 
TYR CA  CB   sing N N 338 
TYR CA  HA   sing N N 339 
TYR C   O    doub N N 340 
TYR C   OXT  sing N N 341 
TYR CB  CG   sing N N 342 
TYR CB  HB2  sing N N 343 
TYR CB  HB3  sing N N 344 
TYR CG  CD1  doub Y N 345 
TYR CG  CD2  sing Y N 346 
TYR CD1 CE1  sing Y N 347 
TYR CD1 HD1  sing N N 348 
TYR CD2 CE2  doub Y N 349 
TYR CD2 HD2  sing N N 350 
TYR CE1 CZ   doub Y N 351 
TYR CE1 HE1  sing N N 352 
TYR CE2 CZ   sing Y N 353 
TYR CE2 HE2  sing N N 354 
TYR CZ  OH   sing N N 355 
TYR OH  HH   sing N N 356 
TYR OXT HXT  sing N N 357 
VAL N   CA   sing N N 358 
VAL N   H    sing N N 359 
VAL N   H2   sing N N 360 
VAL CA  C    sing N N 361 
VAL CA  CB   sing N N 362 
VAL CA  HA   sing N N 363 
VAL C   O    doub N N 364 
VAL C   OXT  sing N N 365 
VAL CB  CG1  sing N N 366 
VAL CB  CG2  sing N N 367 
VAL CB  HB   sing N N 368 
VAL CG1 HG11 sing N N 369 
VAL CG1 HG12 sing N N 370 
VAL CG1 HG13 sing N N 371 
VAL CG2 HG21 sing N N 372 
VAL CG2 HG22 sing N N 373 
VAL CG2 HG23 sing N N 374 
VAL OXT HXT  sing N N 375 
# 
_pdbx_initial_refinement_model.id               1 
_pdbx_initial_refinement_model.entity_id_list   ? 
_pdbx_initial_refinement_model.type             'experimental model' 
_pdbx_initial_refinement_model.source_name      PDB 
_pdbx_initial_refinement_model.accession_code   2R25 
_pdbx_initial_refinement_model.details          ? 
# 
_atom_sites.entry_id                    7CFW 
_atom_sites.Cartn_transf_matrix[1][1]   ? 
_atom_sites.Cartn_transf_matrix[1][2]   ? 
_atom_sites.Cartn_transf_matrix[1][3]   ? 
_atom_sites.Cartn_transf_matrix[2][1]   ? 
_atom_sites.Cartn_transf_matrix[2][2]   ? 
_atom_sites.Cartn_transf_matrix[2][3]   ? 
_atom_sites.Cartn_transf_matrix[3][1]   ? 
_atom_sites.Cartn_transf_matrix[3][2]   ? 
_atom_sites.Cartn_transf_matrix[3][3]   ? 
_atom_sites.Cartn_transf_vector[1]      ? 
_atom_sites.Cartn_transf_vector[2]      ? 
_atom_sites.Cartn_transf_vector[3]      ? 
_atom_sites.fract_transf_matrix[1][1]   -0.01888451 
_atom_sites.fract_transf_matrix[1][2]   -0.00488931 
_atom_sites.fract_transf_matrix[1][3]   -0.00769355 
_atom_sites.fract_transf_matrix[2][1]   -0.00452293 
_atom_sites.fract_transf_matrix[2][2]   0.00407566 
_atom_sites.fract_transf_matrix[2][3]   -0.02006671 
_atom_sites.fract_transf_matrix[3][1]   0.00493036 
_atom_sites.fract_transf_matrix[3][2]   -0.01310584 
_atom_sites.fract_transf_matrix[3][3]   -0.00377314 
_atom_sites.fract_transf_vector[1]      -0.463294 
_atom_sites.fract_transf_vector[2]      -0.199313 
_atom_sites.fract_transf_vector[3]      0.069048 
_atom_sites.solution_primary            ? 
_atom_sites.solution_secondary          ? 
_atom_sites.solution_hydrogens          ? 
_atom_sites.special_details             ? 
# 
loop_
_atom_type.symbol 
C  
CA 
N  
O  
S  
# 
loop_
_atom_site.group_PDB 
_atom_site.id 
_atom_site.type_symbol 
_atom_site.label_atom_id 
_atom_site.label_alt_id 
_atom_site.label_comp_id 
_atom_site.label_asym_id 
_atom_site.label_entity_id 
_atom_site.label_seq_id 
_atom_site.pdbx_PDB_ins_code 
_atom_site.Cartn_x 
_atom_site.Cartn_y 
_atom_site.Cartn_z 
_atom_site.occupancy 
_atom_site.B_iso_or_equiv 
_atom_site.pdbx_formal_charge 
_atom_site.auth_seq_id 
_atom_site.auth_comp_id 
_atom_site.auth_asym_id 
_atom_site.auth_atom_id 
_atom_site.pdbx_PDB_model_num 
ATOM   1    N  N   . ALA A 1 28  ? -16.015 6.518   -9.424  1.00 41.95 ? 513  ALA A N   1 
ATOM   2    C  CA  . ALA A 1 28  ? -15.126 6.231   -10.610 1.00 41.36 ? 513  ALA A CA  1 
ATOM   3    C  C   . ALA A 1 28  ? -13.650 6.305   -10.203 1.00 41.77 ? 513  ALA A C   1 
ATOM   4    O  O   . ALA A 1 28  ? -13.341 6.978   -9.184  1.00 45.44 ? 513  ALA A O   1 
ATOM   5    C  CB  . ALA A 1 28  ? -15.420 7.196   -11.733 1.00 43.69 ? 513  ALA A CB  1 
ATOM   6    N  N   . GLY A 1 29  ? -12.775 5.660   -10.985 1.00 34.26 ? 514  GLY A N   1 
ATOM   7    C  CA  . GLY A 1 29  ? -11.319 5.634   -10.753 1.00 28.62 ? 514  GLY A CA  1 
ATOM   8    C  C   . GLY A 1 29  ? -10.824 4.230   -10.436 1.00 25.73 ? 514  GLY A C   1 
ATOM   9    O  O   . GLY A 1 29  ? -11.583 3.404   -9.934  1.00 26.98 ? 514  GLY A O   1 
ATOM   10   N  N   . GLN A 1 30  ? -9.551  3.981   -10.694 1.00 21.67 ? 515  GLN A N   1 
ATOM   11   C  CA  . GLN A 1 30  ? -8.857  2.749   -10.245 1.00 17.93 ? 515  GLN A CA  1 
ATOM   12   C  C   . GLN A 1 30  ? -8.989  2.600   -8.717  1.00 16.96 ? 515  GLN A C   1 
ATOM   13   O  O   . GLN A 1 30  ? -9.062  3.630   -7.978  1.00 19.05 ? 515  GLN A O   1 
ATOM   14   C  CB  . GLN A 1 30  ? -7.421  2.837   -10.745 1.00 17.24 ? 515  GLN A CB  1 
ATOM   15   C  CG  . GLN A 1 30  ? -7.311  2.650   -12.264 1.00 18.12 ? 515  GLN A CG  1 
ATOM   16   C  CD  . GLN A 1 30  ? -5.943  3.029   -12.761 1.00 17.59 ? 515  GLN A CD  1 
ATOM   17   O  OE1 . GLN A 1 30  ? -5.244  2.225   -13.372 1.00 21.71 ? 515  GLN A OE1 1 
ATOM   18   N  NE2 . GLN A 1 30  ? -5.542  4.242   -12.477 1.00 18.31 ? 515  GLN A NE2 1 
ATOM   19   N  N   A GLU A 1 31  ? -9.022  1.358   -8.245  0.50 16.48 ? 516  GLU A N   1 
ATOM   20   N  N   B GLU A 1 31  ? -8.929  1.339   -8.300  0.50 15.58 ? 516  GLU A N   1 
ATOM   21   C  CA  A GLU A 1 31  ? -9.255  1.032   -6.811  0.50 16.39 ? 516  GLU A CA  1 
ATOM   22   C  CA  B GLU A 1 31  ? -9.141  0.848   -6.914  0.50 14.89 ? 516  GLU A CA  1 
ATOM   23   C  C   A GLU A 1 31  ? -7.928  0.715   -6.113  0.50 13.81 ? 516  GLU A C   1 
ATOM   24   C  C   B GLU A 1 31  ? -7.791  0.755   -6.182  0.50 12.79 ? 516  GLU A C   1 
ATOM   25   O  O   A GLU A 1 31  ? -7.233  -0.245  -6.522  0.50 14.01 ? 516  GLU A O   1 
ATOM   26   O  O   B GLU A 1 31  ? -6.886  0.009   -6.654  0.50 11.40 ? 516  GLU A O   1 
ATOM   27   C  CB  A GLU A 1 31  ? -10.212 -0.146  -6.637  0.50 18.62 ? 516  GLU A CB  1 
ATOM   28   C  CB  B GLU A 1 31  ? -9.845  -0.510  -6.947  0.50 16.46 ? 516  GLU A CB  1 
ATOM   29   C  CG  A GLU A 1 31  ? -11.583 0.055   -7.275  0.50 20.45 ? 516  GLU A CG  1 
ATOM   30   C  CG  B GLU A 1 31  ? -11.214 -0.491  -7.635  0.50 18.02 ? 516  GLU A CG  1 
ATOM   31   C  CD  A GLU A 1 31  ? -12.686 -0.898  -6.828  0.50 24.09 ? 516  GLU A CD  1 
ATOM   32   C  CD  B GLU A 1 31  ? -12.364 0.111   -6.838  0.50 18.83 ? 516  GLU A CD  1 
ATOM   33   O  OE1 A GLU A 1 31  ? -12.511 -2.127  -6.944  0.50 28.46 ? 516  GLU A OE1 1 
ATOM   34   O  OE1 B GLU A 1 31  ? -12.162 0.445   -5.657  0.50 22.94 ? 516  GLU A OE1 1 
ATOM   35   O  OE2 A GLU A 1 31  ? -13.734 -0.400  -6.370  0.50 27.97 ? 516  GLU A OE2 1 
ATOM   36   O  OE2 B GLU A 1 31  ? -13.496 0.205   -7.396  0.50 22.00 ? 516  GLU A OE2 1 
ATOM   37   N  N   . ILE A 1 32  ? -7.623  1.525   -5.108  1.00 11.97 ? 517  ILE A N   1 
ATOM   38   C  CA  . ILE A 1 32  ? -6.392  1.462   -4.290  1.00 11.66 ? 517  ILE A CA  1 
ATOM   39   C  C   . ILE A 1 32  ? -6.760  0.902   -2.918  1.00 11.11 ? 517  ILE A C   1 
ATOM   40   O  O   . ILE A 1 32  ? -7.691  1.427   -2.245  1.00 11.74 ? 517  ILE A O   1 
ATOM   41   C  CB  . ILE A 1 32  ? -5.736  2.855   -4.143  1.00 12.42 ? 517  ILE A CB  1 
ATOM   42   C  CG1 . ILE A 1 32  ? -5.543  3.539   -5.499  1.00 13.34 ? 517  ILE A CG1 1 
ATOM   43   C  CG2 . ILE A 1 32  ? -4.416  2.757   -3.401  1.00 12.52 ? 517  ILE A CG2 1 
ATOM   44   C  CD1 . ILE A 1 32  ? -4.602  2.833   -6.452  1.00 13.96 ? 517  ILE A CD1 1 
ATOM   45   N  N   . LEU A 1 33  ? -6.033  -0.105  -2.470  1.00 10.42 ? 518  LEU A N   1 
ATOM   46   C  CA  . LEU A 1 33  ? -6.085  -0.579  -1.066  1.00 10.30 ? 518  LEU A CA  1 
ATOM   47   C  C   . LEU A 1 33  ? -5.005  0.154   -0.279  1.00 9.97  ? 518  LEU A C   1 
ATOM   48   O  O   . LEU A 1 33  ? -3.822  0.015   -0.606  1.00 11.10 ? 518  LEU A O   1 
ATOM   49   C  CB  . LEU A 1 33  ? -5.849  -2.076  -1.006  1.00 9.98  ? 518  LEU A CB  1 
ATOM   50   C  CG  . LEU A 1 33  ? -5.863  -2.699  0.386   1.00 10.96 ? 518  LEU A CG  1 
ATOM   51   C  CD1 . LEU A 1 33  ? -7.242  -2.536  1.013   1.00 12.84 ? 518  LEU A CD1 1 
ATOM   52   C  CD2 . LEU A 1 33  ? -5.457  -4.128  0.322   1.00 11.20 ? 518  LEU A CD2 1 
ATOM   53   N  N   . LEU A 1 34  ? -5.404  0.960   0.674   1.00 10.16 ? 519  LEU A N   1 
ATOM   54   C  CA  . LEU A 1 34  ? -4.516  1.718   1.540   1.00 9.55  ? 519  LEU A CA  1 
ATOM   55   C  C   . LEU A 1 34  ? -4.422  0.993   2.864   1.00 10.12 ? 519  LEU A C   1 
ATOM   56   O  O   . LEU A 1 34  ? -5.488  0.818   3.509   1.00 9.34  ? 519  LEU A O   1 
ATOM   57   C  CB  . LEU A 1 34  ? -5.035  3.135   1.752   1.00 10.07 ? 519  LEU A CB  1 
ATOM   58   C  CG  . LEU A 1 34  ? -4.269  3.972   2.759   1.00 10.43 ? 519  LEU A CG  1 
ATOM   59   C  CD1 . LEU A 1 34  ? -2.780  4.107   2.392   1.00 11.36 ? 519  LEU A CD1 1 
ATOM   60   C  CD2 . LEU A 1 34  ? -4.919  5.342   2.873   1.00 11.43 ? 519  LEU A CD2 1 
ATOM   61   N  N   . VAL A 1 35  ? -3.234  0.554   3.213   1.00 9.04  ? 520  VAL A N   1 
ATOM   62   C  CA  . VAL A 1 35  ? -2.961  -0.142  4.493   1.00 9.07  ? 520  VAL A CA  1 
ATOM   63   C  C   . VAL A 1 35  ? -2.176  0.837   5.359   1.00 9.59  ? 520  VAL A C   1 
ATOM   64   O  O   . VAL A 1 35  ? -0.997  1.086   5.144   1.00 10.59 ? 520  VAL A O   1 
ATOM   65   C  CB  . VAL A 1 35  ? -2.182  -1.438  4.277   1.00 8.99  ? 520  VAL A CB  1 
ATOM   66   C  CG1 . VAL A 1 35  ? -2.122  -2.215  5.594   1.00 8.81  ? 520  VAL A CG1 1 
ATOM   67   C  CG2 . VAL A 1 35  ? -2.734  -2.278  3.155   1.00 9.23  ? 520  VAL A CG2 1 
ATOM   68   N  N   . GLU A 1 36  ? -2.834  1.443   6.337   1.00 9.59  ? 521  GLU A N   1 
ATOM   69   C  CA  . GLU A 1 36  ? -2.281  2.556   7.145   1.00 10.40 ? 521  GLU A CA  1 
ATOM   70   C  C   . GLU A 1 36  ? -3.013  2.557   8.492   1.00 10.05 ? 521  GLU A C   1 
ATOM   71   O  O   . GLU A 1 36  ? -4.255  2.602   8.475   1.00 10.52 ? 521  GLU A O   1 
ATOM   72   C  CB  . GLU A 1 36  ? -2.512  3.888   6.410   1.00 10.93 ? 521  GLU A CB  1 
ATOM   73   C  CG  . GLU A 1 36  ? -2.188  5.160   7.174   1.00 11.57 ? 521  GLU A CG  1 
ATOM   74   C  CD  . GLU A 1 36  ? -0.769  5.205   7.652   1.00 12.07 ? 521  GLU A CD  1 
ATOM   75   O  OE1 . GLU A 1 36  ? 0.152   5.306   6.787   1.00 13.51 ? 521  GLU A OE1 1 
ATOM   76   O  OE2 . GLU A 1 36  ? -0.542  5.159   8.853   1.00 13.30 ? 521  GLU A OE2 1 
ATOM   77   N  N   . ASP A 1 37  ? -2.275  2.587   9.572   1.00 10.26 ? 522  ASP A N   1 
ATOM   78   C  CA  . ASP A 1 37  ? -2.887  2.489   10.912  1.00 11.21 ? 522  ASP A CA  1 
ATOM   79   C  C   . ASP A 1 37  ? -3.049  3.860   11.559  1.00 11.51 ? 522  ASP A C   1 
ATOM   80   O  O   . ASP A 1 37  ? -3.905  3.998   12.448  1.00 12.52 ? 522  ASP A O   1 
ATOM   81   C  CB  . ASP A 1 37  ? -2.074  1.576   11.806  1.00 12.48 ? 522  ASP A CB  1 
ATOM   82   C  CG  . ASP A 1 37  ? -0.682  2.083   12.018  1.00 13.82 ? 522  ASP A CG  1 
ATOM   83   O  OD1 . ASP A 1 37  ? 0.028   2.310   11.037  1.00 13.21 ? 522  ASP A OD1 1 
ATOM   84   O  OD2 . ASP A 1 37  ? -0.291  2.268   13.196  1.00 21.30 ? 522  ASP A OD2 1 
ATOM   85   N  N   A ASN A 1 38  ? -2.275  4.861   11.173  0.50 10.45 ? 523  ASN A N   1 
ATOM   86   N  N   B ASN A 1 38  ? -2.237  4.852   11.210  0.50 10.32 ? 523  ASN A N   1 
ATOM   87   C  CA  A ASN A 1 38  ? -2.289  6.121   11.939  0.50 10.66 ? 523  ASN A CA  1 
ATOM   88   C  CA  B ASN A 1 38  ? -2.271  6.150   11.924  0.50 10.47 ? 523  ASN A CA  1 
ATOM   89   C  C   A ASN A 1 38  ? -3.454  6.963   11.443  0.50 10.60 ? 523  ASN A C   1 
ATOM   90   C  C   B ASN A 1 38  ? -3.464  6.954   11.437  0.50 10.47 ? 523  ASN A C   1 
ATOM   91   O  O   A ASN A 1 38  ? -3.621  7.172   10.242  0.50 10.13 ? 523  ASN A O   1 
ATOM   92   O  O   B ASN A 1 38  ? -3.641  7.150   10.233  0.50 10.06 ? 523  ASN A O   1 
ATOM   93   C  CB  A ASN A 1 38  ? -0.928  6.801   11.850  0.50 9.97  ? 523  ASN A CB  1 
ATOM   94   C  CB  B ASN A 1 38  ? -0.966  6.921   11.727  0.50 9.57  ? 523  ASN A CB  1 
ATOM   95   C  CG  A ASN A 1 38  ? -0.943  8.166   12.508  0.50 9.31  ? 523  ASN A CG  1 
ATOM   96   C  CG  B ASN A 1 38  ? -1.091  8.396   12.077  0.50 8.74  ? 523  ASN A CG  1 
ATOM   97   O  OD1 A ASN A 1 38  ? -0.715  8.280   13.711  0.50 10.29 ? 523  ASN A OD1 1 
ATOM   98   O  OD1 B ASN A 1 38  ? -1.287  9.213   11.201  0.50 8.91  ? 523  ASN A OD1 1 
ATOM   99   N  ND2 A ASN A 1 38  ? -1.287  9.177   11.734  0.50 9.10  ? 523  ASN A ND2 1 
ATOM   100  N  ND2 B ASN A 1 38  ? -1.062  8.758   13.343  0.50 8.44  ? 523  ASN A ND2 1 
ATOM   101  N  N   . PRO A 1 39  ? -4.307  7.497   12.358  1.00 10.60 ? 524  PRO A N   1 
ATOM   102  C  CA  . PRO A 1 39  ? -5.521  8.180   11.921  1.00 11.00 ? 524  PRO A CA  1 
ATOM   103  C  C   . PRO A 1 39  ? -5.316  9.387   10.993  1.00 10.31 ? 524  PRO A C   1 
ATOM   104  O  O   . PRO A 1 39  ? -6.098  9.616   10.092  1.00 11.69 ? 524  PRO A O   1 
ATOM   105  C  CB  . PRO A 1 39  ? -6.238  8.562   13.228  1.00 11.69 ? 524  PRO A CB  1 
ATOM   106  C  CG  . PRO A 1 39  ? -5.166  8.462   14.291  1.00 13.20 ? 524  PRO A CG  1 
ATOM   107  C  CD  . PRO A 1 39  ? -4.212  7.378   13.815  1.00 11.76 ? 524  PRO A CD  1 
ATOM   108  N  N   . VAL A 1 40  ? -4.313  10.207  11.299  1.00 10.52 ? 525  VAL A N   1 
ATOM   109  C  CA  . VAL A 1 40  ? -4.099  11.412  10.461  1.00 11.22 ? 525  VAL A CA  1 
ATOM   110  C  C   . VAL A 1 40  ? -3.527  10.991  9.094   1.00 10.00 ? 525  VAL A C   1 
ATOM   111  O  O   . VAL A 1 40  ? -3.957  11.502  8.087   1.00 11.91 ? 525  VAL A O   1 
ATOM   112  C  CB  . VAL A 1 40  ? -3.240  12.467  11.182  1.00 10.86 ? 525  VAL A CB  1 
ATOM   113  C  CG1 . VAL A 1 40  ? -2.927  13.595  10.227  1.00 10.66 ? 525  VAL A CG1 1 
ATOM   114  C  CG2 . VAL A 1 40  ? -3.980  12.951  12.429  1.00 11.62 ? 525  VAL A CG2 1 
ATOM   115  N  N   . ASN A 1 41  ? -2.635  10.002  9.075   1.00 10.83 ? 526  ASN A N   1 
ATOM   116  C  CA  . ASN A 1 41  ? -2.164  9.512   7.766   1.00 10.69 ? 526  ASN A CA  1 
ATOM   117  C  C   . ASN A 1 41  ? -3.326  8.888   6.992   1.00 10.69 ? 526  ASN A C   1 
ATOM   118  O  O   . ASN A 1 41  ? -3.384  9.012   5.791   1.00 11.43 ? 526  ASN A O   1 
ATOM   119  C  CB  . ASN A 1 41  ? -1.027  8.509   7.919   1.00 10.97 ? 526  ASN A CB  1 
ATOM   120  C  CG  . ASN A 1 41  ? 0.327   9.150   8.094   1.00 12.50 ? 526  ASN A CG  1 
ATOM   121  O  OD1 . ASN A 1 41  ? 1.129   8.738   8.927   1.00 15.21 ? 526  ASN A OD1 1 
ATOM   122  N  ND2 . ASN A 1 41  ? 0.608   10.099  7.245   1.00 13.05 ? 526  ASN A ND2 1 
ATOM   123  N  N   . GLN A 1 42  ? -4.248  8.220   7.686   1.00 10.80 ? 527  GLN A N   1 
ATOM   124  C  CA  . GLN A 1 42  ? -5.437  7.680   6.993   1.00 11.51 ? 527  GLN A CA  1 
ATOM   125  C  C   . GLN A 1 42  ? -6.169  8.819   6.292   1.00 11.50 ? 527  GLN A C   1 
ATOM   126  O  O   . GLN A 1 42  ? -6.490  8.731   5.112   1.00 13.10 ? 527  GLN A O   1 
ATOM   127  C  CB  . GLN A 1 42  ? -6.379  6.968   7.965   1.00 11.55 ? 527  GLN A CB  1 
ATOM   128  C  CG  . GLN A 1 42  ? -5.854  5.642   8.482   1.00 11.44 ? 527  GLN A CG  1 
ATOM   129  C  CD  . GLN A 1 42  ? -6.738  5.051   9.554   1.00 11.76 ? 527  GLN A CD  1 
ATOM   130  O  OE1 . GLN A 1 42  ? -7.581  5.735   10.140  1.00 12.26 ? 527  GLN A OE1 1 
ATOM   131  N  NE2 . GLN A 1 42  ? -6.501  3.802   9.897   1.00 12.32 ? 527  GLN A NE2 1 
ATOM   132  N  N   A THR A 1 43  ? -6.435  9.878   7.055   0.50 11.38 ? 528  THR A N   1 
ATOM   133  N  N   B THR A 1 43  ? -6.479  9.908   6.979   0.50 12.01 ? 528  THR A N   1 
ATOM   134  C  CA  A THR A 1 43  ? -7.155  11.078  6.566   0.50 11.81 ? 528  THR A CA  1 
ATOM   135  C  CA  B THR A 1 43  ? -7.285  10.966  6.324   0.50 13.02 ? 528  THR A CA  1 
ATOM   136  C  C   A THR A 1 43  ? -6.425  11.655  5.351   0.50 11.49 ? 528  THR A C   1 
ATOM   137  C  C   B THR A 1 43  ? -6.430  11.710  5.276   0.50 11.73 ? 528  THR A C   1 
ATOM   138  O  O   A THR A 1 43  ? -7.024  11.790  4.289   0.50 13.33 ? 528  THR A O   1 
ATOM   139  O  O   B THR A 1 43  ? -6.957  12.063  4.205   0.50 12.64 ? 528  THR A O   1 
ATOM   140  C  CB  A THR A 1 43  ? -7.290  12.156  7.649   0.50 11.85 ? 528  THR A CB  1 
ATOM   141  C  CB  B THR A 1 43  ? -7.963  11.883  7.343   0.50 13.78 ? 528  THR A CB  1 
ATOM   142  O  OG1 A THR A 1 43  ? -8.233  11.671  8.601   0.50 14.34 ? 528  THR A OG1 1 
ATOM   143  O  OG1 B THR A 1 43  ? -8.932  12.700  6.672   0.50 17.84 ? 528  THR A OG1 1 
ATOM   144  C  CG2 A THR A 1 43  ? -7.750  13.490  7.091   0.50 13.11 ? 528  THR A CG2 1 
ATOM   145  C  CG2 B THR A 1 43  ? -6.963  12.740  8.075   0.50 13.74 ? 528  THR A CG2 1 
ATOM   146  N  N   . VAL A 1 44  ? -5.148  11.963  5.556   1.00 12.39 ? 529  VAL A N   1 
ATOM   147  C  CA  . VAL A 1 44  ? -4.304  12.699  4.581   1.00 12.55 ? 529  VAL A CA  1 
ATOM   148  C  C   . VAL A 1 44  ? -4.146  11.847  3.329   1.00 11.75 ? 529  VAL A C   1 
ATOM   149  O  O   . VAL A 1 44  ? -4.324  12.338  2.212   1.00 12.37 ? 529  VAL A O   1 
ATOM   150  C  CB  . VAL A 1 44  ? -2.963  13.073  5.213   1.00 13.18 ? 529  VAL A CB  1 
ATOM   151  C  CG1 . VAL A 1 44  ? -1.957  13.536  4.164   1.00 14.63 ? 529  VAL A CG1 1 
ATOM   152  C  CG2 . VAL A 1 44  ? -3.191  14.138  6.263   1.00 14.47 ? 529  VAL A CG2 1 
ATOM   153  N  N   . ILE A 1 45  ? -3.757  10.589  3.476   1.00 11.91 ? 530  ILE A N   1 
ATOM   154  C  CA  . ILE A 1 45  ? -3.406  9.794   2.278   1.00 11.54 ? 530  ILE A CA  1 
ATOM   155  C  C   . ILE A 1 45  ? -4.679  9.417   1.534   1.00 10.81 ? 530  ILE A C   1 
ATOM   156  O  O   . ILE A 1 45  ? -4.708  9.463   0.326   1.00 12.37 ? 530  ILE A O   1 
ATOM   157  C  CB  . ILE A 1 45  ? -2.528  8.592   2.641   1.00 11.73 ? 530  ILE A CB  1 
ATOM   158  C  CG1 . ILE A 1 45  ? -1.254  9.041   3.339   1.00 12.41 ? 530  ILE A CG1 1 
ATOM   159  C  CG2 . ILE A 1 45  ? -2.267  7.755   1.392   1.00 13.41 ? 530  ILE A CG2 1 
ATOM   160  C  CD1 . ILE A 1 45  ? -0.445  7.894   3.925   1.00 14.90 ? 530  ILE A CD1 1 
ATOM   161  N  N   . GLU A 1 46  ? -5.755  9.096   2.254   1.00 11.21 ? 531  GLU A N   1 
ATOM   162  C  CA  . GLU A 1 46  ? -7.038  8.846   1.561   1.00 12.37 ? 531  GLU A CA  1 
ATOM   163  C  C   . GLU A 1 46  ? -7.450  10.105  0.793   1.00 12.60 ? 531  GLU A C   1 
ATOM   164  O  O   . GLU A 1 46  ? -7.850  10.003  -0.374  1.00 13.89 ? 531  GLU A O   1 
ATOM   165  C  CB  . GLU A 1 46  ? -8.168  8.493   2.525   1.00 14.30 ? 531  GLU A CB  1 
ATOM   166  C  CG  . GLU A 1 46  ? -9.472  8.230   1.819   1.00 19.14 ? 531  GLU A CG  1 
ATOM   167  C  CD  . GLU A 1 46  ? -10.581 7.503   2.559   1.00 25.05 ? 531  GLU A CD  1 
ATOM   168  O  OE1 . GLU A 1 46  ? -10.370 7.052   3.706   1.00 30.09 ? 531  GLU A OE1 1 
ATOM   169  O  OE2 . GLU A 1 46  ? -11.661 7.386   1.949   1.00 29.88 ? 531  GLU A OE2 1 
ATOM   170  N  N   . ALA A 1 47  ? -7.301  11.298  1.405   1.00 12.53 ? 532  ALA A N   1 
ATOM   171  C  CA  . ALA A 1 47  ? -7.648  12.548  0.677   1.00 13.75 ? 532  ALA A CA  1 
ATOM   172  C  C   . ALA A 1 47  ? -6.737  12.746  -0.533  1.00 13.34 ? 532  ALA A C   1 
ATOM   173  O  O   . ALA A 1 47  ? -7.258  13.135  -1.592  1.00 14.19 ? 532  ALA A O   1 
ATOM   174  C  CB  . ALA A 1 47  ? -7.671  13.760  1.560   1.00 14.05 ? 532  ALA A CB  1 
ATOM   175  N  N   . MET A 1 48  ? -5.442  12.494  -0.396  1.00 12.85 ? 533  MET A N   1 
ATOM   176  C  CA  . MET A 1 48  ? -4.561  12.652  -1.565  1.00 13.21 ? 533  MET A CA  1 
ATOM   177  C  C   . MET A 1 48  ? -4.997  11.692  -2.661  1.00 12.85 ? 533  MET A C   1 
ATOM   178  O  O   . MET A 1 48  ? -5.040  12.095  -3.828  1.00 15.09 ? 533  MET A O   1 
ATOM   179  C  CB  . MET A 1 48  ? -3.113  12.365  -1.233  1.00 13.84 ? 533  MET A CB  1 
ATOM   180  C  CG  . MET A 1 48  ? -2.451  13.394  -0.399  1.00 14.72 ? 533  MET A CG  1 
ATOM   181  S  SD  . MET A 1 48  ? -0.714  12.850  -0.223  1.00 15.87 ? 533  MET A SD  1 
ATOM   182  C  CE  . MET A 1 48  ? -0.015  14.177  0.749   1.00 17.73 ? 533  MET A CE  1 
ATOM   183  N  N   . LEU A 1 49  ? -5.283  10.436  -2.320  1.00 13.75 ? 534  LEU A N   1 
ATOM   184  C  CA  . LEU A 1 49  ? -5.697  9.459   -3.348  1.00 13.28 ? 534  LEU A CA  1 
ATOM   185  C  C   . LEU A 1 49  ? -6.978  9.903   -4.034  1.00 14.07 ? 534  LEU A C   1 
ATOM   186  O  O   . LEU A 1 49  ? -7.023  9.871   -5.262  1.00 14.32 ? 534  LEU A O   1 
ATOM   187  C  CB  . LEU A 1 49  ? -5.871  8.071   -2.718  1.00 12.82 ? 534  LEU A CB  1 
ATOM   188  C  CG  . LEU A 1 49  ? -4.576  7.372   -2.332  1.00 12.65 ? 534  LEU A CG  1 
ATOM   189  C  CD1 . LEU A 1 49  ? -4.915  6.157   -1.517  1.00 12.91 ? 534  LEU A CD1 1 
ATOM   190  C  CD2 . LEU A 1 49  ? -3.764  6.998   -3.575  1.00 11.88 ? 534  LEU A CD2 1 
ATOM   191  N  N   . ARG A 1 50  ? -7.958  10.370  -3.272  1.00 15.23 ? 535  ARG A N   1 
ATOM   192  C  CA  . ARG A 1 50  ? -9.238  10.804  -3.878  1.00 17.70 ? 535  ARG A CA  1 
ATOM   193  C  C   . ARG A 1 50  ? -8.981  12.059  -4.705  1.00 18.00 ? 535  ARG A C   1 
ATOM   194  O  O   . ARG A 1 50  ? -9.581  12.137  -5.771  1.00 21.52 ? 535  ARG A O   1 
ATOM   195  C  CB  . ARG A 1 50  ? -10.285 10.998  -2.783  1.00 18.20 ? 535  ARG A CB  1 
ATOM   196  C  CG  . ARG A 1 50  ? -10.794 9.687   -2.222  1.00 20.30 ? 535  ARG A CG  1 
ATOM   197  C  CD  . ARG A 1 50  ? -11.972 9.850   -1.294  1.00 24.72 ? 535  ARG A CD  1 
ATOM   198  N  NE  . ARG A 1 50  ? -12.232 8.630   -0.548  1.00 26.26 ? 535  ARG A NE  1 
ATOM   199  C  CZ  . ARG A 1 50  ? -12.810 7.531   -1.032  1.00 29.06 ? 535  ARG A CZ  1 
ATOM   200  N  NH1 . ARG A 1 50  ? -12.990 6.492   -0.227  1.00 29.18 ? 535  ARG A NH1 1 
ATOM   201  N  NH2 . ARG A 1 50  ? -13.203 7.463   -2.301  1.00 31.58 ? 535  ARG A NH2 1 
ATOM   202  N  N   . SER A 1 51  ? -8.023  12.896  -4.298  1.00 16.42 ? 536  SER A N   1 
ATOM   203  C  CA  . SER A 1 51  ? -7.681  14.136  -5.066  1.00 18.28 ? 536  SER A CA  1 
ATOM   204  C  C   . SER A 1 51  ? -7.051  13.816  -6.430  1.00 22.24 ? 536  SER A C   1 
ATOM   205  O  O   . SER A 1 51  ? -6.935  14.763  -7.265  1.00 23.39 ? 536  SER A O   1 
ATOM   206  C  CB  . SER A 1 51  ? -6.813  15.042  -4.287  1.00 20.90 ? 536  SER A CB  1 
ATOM   207  O  OG  . SER A 1 51  ? -5.453  14.676  -4.356  1.00 19.68 ? 536  SER A OG  1 
ATOM   208  N  N   . LEU A 1 52  ? -6.581  12.574  -6.637  1.00 18.68 ? 537  LEU A N   1 
ATOM   209  C  CA  . LEU A 1 52  ? -5.923  12.079  -7.875  1.00 18.88 ? 537  LEU A CA  1 
ATOM   210  C  C   . LEU A 1 52  ? -6.904  11.228  -8.682  1.00 18.15 ? 537  LEU A C   1 
ATOM   211  O  O   . LEU A 1 52  ? -6.489  10.648  -9.687  1.00 24.88 ? 537  LEU A O   1 
ATOM   212  C  CB  . LEU A 1 52  ? -4.648  11.318  -7.478  1.00 18.24 ? 537  LEU A CB  1 
ATOM   213  C  CG  . LEU A 1 52  ? -3.575  12.149  -6.790  1.00 18.40 ? 537  LEU A CG  1 
ATOM   214  C  CD1 . LEU A 1 52  ? -2.474  11.260  -6.242  1.00 19.26 ? 537  LEU A CD1 1 
ATOM   215  C  CD2 . LEU A 1 52  ? -2.995  13.214  -7.710  1.00 16.37 ? 537  LEU A CD2 1 
ATOM   216  N  N   . GLY A 1 53  ? -8.154  11.122  -8.234  1.00 19.12 ? 538  GLY A N   1 
ATOM   217  C  CA  . GLY A 1 53  ? -9.207  10.405  -8.962  1.00 19.50 ? 538  GLY A CA  1 
ATOM   218  C  C   . GLY A 1 53  ? -9.374  8.948   -8.554  1.00 19.93 ? 538  GLY A C   1 
ATOM   219  O  O   . GLY A 1 53  ? -10.185 8.233   -9.170  1.00 21.58 ? 538  GLY A O   1 
ATOM   220  N  N   . TYR A 1 54  ? -8.647  8.478   -7.533  1.00 16.61 ? 539  TYR A N   1 
ATOM   221  C  CA  . TYR A 1 54  ? -8.709  7.048   -7.172  1.00 17.32 ? 539  TYR A CA  1 
ATOM   222  C  C   . TYR A 1 54  ? -9.865  6.745   -6.215  1.00 17.12 ? 539  TYR A C   1 
ATOM   223  O  O   . TYR A 1 54  ? -10.274 7.595   -5.429  1.00 18.67 ? 539  TYR A O   1 
ATOM   224  C  CB  . TYR A 1 54  ? -7.413  6.641   -6.472  1.00 15.92 ? 539  TYR A CB  1 
ATOM   225  C  CG  . TYR A 1 54  ? -6.224  6.713   -7.382  1.00 15.11 ? 539  TYR A CG  1 
ATOM   226  C  CD1 . TYR A 1 54  ? -6.140  5.826   -8.430  1.00 15.48 ? 539  TYR A CD1 1 
ATOM   227  C  CD2 . TYR A 1 54  ? -5.223  7.640   -7.246  1.00 16.06 ? 539  TYR A CD2 1 
ATOM   228  C  CE1 . TYR A 1 54  ? -5.098  5.863   -9.330  1.00 16.19 ? 539  TYR A CE1 1 
ATOM   229  C  CE2 . TYR A 1 54  ? -4.154  7.672   -8.124  1.00 17.01 ? 539  TYR A CE2 1 
ATOM   230  C  CZ  . TYR A 1 54  ? -4.089  6.767   -9.168  1.00 16.45 ? 539  TYR A CZ  1 
ATOM   231  O  OH  . TYR A 1 54  ? -3.067  6.760   -10.072 1.00 17.21 ? 539  TYR A OH  1 
ATOM   232  N  N   A ARG A 1 55  ? -10.413 5.542   -6.329  0.50 15.88 ? 540  ARG A N   1 
ATOM   233  N  N   B ARG A 1 55  ? -10.353 5.505   -6.274  0.50 16.89 ? 540  ARG A N   1 
ATOM   234  C  CA  A ARG A 1 55  ? -11.269 4.952   -5.277  0.50 15.99 ? 540  ARG A CA  1 
ATOM   235  C  CA  B ARG A 1 55  ? -11.282 4.917   -5.275  0.50 17.64 ? 540  ARG A CA  1 
ATOM   236  C  C   A ARG A 1 55  ? -10.323 4.388   -4.223  0.50 14.84 ? 540  ARG A C   1 
ATOM   237  C  C   B ARG A 1 55  ? -10.490 4.125   -4.237  0.50 16.48 ? 540  ARG A C   1 
ATOM   238  O  O   A ARG A 1 55  ? -9.221  3.980   -4.580  0.50 12.84 ? 540  ARG A O   1 
ATOM   239  O  O   B ARG A 1 55  ? -9.765  3.185   -4.631  0.50 16.97 ? 540  ARG A O   1 
ATOM   240  C  CB  A ARG A 1 55  ? -12.206 3.903   -5.871  0.50 17.49 ? 540  ARG A CB  1 
ATOM   241  C  CB  B ARG A 1 55  ? -12.293 3.985   -5.933  0.50 19.93 ? 540  ARG A CB  1 
ATOM   242  C  CG  A ARG A 1 55  ? -13.047 4.430   -7.026  0.50 19.26 ? 540  ARG A CG  1 
ATOM   243  C  CG  B ARG A 1 55  ? -13.476 4.716   -6.543  0.50 22.06 ? 540  ARG A CG  1 
ATOM   244  C  CD  A ARG A 1 55  ? -13.989 3.407   -7.635  0.50 20.42 ? 540  ARG A CD  1 
ATOM   245  C  CD  B ARG A 1 55  ? -14.515 3.762   -7.097  0.50 24.68 ? 540  ARG A CD  1 
ATOM   246  N  NE  A ARG A 1 55  ? -14.784 2.721   -6.618  0.50 22.12 ? 540  ARG A NE  1 
ATOM   247  N  NE  B ARG A 1 55  ? -13.968 2.565   -7.732  0.50 28.07 ? 540  ARG A NE  1 
ATOM   248  C  CZ  A ARG A 1 55  ? -15.954 3.164   -6.159  0.50 24.62 ? 540  ARG A CZ  1 
ATOM   249  C  CZ  B ARG A 1 55  ? -14.245 2.163   -8.968  0.50 29.80 ? 540  ARG A CZ  1 
ATOM   250  N  NH1 A ARG A 1 55  ? -16.608 2.488   -5.227  0.50 25.39 ? 540  ARG A NH1 1 
ATOM   251  N  NH1 B ARG A 1 55  ? -13.711 1.052   -9.452  0.50 30.76 ? 540  ARG A NH1 1 
ATOM   252  N  NH2 A ARG A 1 55  ? -16.456 4.293   -6.630  0.50 26.88 ? 540  ARG A NH2 1 
ATOM   253  N  NH2 B ARG A 1 55  ? -15.071 2.867   -9.721  0.50 32.23 ? 540  ARG A NH2 1 
ATOM   254  N  N   . VAL A 1 56  ? -10.718 4.441   -2.965  1.00 14.87 ? 541  VAL A N   1 
ATOM   255  C  CA  . VAL A 1 56  ? -9.862  3.978   -1.839  1.00 14.92 ? 541  VAL A CA  1 
ATOM   256  C  C   . VAL A 1 56  ? -10.646 3.037   -0.943  1.00 13.41 ? 541  VAL A C   1 
ATOM   257  O  O   . VAL A 1 56  ? -11.748 3.374   -0.479  1.00 16.25 ? 541  VAL A O   1 
ATOM   258  C  CB  . VAL A 1 56  ? -9.316  5.141   -1.027  1.00 16.48 ? 541  VAL A CB  1 
ATOM   259  C  CG1 . VAL A 1 56  ? -8.341  4.620   0.004   1.00 15.06 ? 541  VAL A CG1 1 
ATOM   260  C  CG2 . VAL A 1 56  ? -8.706  6.188   -1.939  1.00 16.45 ? 541  VAL A CG2 1 
ATOM   261  N  N   . THR A 1 57  ? -10.025 1.930   -0.597  1.00 12.20 ? 542  THR A N   1 
ATOM   262  C  CA  . THR A 1 57  ? -10.439 1.069   0.517   1.00 12.37 ? 542  THR A CA  1 
ATOM   263  C  C   . THR A 1 57  ? -9.352  1.126   1.569   1.00 11.60 ? 542  THR A C   1 
ATOM   264  O  O   . THR A 1 57  ? -8.170  0.836   1.244   1.00 12.35 ? 542  THR A O   1 
ATOM   265  C  CB  . THR A 1 57  ? -10.640 -0.357  0.037   1.00 13.32 ? 542  THR A CB  1 
ATOM   266  O  OG1 . THR A 1 57  ? -11.669 -0.365  -0.966  1.00 17.94 ? 542  THR A OG1 1 
ATOM   267  C  CG2 . THR A 1 57  ? -11.030 -1.297  1.154   1.00 15.62 ? 542  THR A CG2 1 
ATOM   268  N  N   . LEU A 1 58  ? -9.716  1.484   2.776   1.00 11.18 ? 543  LEU A N   1 
ATOM   269  C  CA  . LEU A 1 58  ? -8.762  1.657   3.876   1.00 10.40 ? 543  LEU A CA  1 
ATOM   270  C  C   . LEU A 1 58  ? -8.812  0.452   4.800   1.00 10.87 ? 543  LEU A C   1 
ATOM   271  O  O   . LEU A 1 58  ? -9.929  0.094   5.244   1.00 11.72 ? 543  LEU A O   1 
ATOM   272  C  CB  . LEU A 1 58  ? -9.105  2.919   4.660   1.00 10.89 ? 543  LEU A CB  1 
ATOM   273  C  CG  . LEU A 1 58  ? -8.287  3.120   5.923   1.00 12.50 ? 543  LEU A CG  1 
ATOM   274  C  CD1 . LEU A 1 58  ? -6.810  3.301   5.614   1.00 12.70 ? 543  LEU A CD1 1 
ATOM   275  C  CD2 . LEU A 1 58  ? -8.835  4.299   6.684   1.00 13.94 ? 543  LEU A CD2 1 
ATOM   276  N  N   . VAL A 1 59  ? -7.665  -0.099  5.099   1.00 10.35 ? 544  VAL A N   1 
ATOM   277  C  CA  . VAL A 1 59  ? -7.518  -1.092  6.190   1.00 9.63  ? 544  VAL A CA  1 
ATOM   278  C  C   . VAL A 1 59  ? -6.389  -0.638  7.077   1.00 10.35 ? 544  VAL A C   1 
ATOM   279  O  O   . VAL A 1 59  ? -5.490  0.105   6.615   1.00 11.17 ? 544  VAL A O   1 
ATOM   280  C  CB  . VAL A 1 59  ? -7.331  -2.518  5.662   1.00 9.98  ? 544  VAL A CB  1 
ATOM   281  C  CG1 . VAL A 1 59  ? -8.542  -2.987  4.885   1.00 11.24 ? 544  VAL A CG1 1 
ATOM   282  C  CG2 . VAL A 1 59  ? -6.036  -2.655  4.866   1.00 11.13 ? 544  VAL A CG2 1 
ATOM   283  N  N   . ALA A 1 60  ? -6.373  -1.096  8.299   1.00 10.10 ? 545  ALA A N   1 
ATOM   284  C  CA  . ALA A 1 60  ? -5.478  -0.535  9.326   1.00 11.06 ? 545  ALA A CA  1 
ATOM   285  C  C   . ALA A 1 60  ? -4.469  -1.533  9.868   1.00 10.96 ? 545  ALA A C   1 
ATOM   286  O  O   . ALA A 1 60  ? -3.715  -1.137  10.788  1.00 14.14 ? 545  ALA A O   1 
ATOM   287  C  CB  . ALA A 1 60  ? -6.301  0.077   10.418  1.00 10.73 ? 545  ALA A CB  1 
ATOM   288  N  N   . ASP A 1 61  ? -4.369  -2.724  9.316   1.00 10.79 ? 546  ASP A N   1 
ATOM   289  C  CA  . ASP A 1 61  ? -3.339  -3.699  9.743   1.00 11.46 ? 546  ASP A CA  1 
ATOM   290  C  C   . ASP A 1 61  ? -3.110  -4.719  8.639   1.00 11.25 ? 546  ASP A C   1 
ATOM   291  O  O   . ASP A 1 61  ? -3.929  -4.828  7.712   1.00 11.81 ? 546  ASP A O   1 
ATOM   292  C  CB  . ASP A 1 61  ? -3.754  -4.498  10.989  1.00 13.79 ? 546  ASP A CB  1 
ATOM   293  C  CG  . ASP A 1 61  ? -2.658  -5.463  11.458  1.00 15.83 ? 546  ASP A CG  1 
ATOM   294  O  OD1 . ASP A 1 61  ? -1.613  -4.932  11.811  1.00 14.75 ? 546  ASP A OD1 1 
ATOM   295  O  OD2 . ASP A 1 61  ? -2.779  -6.749  11.393  1.00 17.34 ? 546  ASP A OD2 1 
ATOM   296  N  N   . GLY A 1 62  ? -2.025  -5.467  8.763   1.00 11.73 ? 547  GLY A N   1 
ATOM   297  C  CA  . GLY A 1 62  ? -1.646  -6.503  7.814   1.00 11.73 ? 547  GLY A CA  1 
ATOM   298  C  C   . GLY A 1 62  ? -2.725  -7.557  7.632   1.00 11.43 ? 547  GLY A C   1 
ATOM   299  O  O   . GLY A 1 62  ? -2.915  -8.016  6.519   1.00 11.17 ? 547  GLY A O   1 
ATOM   300  N  N   . ILE A 1 63  ? -3.357  -8.011  8.696   1.00 11.67 ? 548  ILE A N   1 
ATOM   301  C  CA  . ILE A 1 63  ? -4.318  -9.128  8.572   1.00 12.37 ? 548  ILE A CA  1 
ATOM   302  C  C   . ILE A 1 63  ? -5.489  -8.724  7.692   1.00 12.38 ? 548  ILE A C   1 
ATOM   303  O  O   . ILE A 1 63  ? -5.840  -9.448  6.786   1.00 12.88 ? 548  ILE A O   1 
ATOM   304  C  CB  . ILE A 1 63  ? -4.775  -9.609  9.964   1.00 14.24 ? 548  ILE A CB  1 
ATOM   305  C  CG1 . ILE A 1 63  ? -3.630  -10.330 10.673  1.00 15.53 ? 548  ILE A CG1 1 
ATOM   306  C  CG2 . ILE A 1 63  ? -5.992  -10.497 9.867   1.00 16.30 ? 548  ILE A CG2 1 
ATOM   307  C  CD1 . ILE A 1 63  ? -3.295  -11.636 10.043  1.00 17.50 ? 548  ILE A CD1 1 
ATOM   308  N  N   A GLN A 1 64  ? -6.118  -7.578  7.925   0.50 12.28 ? 549  GLN A N   1 
ATOM   309  N  N   B GLN A 1 64  ? -6.063  -7.556  7.972   0.50 13.55 ? 549  GLN A N   1 
ATOM   310  C  CA  A GLN A 1 64  ? -7.246  -7.215  7.040   0.50 12.52 ? 549  GLN A CA  1 
ATOM   311  C  CA  B GLN A 1 64  ? -7.205  -7.016  7.202   0.50 14.54 ? 549  GLN A CA  1 
ATOM   312  C  C   A GLN A 1 64  ? -6.739  -6.883  5.642   0.50 12.03 ? 549  GLN A C   1 
ATOM   313  C  C   B GLN A 1 64  ? -6.797  -6.712  5.755   0.50 13.30 ? 549  GLN A C   1 
ATOM   314  O  O   A GLN A 1 64  ? -7.426  -7.196  4.679   0.50 11.60 ? 549  GLN A O   1 
ATOM   315  O  O   B GLN A 1 64  ? -7.668  -6.785  4.881   0.50 14.29 ? 549  GLN A O   1 
ATOM   316  C  CB  A GLN A 1 64  ? -8.075  -6.096  7.634   0.50 13.52 ? 549  GLN A CB  1 
ATOM   317  C  CB  B GLN A 1 64  ? -7.758  -5.764  7.868   0.50 17.81 ? 549  GLN A CB  1 
ATOM   318  C  CG  A GLN A 1 64  ? -8.955  -6.621  8.753   0.50 14.62 ? 549  GLN A CG  1 
ATOM   319  C  CG  B GLN A 1 64  ? -9.175  -5.448  7.404   0.50 19.88 ? 549  GLN A CG  1 
ATOM   320  C  CD  A GLN A 1 64  ? -9.674  -7.895  8.370   0.50 14.85 ? 549  GLN A CD  1 
ATOM   321  C  CD  B GLN A 1 64  ? -10.030 -6.670  7.158   0.50 22.79 ? 549  GLN A CD  1 
ATOM   322  O  OE1 A GLN A 1 64  ? -9.801  -8.845  9.165   0.50 12.26 ? 549  GLN A OE1 1 
ATOM   323  O  OE1 B GLN A 1 64  ? -10.457 -6.966  6.031   0.50 26.09 ? 549  GLN A OE1 1 
ATOM   324  N  NE2 A GLN A 1 64  ? -10.188 -7.895  7.148   0.50 14.05 ? 549  GLN A NE2 1 
ATOM   325  N  NE2 B GLN A 1 64  ? -10.294 -7.402  8.223   0.50 25.49 ? 549  GLN A NE2 1 
ATOM   326  N  N   . ALA A 1 65  ? -5.531  -6.377  5.507   1.00 11.45 ? 550  ALA A N   1 
ATOM   327  C  CA  . ALA A 1 65  ? -4.993  -6.179  4.134   1.00 11.72 ? 550  ALA A CA  1 
ATOM   328  C  C   . ALA A 1 65  ? -4.991  -7.506  3.379   1.00 12.19 ? 550  ALA A C   1 
ATOM   329  O  O   . ALA A 1 65  ? -5.407  -7.554  2.212   1.00 12.74 ? 550  ALA A O   1 
ATOM   330  C  CB  . ALA A 1 65  ? -3.618  -5.629  4.172   1.00 11.86 ? 550  ALA A CB  1 
ATOM   331  N  N   . VAL A 1 66  ? -4.483  -8.569  4.012   1.00 11.46 ? 551  VAL A N   1 
ATOM   332  C  CA  . VAL A 1 66  ? -4.442  -9.901  3.369   1.00 11.79 ? 551  VAL A CA  1 
ATOM   333  C  C   . VAL A 1 66  ? -5.855  -10.321 2.994   1.00 12.32 ? 551  VAL A C   1 
ATOM   334  O  O   . VAL A 1 66  ? -6.057  -10.749 1.864   1.00 12.91 ? 551  VAL A O   1 
ATOM   335  C  CB  . VAL A 1 66  ? -3.762  -10.898 4.311   1.00 12.18 ? 551  VAL A CB  1 
ATOM   336  C  CG1 . VAL A 1 66  ? -3.799  -12.325 3.789   1.00 13.00 ? 551  VAL A CG1 1 
ATOM   337  C  CG2 . VAL A 1 66  ? -2.336  -10.518 4.577   1.00 12.76 ? 551  VAL A CG2 1 
ATOM   338  N  N   A ARG A 1 67  ? -6.814  -10.218 3.907   0.50 12.07 ? 552  ARG A N   1 
ATOM   339  N  N   B ARG A 1 67  ? -6.804  -10.195 3.920   0.50 13.29 ? 552  ARG A N   1 
ATOM   340  C  CA  A ARG A 1 67  ? -8.217  -10.609 3.623   0.50 13.65 ? 552  ARG A CA  1 
ATOM   341  C  CA  B ARG A 1 67  ? -8.213  -10.610 3.710   0.50 15.91 ? 552  ARG A CA  1 
ATOM   342  C  C   A ARG A 1 67  ? -8.736  -9.763  2.455   0.50 13.10 ? 552  ARG A C   1 
ATOM   343  C  C   B ARG A 1 67  ? -8.884  -9.770  2.628   0.50 15.13 ? 552  ARG A C   1 
ATOM   344  O  O   A ARG A 1 67  ? -9.252  -10.333 1.477   0.50 12.46 ? 552  ARG A O   1 
ATOM   345  O  O   B ARG A 1 67  ? -9.738  -10.313 1.933   0.50 15.49 ? 552  ARG A O   1 
ATOM   346  C  CB  A ARG A 1 67  ? -9.001  -10.527 4.934   0.50 14.37 ? 552  ARG A CB  1 
ATOM   347  C  CB  B ARG A 1 67  ? -8.999  -10.475 5.004   0.50 17.78 ? 552  ARG A CB  1 
ATOM   348  C  CG  A ARG A 1 67  ? -8.440  -11.456 6.009   0.50 15.48 ? 552  ARG A CG  1 
ATOM   349  C  CG  B ARG A 1 67  ? -9.223  -11.794 5.723   0.50 20.12 ? 552  ARG A CG  1 
ATOM   350  C  CD  A ARG A 1 67  ? -9.060  -11.452 7.412   0.50 16.79 ? 552  ARG A CD  1 
ATOM   351  C  CD  B ARG A 1 67  ? -10.345 -11.571 6.704   0.50 22.06 ? 552  ARG A CD  1 
ATOM   352  N  NE  A ARG A 1 67  ? -8.499  -12.417 8.359   0.50 17.85 ? 552  ARG A NE  1 
ATOM   353  N  NE  B ARG A 1 67  ? -9.998  -10.486 7.598   0.50 23.38 ? 552  ARG A NE  1 
ATOM   354  C  CZ  A ARG A 1 67  ? -8.564  -12.312 9.696   0.50 17.27 ? 552  ARG A CZ  1 
ATOM   355  C  CZ  B ARG A 1 67  ? -9.921  -10.578 8.917   0.50 23.24 ? 552  ARG A CZ  1 
ATOM   356  N  NH1 A ARG A 1 67  ? -8.014  -13.249 10.452  0.50 19.95 ? 552  ARG A NH1 1 
ATOM   357  N  NH1 B ARG A 1 67  ? -9.564  -9.511  9.612   0.50 20.58 ? 552  ARG A NH1 1 
ATOM   358  N  NH2 A ARG A 1 67  ? -9.180  -11.294 10.274  0.50 15.31 ? 552  ARG A NH2 1 
ATOM   359  N  NH2 B ARG A 1 67  ? -10.229 -11.711 9.528   0.50 23.86 ? 552  ARG A NH2 1 
ATOM   360  N  N   A SER A 1 68  ? -8.572  -8.443  2.518   0.50 12.86 ? 553  SER A N   1 
ATOM   361  N  N   B SER A 1 68  ? -8.569  -8.477  2.533   0.50 14.01 ? 553  SER A N   1 
ATOM   362  C  CA  A SER A 1 68  ? -9.166  -7.514  1.534   0.50 13.52 ? 553  SER A CA  1 
ATOM   363  C  CA  B SER A 1 68  ? -9.141  -7.595  1.494   0.50 13.81 ? 553  SER A CA  1 
ATOM   364  C  C   A SER A 1 68  ? -8.578  -7.806  0.140   0.50 13.41 ? 553  SER A C   1 
ATOM   365  C  C   B SER A 1 68  ? -8.596  -8.041  0.145   0.50 13.14 ? 553  SER A C   1 
ATOM   366  O  O   A SER A 1 68  ? -9.348  -7.690  -0.874  0.50 14.64 ? 553  SER A O   1 
ATOM   367  O  O   B SER A 1 68  ? -9.373  -8.254  -0.809  0.50 14.15 ? 553  SER A O   1 
ATOM   368  C  CB  A SER A 1 68  ? -8.977  -6.092  1.997   0.50 14.59 ? 553  SER A CB  1 
ATOM   369  C  CB  B SER A 1 68  ? -8.801  -6.171  1.752   0.50 14.77 ? 553  SER A CB  1 
ATOM   370  O  OG  A SER A 1 68  ? -9.871  -5.215  1.332   0.50 15.74 ? 553  SER A OG  1 
ATOM   371  O  OG  B SER A 1 68  ? -9.574  -5.683  2.816   0.50 14.66 ? 553  SER A OG  1 
ATOM   372  N  N   . ALA A 1 69  ? -7.287  -8.138  0.046   1.00 13.73 ? 554  ALA A N   1 
ATOM   373  C  CA  . ALA A 1 69  ? -6.634  -8.467  -1.224  1.00 15.68 ? 554  ALA A CA  1 
ATOM   374  C  C   . ALA A 1 69  ? -7.108  -9.829  -1.754  1.00 18.25 ? 554  ALA A C   1 
ATOM   375  O  O   . ALA A 1 69  ? -7.150  -9.979  -3.010  1.00 20.76 ? 554  ALA A O   1 
ATOM   376  C  CB  . ALA A 1 69  ? -5.146  -8.393  -1.053  1.00 16.27 ? 554  ALA A CB  1 
ATOM   377  N  N   A GLU A 1 70  ? -7.430  -10.802 -0.889  0.50 17.98 ? 555  GLU A N   1 
ATOM   378  N  N   B GLU A 1 70  ? -7.491  -10.760 -0.872  0.50 18.41 ? 555  GLU A N   1 
ATOM   379  C  CA  A GLU A 1 70  ? -7.854  -12.144 -1.384  0.50 20.15 ? 555  GLU A CA  1 
ATOM   380  C  CA  B GLU A 1 70  ? -8.101  -12.059 -1.268  0.50 21.41 ? 555  GLU A CA  1 
ATOM   381  C  C   A GLU A 1 70  ? -9.307  -12.068 -1.861  0.50 21.29 ? 555  GLU A C   1 
ATOM   382  C  C   B GLU A 1 70  ? -9.456  -11.788 -1.931  0.50 22.56 ? 555  GLU A C   1 
ATOM   383  O  O   A GLU A 1 70  ? -9.658  -12.938 -2.665  0.50 21.75 ? 555  GLU A O   1 
ATOM   384  O  O   B GLU A 1 70  ? -9.705  -12.305 -3.038  0.50 22.49 ? 555  GLU A O   1 
ATOM   385  C  CB  A GLU A 1 70  ? -7.653  -13.281 -0.374  0.50 22.03 ? 555  GLU A CB  1 
ATOM   386  C  CB  B GLU A 1 70  ? -8.291  -12.942 -0.039  0.50 22.39 ? 555  GLU A CB  1 
ATOM   387  C  CG  A GLU A 1 70  ? -8.064  -12.991 1.057   0.50 24.54 ? 555  GLU A CG  1 
ATOM   388  C  CG  B GLU A 1 70  ? -8.560  -14.397 -0.380  0.50 24.43 ? 555  GLU A CG  1 
ATOM   389  C  CD  A GLU A 1 70  ? -8.084  -14.209 1.975   0.50 26.33 ? 555  GLU A CD  1 
ATOM   390  C  CD  B GLU A 1 70  ? -10.012 -14.842 -0.349  0.50 28.02 ? 555  GLU A CD  1 
ATOM   391  O  OE1 A GLU A 1 70  ? -8.833  -15.166 1.661   0.50 28.83 ? 555  GLU A OE1 1 
ATOM   392  O  OE1 B GLU A 1 70  ? -10.817 -14.232 0.402   0.50 29.04 ? 555  GLU A OE1 1 
ATOM   393  O  OE2 A GLU A 1 70  ? -7.349  -14.212 3.003   0.50 27.16 ? 555  GLU A OE2 1 
ATOM   394  O  OE2 B GLU A 1 70  ? -10.332 -15.823 -1.060  0.50 31.95 ? 555  GLU A OE2 1 
ATOM   395  N  N   A ARG A 1 71  ? -10.086 -11.054 -1.440  0.50 20.26 ? 556  ARG A N   1 
ATOM   396  N  N   B ARG A 1 71  ? -10.304 -10.999 -1.270  0.50 22.51 ? 556  ARG A N   1 
ATOM   397  C  CA  A ARG A 1 71  ? -11.552 -10.945 -1.714  0.50 21.23 ? 556  ARG A CA  1 
ATOM   398  C  CA  B ARG A 1 71  ? -11.725 -10.811 -1.662  0.50 24.34 ? 556  ARG A CA  1 
ATOM   399  C  C   A ARG A 1 71  ? -11.861 -9.989  -2.880  0.50 22.16 ? 556  ARG A C   1 
ATOM   400  C  C   B ARG A 1 71  ? -11.805 -10.124 -3.030  0.50 24.62 ? 556  ARG A C   1 
ATOM   401  O  O   A ARG A 1 71  ? -13.039 -9.980  -3.353  0.50 23.42 ? 556  ARG A O   1 
ATOM   402  O  O   B ARG A 1 71  ? -12.721 -10.489 -3.813  0.50 25.10 ? 556  ARG A O   1 
ATOM   403  C  CB  A ARG A 1 71  ? -12.305 -10.451 -0.473  0.50 20.26 ? 556  ARG A CB  1 
ATOM   404  C  CB  B ARG A 1 71  ? -12.483 -10.024 -0.588  0.50 25.20 ? 556  ARG A CB  1 
ATOM   405  C  CG  A ARG A 1 71  ? -12.207 -11.361 0.741   0.50 20.92 ? 556  ARG A CG  1 
ATOM   406  C  CG  B ARG A 1 71  ? -12.794 -10.828 0.667   0.50 27.22 ? 556  ARG A CG  1 
ATOM   407  C  CD  A ARG A 1 71  ? -12.884 -10.745 1.960   0.50 21.36 ? 556  ARG A CD  1 
ATOM   408  C  CD  B ARG A 1 71  ? -13.955 -10.242 1.452   0.50 28.37 ? 556  ARG A CD  1 
ATOM   409  N  NE  A ARG A 1 71  ? -12.717 -11.534 3.173   0.50 22.54 ? 556  ARG A NE  1 
ATOM   410  N  NE  B ARG A 1 71  ? -15.255 -10.639 0.916   0.50 30.90 ? 556  ARG A NE  1 
ATOM   411  C  CZ  A ARG A 1 71  ? -13.441 -11.357 4.273   0.50 24.28 ? 556  ARG A CZ  1 
ATOM   412  C  CZ  B ARG A 1 71  ? -16.392 -9.999  1.172   0.50 29.85 ? 556  ARG A CZ  1 
ATOM   413  N  NH1 A ARG A 1 71  ? -14.394 -10.438 4.287   0.50 23.84 ? 556  ARG A NH1 1 
ATOM   414  N  NH1 B ARG A 1 71  ? -17.533 -10.423 0.657   0.50 28.88 ? 556  ARG A NH1 1 
ATOM   415  N  NH2 A ARG A 1 71  ? -13.233 -12.106 5.342   0.50 24.31 ? 556  ARG A NH2 1 
ATOM   416  N  NH2 B ARG A 1 71  ? -16.379 -8.933  1.945   0.50 30.53 ? 556  ARG A NH2 1 
ATOM   417  N  N   . GLN A 1 72  ? -10.877 -9.213  -3.343  1.00 22.54 ? 557  GLN A N   1 
ATOM   418  C  CA  . GLN A 1 72  ? -11.062 -8.239  -4.453  1.00 25.19 ? 557  GLN A CA  1 
ATOM   419  C  C   . GLN A 1 72  ? -9.731  -7.984  -5.149  1.00 24.48 ? 557  GLN A C   1 
ATOM   420  O  O   . GLN A 1 72  ? -8.705  -7.921  -4.462  1.00 21.04 ? 557  GLN A O   1 
ATOM   421  C  CB  . GLN A 1 72  ? -11.617 -6.936  -3.883  1.00 31.11 ? 557  GLN A CB  1 
ATOM   422  C  CG  . GLN A 1 72  ? -11.830 -5.844  -4.919  1.00 35.82 ? 557  GLN A CG  1 
ATOM   423  C  CD  . GLN A 1 72  ? -12.297 -4.544  -4.310  1.00 38.86 ? 557  GLN A CD  1 
ATOM   424  O  OE1 . GLN A 1 72  ? -12.073 -3.464  -4.863  1.00 40.61 ? 557  GLN A OE1 1 
ATOM   425  N  NE2 . GLN A 1 72  ? -12.926 -4.642  -3.149  1.00 41.12 ? 557  GLN A NE2 1 
ATOM   426  N  N   A ARG A 1 73  ? -9.742  -7.755  -6.468  0.50 25.32 ? 558  ARG A N   1 
ATOM   427  N  N   B ARG A 1 73  ? -9.779  -7.863  -6.478  0.50 24.47 ? 558  ARG A N   1 
ATOM   428  C  CA  A ARG A 1 73  ? -8.519  -7.422  -7.257  0.50 25.50 ? 558  ARG A CA  1 
ATOM   429  C  CA  B ARG A 1 73  ? -8.683  -7.286  -7.292  0.50 24.41 ? 558  ARG A CA  1 
ATOM   430  C  C   A ARG A 1 73  ? -8.339  -5.902  -7.331  0.50 22.98 ? 558  ARG A C   1 
ATOM   431  C  C   B ARG A 1 73  ? -8.611  -5.790  -7.000  0.50 21.76 ? 558  ARG A C   1 
ATOM   432  O  O   A ARG A 1 73  ? -8.944  -5.274  -8.215  0.50 23.95 ? 558  ARG A O   1 
ATOM   433  O  O   B ARG A 1 73  ? -9.616  -5.073  -7.210  0.50 23.46 ? 558  ARG A O   1 
ATOM   434  C  CB  A ARG A 1 73  ? -8.614  -7.956  -8.688  0.50 28.84 ? 558  ARG A CB  1 
ATOM   435  C  CB  B ARG A 1 73  ? -8.911  -7.504  -8.790  0.50 25.68 ? 558  ARG A CB  1 
ATOM   436  C  CG  A ARG A 1 73  ? -7.291  -8.443  -9.256  0.50 32.31 ? 558  ARG A CG  1 
ATOM   437  C  CG  B ARG A 1 73  ? -8.166  -8.704  -9.353  0.50 28.08 ? 558  ARG A CG  1 
ATOM   438  C  CD  A ARG A 1 73  ? -6.211  -7.387  -9.270  0.50 36.18 ? 558  ARG A CD  1 
ATOM   439  C  CD  B ARG A 1 73  ? -8.603  -9.985  -8.667  0.50 29.02 ? 558  ARG A CD  1 
ATOM   440  N  NE  A ARG A 1 73  ? -5.028  -7.908  -8.606  0.50 39.59 ? 558  ARG A NE  1 
ATOM   441  N  NE  B ARG A 1 73  ? -7.973  -10.148 -7.370  0.50 29.27 ? 558  ARG A NE  1 
ATOM   442  C  CZ  A ARG A 1 73  ? -5.066  -8.580  -7.458  0.50 41.94 ? 558  ARG A CZ  1 
ATOM   443  C  CZ  B ARG A 1 73  ? -8.472  -10.855 -6.363  0.50 28.87 ? 558  ARG A CZ  1 
ATOM   444  N  NH1 A ARG A 1 73  ? -3.958  -9.043  -6.908  0.50 44.56 ? 558  ARG A NH1 1 
ATOM   445  N  NH1 B ARG A 1 73  ? -9.625  -11.496 -6.496  0.50 28.94 ? 558  ARG A NH1 1 
ATOM   446  N  NH2 A ARG A 1 73  ? -6.217  -8.766  -6.840  0.50 42.36 ? 558  ARG A NH2 1 
ATOM   447  N  NH2 B ARG A 1 73  ? -7.801  -10.924 -5.230  0.50 27.03 ? 558  ARG A NH2 1 
ATOM   448  N  N   . TYR A 1 74  ? -7.467  -5.350  -6.488  1.00 17.99 ? 559  TYR A N   1 
ATOM   449  C  CA  . TYR A 1 74  ? -7.124  -3.908  -6.487  1.00 14.72 ? 559  TYR A CA  1 
ATOM   450  C  C   . TYR A 1 74  ? -6.195  -3.619  -7.665  1.00 13.63 ? 559  TYR A C   1 
ATOM   451  O  O   . TYR A 1 74  ? -5.482  -4.487  -8.123  1.00 15.65 ? 559  TYR A O   1 
ATOM   452  C  CB  . TYR A 1 74  ? -6.514  -3.523  -5.147  1.00 14.81 ? 559  TYR A CB  1 
ATOM   453  C  CG  . TYR A 1 74  ? -7.520  -3.596  -4.043  1.00 14.69 ? 559  TYR A CG  1 
ATOM   454  C  CD1 . TYR A 1 74  ? -8.407  -2.564  -3.799  1.00 14.62 ? 559  TYR A CD1 1 
ATOM   455  C  CD2 . TYR A 1 74  ? -7.589  -4.715  -3.239  1.00 14.97 ? 559  TYR A CD2 1 
ATOM   456  C  CE1 . TYR A 1 74  ? -9.351  -2.621  -2.796  1.00 16.39 ? 559  TYR A CE1 1 
ATOM   457  C  CE2 . TYR A 1 74  ? -8.529  -4.788  -2.219  1.00 16.71 ? 559  TYR A CE2 1 
ATOM   458  C  CZ  . TYR A 1 74  ? -9.415  -3.744  -2.012  1.00 17.27 ? 559  TYR A CZ  1 
ATOM   459  O  OH  . TYR A 1 74  ? -10.306 -3.850  -0.979  1.00 21.12 ? 559  TYR A OH  1 
ATOM   460  N  N   . ASP A 1 75  ? -6.193  -2.366  -8.064  1.00 13.67 ? 560  ASP A N   1 
ATOM   461  C  CA  . ASP A 1 75  ? -5.235  -1.914  -9.092  1.00 14.29 ? 560  ASP A CA  1 
ATOM   462  C  C   . ASP A 1 75  ? -3.861  -1.716  -8.454  1.00 12.37 ? 560  ASP A C   1 
ATOM   463  O  O   . ASP A 1 75  ? -2.868  -1.950  -9.094  1.00 13.40 ? 560  ASP A O   1 
ATOM   464  C  CB  . ASP A 1 75  ? -5.746  -0.670  -9.780  1.00 15.48 ? 560  ASP A CB  1 
ATOM   465  C  CG  . ASP A 1 75  ? -7.008  -0.991  -10.547 1.00 18.27 ? 560  ASP A CG  1 
ATOM   466  O  OD1 . ASP A 1 75  ? -6.924  -1.814  -11.499 1.00 21.38 ? 560  ASP A OD1 1 
ATOM   467  O  OD2 . ASP A 1 75  ? -8.065  -0.520  -10.132 1.00 18.86 ? 560  ASP A OD2 1 
ATOM   468  N  N   . ALA A 1 76  ? -3.807  -1.297  -7.181  1.00 12.01 ? 561  ALA A N   1 
ATOM   469  C  CA  . ALA A 1 76  ? -2.545  -1.181  -6.447  1.00 11.46 ? 561  ALA A CA  1 
ATOM   470  C  C   . ALA A 1 76  ? -2.856  -1.213  -4.964  1.00 10.55 ? 561  ALA A C   1 
ATOM   471  O  O   . ALA A 1 76  ? -3.957  -0.879  -4.534  1.00 10.93 ? 561  ALA A O   1 
ATOM   472  C  CB  . ALA A 1 76  ? -1.757  0.048   -6.833  1.00 11.65 ? 561  ALA A CB  1 
ATOM   473  N  N   . ILE A 1 77  ? -1.851  -1.604  -4.224  1.00 10.16 ? 562  ILE A N   1 
ATOM   474  C  CA  . ILE A 1 77  ? -1.865  -1.645  -2.743  1.00 9.44  ? 562  ILE A CA  1 
ATOM   475  C  C   . ILE A 1 77  ? -0.765  -0.731  -2.199  1.00 9.61  ? 562  ILE A C   1 
ATOM   476  O  O   . ILE A 1 77  ? 0.366   -0.828  -2.635  1.00 10.15 ? 562  ILE A O   1 
ATOM   477  C  CB  . ILE A 1 77  ? -1.675  -3.083  -2.226  1.00 10.07 ? 562  ILE A CB  1 
ATOM   478  C  CG1 . ILE A 1 77  ? -2.760  -4.007  -2.774  1.00 10.09 ? 562  ILE A CG1 1 
ATOM   479  C  CG2 . ILE A 1 77  ? -1.694  -3.052  -0.702  1.00 10.37 ? 562  ILE A CG2 1 
ATOM   480  C  CD1 . ILE A 1 77  ? -2.626  -5.439  -2.403  1.00 11.49 ? 562  ILE A CD1 1 
ATOM   481  N  N   A LEU A 1 78  ? -1.091  0.146   -1.261  0.50 9.06  ? 563  LEU A N   1 
ATOM   482  N  N   B LEU A 1 78  ? -1.101  0.194   -1.313  0.50 10.22 ? 563  LEU A N   1 
ATOM   483  C  CA  A LEU A 1 78  ? -0.115  0.984   -0.539  0.50 8.77  ? 563  LEU A CA  1 
ATOM   484  C  CA  B LEU A 1 78  ? -0.113  0.996   -0.563  0.50 10.52 ? 563  LEU A CA  1 
ATOM   485  C  C   A LEU A 1 78  ? 0.055   0.399   0.855   0.50 9.33  ? 563  LEU A C   1 
ATOM   486  C  C   B LEU A 1 78  ? 0.025   0.321   0.791   0.50 10.33 ? 563  LEU A C   1 
ATOM   487  O  O   A LEU A 1 78  ? -0.898  0.453   1.670   0.50 9.17  ? 563  LEU A O   1 
ATOM   488  O  O   B LEU A 1 78  ? -1.003  0.205   1.479   0.50 9.91  ? 563  LEU A O   1 
ATOM   489  C  CB  A LEU A 1 78  ? -0.594  2.435   -0.458  0.50 8.79  ? 563  LEU A CB  1 
ATOM   490  C  CB  B LEU A 1 78  ? -0.592  2.444   -0.401  0.50 12.05 ? 563  LEU A CB  1 
ATOM   491  C  CG  A LEU A 1 78  ? -0.782  3.106   -1.807  0.50 8.06  ? 563  LEU A CG  1 
ATOM   492  C  CG  B LEU A 1 78  ? -0.075  3.446   -1.425  0.50 13.52 ? 563  LEU A CG  1 
ATOM   493  C  CD1 A LEU A 1 78  ? -1.567  4.404   -1.710  0.50 8.94  ? 563  LEU A CD1 1 
ATOM   494  C  CD1 B LEU A 1 78  ? -0.121  2.870   -2.833  0.50 12.88 ? 563  LEU A CD1 1 
ATOM   495  C  CD2 A LEU A 1 78  ? 0.593   3.370   -2.408  0.50 8.34  ? 563  LEU A CD2 1 
ATOM   496  C  CD2 B LEU A 1 78  ? -0.801  4.782   -1.314  0.50 13.01 ? 563  LEU A CD2 1 
ATOM   497  N  N   . MET A 1 79  ? 1.209   -0.185  1.101   1.00 9.24  ? 564  MET A N   1 
ATOM   498  C  CA  . MET A 1 79  ? 1.448   -0.962  2.325   1.00 9.35  ? 564  MET A CA  1 
ATOM   499  C  C   . MET A 1 79  ? 2.327   -0.170  3.253   1.00 9.83  ? 564  MET A C   1 
ATOM   500  O  O   . MET A 1 79  ? 3.538   -0.134  3.062   1.00 10.32 ? 564  MET A O   1 
ATOM   501  C  CB  . MET A 1 79  ? 2.139   -2.266  1.923   1.00 9.81  ? 564  MET A CB  1 
ATOM   502  C  CG  . MET A 1 79  ? 2.355   -3.258  3.064   1.00 10.60 ? 564  MET A CG  1 
ATOM   503  S  SD  . MET A 1 79  ? 0.879   -3.913  3.865   1.00 11.59 ? 564  MET A SD  1 
ATOM   504  C  CE  . MET A 1 79  ? 0.393   -5.064  2.585   1.00 13.14 ? 564  MET A CE  1 
ATOM   505  N  N   . ASP A 1 80  ? 1.761   0.389   4.299   1.00 9.96  ? 565  ASP A N   1 
ATOM   506  C  CA  . ASP A 1 80  ? 2.625   0.973   5.329   1.00 10.52 ? 565  ASP A CA  1 
ATOM   507  C  C   . ASP A 1 80  ? 3.477   -0.146  5.931   1.00 10.40 ? 565  ASP A C   1 
ATOM   508  O  O   . ASP A 1 80  ? 3.000   -1.259  6.191   1.00 10.88 ? 565  ASP A O   1 
ATOM   509  C  CB  . ASP A 1 80  ? 1.781   1.658   6.385   1.00 12.07 ? 565  ASP A CB  1 
ATOM   510  C  CG  . ASP A 1 80  ? 2.646   2.536   7.254   1.00 14.43 ? 565  ASP A CG  1 
ATOM   511  O  OD1 . ASP A 1 80  ? 3.579   3.221   6.736   1.00 15.58 ? 565  ASP A OD1 1 
ATOM   512  O  OD2 . ASP A 1 80  ? 2.419   2.482   8.442   1.00 16.86 ? 565  ASP A OD2 1 
ATOM   513  N  N   . CYS A 1 81  ? 4.744   0.131   6.193   1.00 10.45 ? 566  CYS A N   1 
ATOM   514  C  CA  . CYS A 1 81  ? 5.668   -0.916  6.661   1.00 11.64 ? 566  CYS A CA  1 
ATOM   515  C  C   . CYS A 1 81  ? 5.331   -1.329  8.098   1.00 12.34 ? 566  CYS A C   1 
ATOM   516  O  O   . CYS A 1 81  ? 5.475   -2.501  8.432   1.00 13.45 ? 566  CYS A O   1 
ATOM   517  C  CB  . CYS A 1 81  ? 7.128   -0.476  6.548   1.00 11.32 ? 566  CYS A CB  1 
ATOM   518  S  SG  . CYS A 1 81  ? 7.718   -0.423  4.852   1.00 13.64 ? 566  CYS A SG  1 
ATOM   519  N  N   . ARG A 1 82  ? 5.080   -0.383  8.984   1.00 11.79 ? 567  ARG A N   1 
ATOM   520  C  CA  . ARG A 1 82  ? 4.960   -0.632  10.432  1.00 12.33 ? 567  ARG A CA  1 
ATOM   521  C  C   . ARG A 1 82  ? 3.503   -0.526  10.825  1.00 11.92 ? 567  ARG A C   1 
ATOM   522  O  O   . ARG A 1 82  ? 2.978   0.588   10.823  1.00 13.15 ? 567  ARG A O   1 
ATOM   523  C  CB  . ARG A 1 82  ? 5.861   0.358   11.160  1.00 13.06 ? 567  ARG A CB  1 
ATOM   524  C  CG  . ARG A 1 82  ? 7.320   0.141   10.775  1.00 15.06 ? 567  ARG A CG  1 
ATOM   525  C  CD  . ARG A 1 82  ? 8.309   1.026   11.466  1.00 18.26 ? 567  ARG A CD  1 
ATOM   526  N  NE  . ARG A 1 82  ? 9.631   0.603   11.019  1.00 19.38 ? 567  ARG A NE  1 
ATOM   527  C  CZ  . ARG A 1 82  ? 10.765  0.936   11.601  1.00 21.93 ? 567  ARG A CZ  1 
ATOM   528  N  NH1 . ARG A 1 82  ? 10.770  1.753   12.641  1.00 24.83 ? 567  ARG A NH1 1 
ATOM   529  N  NH2 . ARG A 1 82  ? 11.896  0.449   11.138  1.00 21.98 ? 567  ARG A NH2 1 
ATOM   530  N  N   . LEU A 1 83  ? 2.916   -1.644  11.213  1.00 12.23 ? 568  LEU A N   1 
ATOM   531  C  CA  . LEU A 1 83  ? 1.459   -1.750  11.480  1.00 13.63 ? 568  LEU A CA  1 
ATOM   532  C  C   . LEU A 1 83  ? 1.261   -2.309  12.883  1.00 14.71 ? 568  LEU A C   1 
ATOM   533  O  O   . LEU A 1 83  ? 2.227   -2.807  13.455  1.00 17.12 ? 568  LEU A O   1 
ATOM   534  C  CB  . LEU A 1 83  ? 0.853   -2.642  10.395  1.00 12.37 ? 568  LEU A CB  1 
ATOM   535  C  CG  . LEU A 1 83  ? 0.855   -2.009  9.004   1.00 13.19 ? 568  LEU A CG  1 
ATOM   536  C  CD1 . LEU A 1 83  ? 0.593   -3.030  7.934   1.00 13.26 ? 568  LEU A CD1 1 
ATOM   537  C  CD2 . LEU A 1 83  ? -0.111  -0.853  8.901   1.00 14.28 ? 568  LEU A CD2 1 
ATOM   538  N  N   . PRO A 1 84  ? 0.044   -2.200  13.459  1.00 16.61 ? 569  PRO A N   1 
ATOM   539  C  CA  . PRO A 1 84  ? -0.142  -2.545  14.872  1.00 17.94 ? 569  PRO A CA  1 
ATOM   540  C  C   . PRO A 1 84  ? 0.108   -4.017  15.214  1.00 16.10 ? 569  PRO A C   1 
ATOM   541  O  O   . PRO A 1 84  ? 0.580   -4.294  16.304  1.00 20.73 ? 569  PRO A O   1 
ATOM   542  C  CB  . PRO A 1 84  ? -1.624  -2.252  15.134  1.00 20.82 ? 569  PRO A CB  1 
ATOM   543  C  CG  . PRO A 1 84  ? -2.122  -1.424  13.994  1.00 20.66 ? 569  PRO A CG  1 
ATOM   544  C  CD  . PRO A 1 84  ? -1.176  -1.664  12.831  1.00 17.80 ? 569  PRO A CD  1 
ATOM   545  N  N   . VAL A 1 85  ? -0.234  -4.939  14.337  1.00 13.97 ? 570  VAL A N   1 
ATOM   546  C  CA  . VAL A 1 85  ? -0.257  -6.380  14.720  1.00 14.43 ? 570  VAL A CA  1 
ATOM   547  C  C   . VAL A 1 85  ? 0.576   -7.173  13.713  1.00 13.82 ? 570  VAL A C   1 
ATOM   548  O  O   . VAL A 1 85  ? 1.512   -7.836  14.143  1.00 16.02 ? 570  VAL A O   1 
ATOM   549  C  CB  . VAL A 1 85  ? -1.697  -6.895  14.851  1.00 14.83 ? 570  VAL A CB  1 
ATOM   550  C  CG1 . VAL A 1 85  ? -1.743  -8.345  15.223  1.00 15.79 ? 570  VAL A CG1 1 
ATOM   551  C  CG2 . VAL A 1 85  ? -2.486  -6.124  15.900  1.00 15.50 ? 570  VAL A CG2 1 
ATOM   552  N  N   . LEU A 1 86  ? 0.163   -7.198  12.460  1.00 13.85 ? 571  LEU A N   1 
ATOM   553  C  CA  . LEU A 1 86  ? 0.906   -7.889  11.381  1.00 13.40 ? 571  LEU A CA  1 
ATOM   554  C  C   . LEU A 1 86  ? 1.563   -6.817  10.509  1.00 13.06 ? 571  LEU A C   1 
ATOM   555  O  O   . LEU A 1 86  ? 0.849   -6.063  9.854   1.00 13.64 ? 571  LEU A O   1 
ATOM   556  C  CB  . LEU A 1 86  ? -0.004  -8.806  10.580  1.00 13.26 ? 571  LEU A CB  1 
ATOM   557  C  CG  . LEU A 1 86  ? 0.780   -9.697  9.615   1.00 12.70 ? 571  LEU A CG  1 
ATOM   558  C  CD1 . LEU A 1 86  ? 1.515   -10.804 10.360  1.00 13.17 ? 571  LEU A CD1 1 
ATOM   559  C  CD2 . LEU A 1 86  ? -0.088  -10.270 8.512   1.00 15.08 ? 571  LEU A CD2 1 
ATOM   560  N  N   . ASP A 1 87  ? 2.884   -6.781  10.468  1.00 13.83 ? 572  ASP A N   1 
ATOM   561  C  CA  . ASP A 1 87  ? 3.665   -5.751  9.730   1.00 14.49 ? 572  ASP A CA  1 
ATOM   562  C  C   . ASP A 1 87  ? 3.640   -6.022  8.209   1.00 12.61 ? 572  ASP A C   1 
ATOM   563  O  O   . ASP A 1 87  ? 3.163   -7.079  7.709   1.00 12.06 ? 572  ASP A O   1 
ATOM   564  C  CB  . ASP A 1 87  ? 5.092   -5.618  10.278  1.00 16.33 ? 572  ASP A CB  1 
ATOM   565  C  CG  . ASP A 1 87  ? 5.200   -4.843  11.592  1.00 23.68 ? 572  ASP A CG  1 
ATOM   566  O  OD1 . ASP A 1 87  ? 4.407   -3.908  11.828  1.00 21.30 ? 572  ASP A OD1 1 
ATOM   567  O  OD2 . ASP A 1 87  ? 6.057   -5.213  12.419  1.00 27.03 ? 572  ASP A OD2 1 
ATOM   568  N  N   . GLY A 1 88  ? 4.183   -5.046  7.501   1.00 12.42 ? 573  GLY A N   1 
ATOM   569  C  CA  . GLY A 1 88  ? 4.117   -5.006  6.043   1.00 11.33 ? 573  GLY A CA  1 
ATOM   570  C  C   . GLY A 1 88  ? 4.872   -6.176  5.414   1.00 11.03 ? 573  GLY A C   1 
ATOM   571  O  O   . GLY A 1 88  ? 4.385   -6.662  4.397   1.00 11.19 ? 573  GLY A O   1 
ATOM   572  N  N   . TYR A 1 89  ? 5.981   -6.650  5.977   1.00 10.53 ? 574  TYR A N   1 
ATOM   573  C  CA  . TYR A 1 89  ? 6.716   -7.770  5.369   1.00 10.74 ? 574  TYR A CA  1 
ATOM   574  C  C   . TYR A 1 89  ? 5.805   -8.979  5.269   1.00 11.23 ? 574  TYR A C   1 
ATOM   575  O  O   . TYR A 1 89  ? 5.600   -9.533  4.228   1.00 10.58 ? 574  TYR A O   1 
ATOM   576  C  CB  . TYR A 1 89  ? 7.996   -8.154  6.113   1.00 11.27 ? 574  TYR A CB  1 
ATOM   577  C  CG  . TYR A 1 89  ? 8.748   -9.264  5.448   1.00 10.97 ? 574  TYR A CG  1 
ATOM   578  C  CD1 . TYR A 1 89  ? 8.474   -10.579 5.768   1.00 12.11 ? 574  TYR A CD1 1 
ATOM   579  C  CD2 . TYR A 1 89  ? 9.754   -9.008  4.514   1.00 10.97 ? 574  TYR A CD2 1 
ATOM   580  C  CE1 . TYR A 1 89  ? 9.101   -11.623 5.136   1.00 11.79 ? 574  TYR A CE1 1 
ATOM   581  C  CE2 . TYR A 1 89  ? 10.403  -10.045 3.885   1.00 11.11 ? 574  TYR A CE2 1 
ATOM   582  C  CZ  . TYR A 1 89  ? 10.082  -11.358 4.186   1.00 11.67 ? 574  TYR A CZ  1 
ATOM   583  O  OH  . TYR A 1 89  ? 10.730  -12.370 3.544   1.00 12.99 ? 574  TYR A OH  1 
ATOM   584  N  N   A SER A 1 90  ? 5.289   -9.401  6.423   0.50 11.00 ? 575  SER A N   1 
ATOM   585  N  N   B SER A 1 90  ? 5.270   -9.419  6.403   0.50 10.96 ? 575  SER A N   1 
ATOM   586  C  CA  A SER A 1 90  ? 4.473   -10.629 6.527   0.50 11.88 ? 575  SER A CA  1 
ATOM   587  C  CA  B SER A 1 90  ? 4.501   -10.681 6.440   0.50 11.73 ? 575  SER A CA  1 
ATOM   588  C  C   A SER A 1 90  ? 3.207   -10.477 5.705   0.50 11.01 ? 575  SER A C   1 
ATOM   589  C  C   B SER A 1 90  ? 3.170   -10.499 5.717   0.50 10.89 ? 575  SER A C   1 
ATOM   590  O  O   A SER A 1 90  ? 2.835   -11.400 4.997   0.50 12.25 ? 575  SER A O   1 
ATOM   591  O  O   B SER A 1 90  ? 2.720   -11.412 5.032   0.50 11.72 ? 575  SER A O   1 
ATOM   592  C  CB  A SER A 1 90  ? 4.104   -10.936 7.954   0.50 11.92 ? 575  SER A CB  1 
ATOM   593  C  CB  B SER A 1 90  ? 4.320   -11.151 7.862   0.50 12.10 ? 575  SER A CB  1 
ATOM   594  O  OG  A SER A 1 90  ? 3.530   -12.239 8.048   0.50 13.66 ? 575  SER A OG  1 
ATOM   595  O  OG  B SER A 1 90  ? 5.575   -11.277 8.505   0.50 13.28 ? 575  SER A OG  1 
ATOM   596  N  N   . ALA A 1 91  ? 2.558   -9.322  5.789   1.00 11.08 ? 576  ALA A N   1 
ATOM   597  C  CA  . ALA A 1 91  ? 1.301   -9.113  5.031   1.00 11.58 ? 576  ALA A CA  1 
ATOM   598  C  C   . ALA A 1 91  ? 1.590   -9.290  3.541   1.00 10.97 ? 576  ALA A C   1 
ATOM   599  O  O   . ALA A 1 91  ? 0.827   -9.893  2.832   1.00 11.85 ? 576  ALA A O   1 
ATOM   600  C  CB  . ALA A 1 91  ? 0.709   -7.764  5.310   1.00 11.81 ? 576  ALA A CB  1 
ATOM   601  N  N   . THR A 1 92  ? 2.678   -8.700  3.071   1.00 10.27 ? 577  THR A N   1 
ATOM   602  C  CA  . THR A 1 92  ? 3.039   -8.696  1.653   1.00 10.93 ? 577  THR A CA  1 
ATOM   603  C  C   . THR A 1 92  ? 3.383   -10.121 1.214   1.00 11.00 ? 577  THR A C   1 
ATOM   604  O  O   . THR A 1 92  ? 2.938   -10.547 0.117   1.00 12.54 ? 577  THR A O   1 
ATOM   605  C  CB  . THR A 1 92  ? 4.174   -7.708  1.418   1.00 10.81 ? 577  THR A CB  1 
ATOM   606  O  OG1 . THR A 1 92  ? 3.682   -6.391  1.705   1.00 11.47 ? 577  THR A OG1 1 
ATOM   607  C  CG2 . THR A 1 92  ? 4.655   -7.708  -0.012  1.00 10.84 ? 577  THR A CG2 1 
ATOM   608  N  N   . ARG A 1 93  ? 4.103   -10.867 2.048   1.00 11.86 ? 578  ARG A N   1 
ATOM   609  C  CA  . ARG A 1 93  ? 4.372   -12.288 1.693   1.00 12.57 ? 578  ARG A CA  1 
ATOM   610  C  C   . ARG A 1 93  ? 3.069   -13.079 1.564   1.00 13.18 ? 578  ARG A C   1 
ATOM   611  O  O   . ARG A 1 93  ? 2.931   -13.845 0.604   1.00 14.64 ? 578  ARG A O   1 
ATOM   612  C  CB  . ARG A 1 93  ? 5.243   -13.000 2.720   1.00 13.96 ? 578  ARG A CB  1 
ATOM   613  C  CG  . ARG A 1 93  ? 6.596   -12.368 2.958   1.00 14.44 ? 578  ARG A CG  1 
ATOM   614  C  CD  . ARG A 1 93  ? 7.383   -12.228 1.726   1.00 16.37 ? 578  ARG A CD  1 
ATOM   615  N  NE  . ARG A 1 93  ? 7.752   -13.485 1.117   1.00 20.38 ? 578  ARG A NE  1 
ATOM   616  C  CZ  . ARG A 1 93  ? 7.958   -13.651 -0.189  1.00 23.05 ? 578  ARG A CZ  1 
ATOM   617  N  NH1 . ARG A 1 93  ? 7.697   -12.669 -1.047  1.00 25.39 ? 578  ARG A NH1 1 
ATOM   618  N  NH2 . ARG A 1 93  ? 8.381   -14.834 -0.630  1.00 23.98 ? 578  ARG A NH2 1 
ATOM   619  N  N   . GLU A 1 94  ? 2.109   -12.817 2.425   1.00 13.54 ? 579  GLU A N   1 
ATOM   620  C  CA  . GLU A 1 94  ? 0.796   -13.512 2.375   1.00 14.21 ? 579  GLU A CA  1 
ATOM   621  C  C   . GLU A 1 94  ? 0.092   -13.151 1.065   1.00 14.82 ? 579  GLU A C   1 
ATOM   622  O  O   . GLU A 1 94  ? -0.471  -14.021 0.366   1.00 16.89 ? 579  GLU A O   1 
ATOM   623  C  CB  . GLU A 1 94  ? -0.092  -13.160 3.569   1.00 17.61 ? 579  GLU A CB  1 
ATOM   624  C  CG  . GLU A 1 94  ? 0.419   -13.661 4.893   1.00 20.86 ? 579  GLU A CG  1 
ATOM   625  C  CD  . GLU A 1 94  ? 0.287   -15.156 5.118   1.00 22.85 ? 579  GLU A CD  1 
ATOM   626  O  OE1 . GLU A 1 94  ? 1.035   -15.647 5.951   1.00 22.88 ? 579  GLU A OE1 1 
ATOM   627  O  OE2 . GLU A 1 94  ? -0.549  -15.822 4.435   1.00 25.48 ? 579  GLU A OE2 1 
ATOM   628  N  N   . ILE A 1 95  ? 0.046   -11.872 0.700   1.00 12.58 ? 580  ILE A N   1 
ATOM   629  C  CA  . ILE A 1 95  ? -0.667  -11.429 -0.525  1.00 12.43 ? 580  ILE A CA  1 
ATOM   630  C  C   . ILE A 1 95  ? 0.053   -12.035 -1.730  1.00 13.59 ? 580  ILE A C   1 
ATOM   631  O  O   . ILE A 1 95  ? -0.663  -12.538 -2.682  1.00 14.85 ? 580  ILE A O   1 
ATOM   632  C  CB  . ILE A 1 95  ? -0.720  -9.884  -0.556  1.00 12.92 ? 580  ILE A CB  1 
ATOM   633  C  CG1 . ILE A 1 95  ? -1.620  -9.358  0.556   1.00 12.40 ? 580  ILE A CG1 1 
ATOM   634  C  CG2 . ILE A 1 95  ? -1.177  -9.396  -1.892  1.00 13.02 ? 580  ILE A CG2 1 
ATOM   635  C  CD1 . ILE A 1 95  ? -1.539  -7.881  0.833   1.00 13.38 ? 580  ILE A CD1 1 
ATOM   636  N  N   . ARG A 1 96  ? 1.378   -12.037 -1.727  1.00 13.41 ? 581  ARG A N   1 
ATOM   637  C  CA  . ARG A 1 96  ? 2.124   -12.557 -2.897  1.00 15.17 ? 581  ARG A CA  1 
ATOM   638  C  C   . ARG A 1 96  ? 1.851   -14.050 -3.073  1.00 16.95 ? 581  ARG A C   1 
ATOM   639  O  O   . ARG A 1 96  ? 1.996   -14.526 -4.203  1.00 19.40 ? 581  ARG A O   1 
ATOM   640  C  CB  . ARG A 1 96  ? 3.617   -12.301 -2.767  1.00 13.89 ? 581  ARG A CB  1 
ATOM   641  C  CG  . ARG A 1 96  ? 3.995   -10.847 -2.984  1.00 13.01 ? 581  ARG A CG  1 
ATOM   642  C  CD  . ARG A 1 96  ? 3.843   -10.444 -4.437  1.00 15.05 ? 581  ARG A CD  1 
ATOM   643  N  NE  . ARG A 1 96  ? 4.212   -9.071  -4.691  1.00 14.03 ? 581  ARG A NE  1 
ATOM   644  C  CZ  . ARG A 1 96  ? 3.483   -8.192  -5.381  1.00 13.00 ? 581  ARG A CZ  1 
ATOM   645  N  NH1 . ARG A 1 96  ? 2.273   -8.484  -5.840  1.00 13.93 ? 581  ARG A NH1 1 
ATOM   646  N  NH2 . ARG A 1 96  ? 3.978   -6.979  -5.545  1.00 12.68 ? 581  ARG A NH2 1 
ATOM   647  N  N   . ALA A 1 97  ? 1.553   -14.786 -2.008  1.00 17.59 ? 582  ALA A N   1 
ATOM   648  C  CA  . ALA A 1 97  ? 1.215   -16.232 -2.089  1.00 20.14 ? 582  ALA A CA  1 
ATOM   649  C  C   . ALA A 1 97  ? -0.220  -16.479 -2.586  1.00 22.58 ? 582  ALA A C   1 
ATOM   650  O  O   . ALA A 1 97  ? -0.483  -17.654 -2.899  1.00 24.33 ? 582  ALA A O   1 
ATOM   651  C  CB  . ALA A 1 97  ? 1.468   -16.881 -0.760  1.00 21.26 ? 582  ALA A CB  1 
ATOM   652  N  N   . GLN A 1 98  ? -1.106  -15.472 -2.723  1.00 24.04 ? 583  GLN A N   1 
ATOM   653  C  CA  . GLN A 1 98  ? -2.460  -15.574 -3.372  1.00 24.05 ? 583  GLN A CA  1 
ATOM   654  C  C   . GLN A 1 98  ? -2.306  -15.526 -4.905  1.00 30.74 ? 583  GLN A C   1 
ATOM   655  O  O   . GLN A 1 98  ? -1.489  -14.738 -5.373  1.00 30.95 ? 583  GLN A O   1 
ATOM   656  C  CB  . GLN A 1 98  ? -3.376  -14.413 -2.958  1.00 26.86 ? 583  GLN A CB  1 
ATOM   657  C  CG  . GLN A 1 98  ? -3.541  -14.211 -1.451  1.00 23.80 ? 583  GLN A CG  1 
ATOM   658  C  CD  . GLN A 1 98  ? -4.128  -12.862 -1.082  1.00 24.56 ? 583  GLN A CD  1 
ATOM   659  O  OE1 . GLN A 1 98  ? -4.328  -11.985 -1.920  1.00 26.18 ? 583  GLN A OE1 1 
ATOM   660  N  NE2 . GLN A 1 98  ? -4.371  -12.648 0.205   1.00 24.82 ? 583  GLN A NE2 1 
ATOM   661  N  N   . GLU A 1 99  ? -3.114  -16.264 -5.682  1.00 41.40 ? 584  GLU A N   1 
ATOM   662  C  CA  . GLU A 1 99  ? -2.892  -16.408 -7.157  1.00 48.18 ? 584  GLU A CA  1 
ATOM   663  C  C   . GLU A 1 99  ? -3.186  -15.094 -7.894  1.00 49.80 ? 584  GLU A C   1 
ATOM   664  O  O   . GLU A 1 99  ? -2.540  -14.866 -8.928  1.00 59.90 ? 584  GLU A O   1 
ATOM   665  C  CB  . GLU A 1 99  ? -3.701  -17.561 -7.764  1.00 53.07 ? 584  GLU A CB  1 
ATOM   666  C  CG  . GLU A 1 99  ? -3.685  -17.614 -9.290  1.00 56.48 ? 584  GLU A CG  1 
ATOM   667  C  CD  . GLU A 1 99  ? -2.321  -17.659 -9.967  1.00 60.92 ? 584  GLU A CD  1 
ATOM   668  O  OE1 . GLU A 1 99  ? -1.450  -18.428 -9.506  1.00 68.30 ? 584  GLU A OE1 1 
ATOM   669  O  OE2 . GLU A 1 99  ? -2.131  -16.933 -10.967 1.00 62.20 ? 584  GLU A OE2 1 
ATOM   670  N  N   . ASN A 1 100 ? -4.107  -14.254 -7.411  1.00 51.16 ? 585  ASN A N   1 
ATOM   671  C  CA  . ASN A 1 100 ? -4.320  -12.887 -7.972  1.00 50.52 ? 585  ASN A CA  1 
ATOM   672  C  C   . ASN A 1 100 ? -3.336  -11.895 -7.315  1.00 48.12 ? 585  ASN A C   1 
ATOM   673  O  O   . ASN A 1 100 ? -3.060  -10.830 -7.913  1.00 49.21 ? 585  ASN A O   1 
ATOM   674  C  CB  . ASN A 1 100 ? -5.786  -12.464 -7.853  1.00 56.43 ? 585  ASN A CB  1 
ATOM   675  C  CG  . ASN A 1 100 ? -6.728  -13.349 -8.649  1.00 58.88 ? 585  ASN A CG  1 
ATOM   676  O  OD1 . ASN A 1 100 ? -6.302  -14.290 -9.320  1.00 59.86 ? 585  ASN A OD1 1 
ATOM   677  N  ND2 . ASN A 1 100 ? -8.018  -13.059 -8.580  1.00 58.98 ? 585  ASN A ND2 1 
ATOM   678  N  N   . GLY A 1 101 ? -2.782  -12.239 -6.147  1.00 39.43 ? 586  GLY A N   1 
ATOM   679  C  CA  . GLY A 1 101 ? -1.855  -11.381 -5.384  1.00 34.77 ? 586  GLY A CA  1 
ATOM   680  C  C   . GLY A 1 101 ? -0.427  -11.486 -5.894  1.00 30.96 ? 586  GLY A C   1 
ATOM   681  O  O   . GLY A 1 101 ? 0.385   -10.615 -5.568  1.00 23.29 ? 586  GLY A O   1 
ATOM   682  N  N   . ARG A 1 102 ? -0.108  -12.495 -6.705  1.00 32.43 ? 587  ARG A N   1 
ATOM   683  C  CA  . ARG A 1 102 ? 1.274   -12.696 -7.224  1.00 34.99 ? 587  ARG A CA  1 
ATOM   684  C  C   . ARG A 1 102 ? 1.745   -11.414 -7.937  1.00 31.23 ? 587  ARG A C   1 
ATOM   685  O  O   . ARG A 1 102 ? 2.965   -11.167 -7.967  1.00 30.51 ? 587  ARG A O   1 
ATOM   686  C  CB  . ARG A 1 102 ? 1.334   -13.928 -8.149  1.00 40.78 ? 587  ARG A CB  1 
ATOM   687  C  CG  . ARG A 1 102 ? 1.128   -13.640 -9.635  1.00 49.51 ? 587  ARG A CG  1 
ATOM   688  C  CD  . ARG A 1 102 ? 0.258   -14.668 -10.356 1.00 52.62 ? 587  ARG A CD  1 
ATOM   689  N  NE  . ARG A 1 102 ? -0.485  -14.105 -11.485 1.00 52.82 ? 587  ARG A NE  1 
ATOM   690  C  CZ  . ARG A 1 102 ? -1.475  -13.213 -11.394 1.00 55.91 ? 587  ARG A CZ  1 
ATOM   691  N  NH1 . ARG A 1 102 ? -1.860  -12.738 -10.219 1.00 52.05 ? 587  ARG A NH1 1 
ATOM   692  N  NH2 . ARG A 1 102 ? -2.070  -12.782 -12.495 1.00 56.09 ? 587  ARG A NH2 1 
ATOM   693  N  N   . ARG A 1 103 ? 0.820   -10.642 -8.528  1.00 28.77 ? 588  ARG A N   1 
ATOM   694  C  CA  . ARG A 1 103 ? 1.164   -9.610  -9.539  1.00 24.34 ? 588  ARG A CA  1 
ATOM   695  C  C   . ARG A 1 103 ? 0.582   -8.211  -9.255  1.00 18.68 ? 588  ARG A C   1 
ATOM   696  O  O   . ARG A 1 103 ? 0.985   -7.289  -9.979  1.00 18.51 ? 588  ARG A O   1 
ATOM   697  C  CB  . ARG A 1 103 ? 0.707   -10.081 -10.923 1.00 29.95 ? 588  ARG A CB  1 
ATOM   698  C  CG  . ARG A 1 103 ? 1.791   -10.824 -11.696 1.00 40.15 ? 588  ARG A CG  1 
ATOM   699  C  CD  . ARG A 1 103 ? 1.271   -11.844 -12.693 1.00 46.27 ? 588  ARG A CD  1 
ATOM   700  N  NE  . ARG A 1 103 ? 1.128   -11.339 -14.053 1.00 56.09 ? 588  ARG A NE  1 
ATOM   701  C  CZ  . ARG A 1 103 ? 0.073   -10.674 -14.532 1.00 63.78 ? 588  ARG A CZ  1 
ATOM   702  N  NH1 . ARG A 1 103 ? 0.067   -10.279 -15.798 1.00 63.86 ? 588  ARG A NH1 1 
ATOM   703  N  NH2 . ARG A 1 103 ? -0.968  -10.400 -13.759 1.00 65.83 ? 588  ARG A NH2 1 
ATOM   704  N  N   . VAL A 1 104 ? -0.321  -8.005  -8.297  1.00 16.60 ? 589  VAL A N   1 
ATOM   705  C  CA  . VAL A 1 104 ? -0.819  -6.628  -8.016  1.00 14.82 ? 589  VAL A CA  1 
ATOM   706  C  C   . VAL A 1 104 ? 0.350   -5.736  -7.580  1.00 12.86 ? 589  VAL A C   1 
ATOM   707  O  O   . VAL A 1 104 ? 1.223   -6.148  -6.795  1.00 11.87 ? 589  VAL A O   1 
ATOM   708  C  CB  . VAL A 1 104 ? -1.891  -6.643  -6.914  1.00 15.07 ? 589  VAL A CB  1 
ATOM   709  C  CG1 . VAL A 1 104 ? -1.325  -7.149  -5.606  1.00 17.40 ? 589  VAL A CG1 1 
ATOM   710  C  CG2 . VAL A 1 104 ? -2.500  -5.273  -6.754  1.00 16.84 ? 589  VAL A CG2 1 
ATOM   711  N  N   . PRO A 1 105 ? 0.470   -4.509  -8.117  1.00 11.36 ? 590  PRO A N   1 
ATOM   712  C  CA  . PRO A 1 105 ? 1.509   -3.628  -7.630  1.00 11.58 ? 590  PRO A CA  1 
ATOM   713  C  C   . PRO A 1 105 ? 1.319   -3.354  -6.133  1.00 10.35 ? 590  PRO A C   1 
ATOM   714  O  O   . PRO A 1 105 ? 0.226   -2.973  -5.698  1.00 11.99 ? 590  PRO A O   1 
ATOM   715  C  CB  . PRO A 1 105 ? 1.369   -2.372  -8.485  1.00 12.20 ? 590  PRO A CB  1 
ATOM   716  C  CG  . PRO A 1 105 ? 0.741   -2.895  -9.753  1.00 13.94 ? 590  PRO A CG  1 
ATOM   717  C  CD  . PRO A 1 105 ? -0.213  -3.970  -9.319  1.00 12.43 ? 590  PRO A CD  1 
ATOM   718  N  N   . ILE A 1 106 ? 2.419   -3.462  -5.397  1.00 10.09 ? 591  ILE A N   1 
ATOM   719  C  CA  . ILE A 1 106 ? 2.440   -3.164  -3.944  1.00 9.73  ? 591  ILE A CA  1 
ATOM   720  C  C   . ILE A 1 106 ? 3.531   -2.143  -3.745  1.00 9.20  ? 591  ILE A C   1 
ATOM   721  O  O   . ILE A 1 106 ? 4.720   -2.397  -4.120  1.00 10.17 ? 591  ILE A O   1 
ATOM   722  C  CB  . ILE A 1 106 ? 2.632   -4.403  -3.074  1.00 9.82  ? 591  ILE A CB  1 
ATOM   723  C  CG1 . ILE A 1 106 ? 1.574   -5.461  -3.349  1.00 10.25 ? 591  ILE A CG1 1 
ATOM   724  C  CG2 . ILE A 1 106 ? 2.617   -3.985  -1.591  1.00 10.29 ? 591  ILE A CG2 1 
ATOM   725  C  CD1 . ILE A 1 106 ? 1.766   -6.727  -2.599  1.00 11.17 ? 591  ILE A CD1 1 
ATOM   726  N  N   . ILE A 1 107 ? 3.163   -0.993  -3.206  1.00 9.31  ? 592  ILE A N   1 
ATOM   727  C  CA  . ILE A 1 107 ? 4.100   0.114   -2.962  1.00 9.74  ? 592  ILE A CA  1 
ATOM   728  C  C   . ILE A 1 107 ? 4.179   0.277   -1.460  1.00 9.45  ? 592  ILE A C   1 
ATOM   729  O  O   . ILE A 1 107 ? 3.153   0.591   -0.837  1.00 10.23 ? 592  ILE A O   1 
ATOM   730  C  CB  . ILE A 1 107 ? 3.599   1.369   -3.699  1.00 11.00 ? 592  ILE A CB  1 
ATOM   731  C  CG1 . ILE A 1 107 ? 3.544   1.149   -5.223  1.00 13.16 ? 592  ILE A CG1 1 
ATOM   732  C  CG2 . ILE A 1 107 ? 4.430   2.598   -3.335  1.00 12.44 ? 592  ILE A CG2 1 
ATOM   733  C  CD1 . ILE A 1 107 ? 2.710   2.148   -6.001  1.00 15.58 ? 592  ILE A CD1 1 
ATOM   734  N  N   . ALA A 1 108 ? 5.345   0.111   -0.904  1.00 8.90  ? 593  ALA A N   1 
ATOM   735  C  CA  . ALA A 1 108 ? 5.524   0.265   0.535   1.00 9.62  ? 593  ALA A CA  1 
ATOM   736  C  C   . ALA A 1 108 ? 5.518   1.745   0.892   1.00 10.73 ? 593  ALA A C   1 
ATOM   737  O  O   . ALA A 1 108 ? 6.056   2.569   0.112   1.00 10.83 ? 593  ALA A O   1 
ATOM   738  C  CB  . ALA A 1 108 ? 6.813   -0.368  0.950   1.00 10.85 ? 593  ALA A CB  1 
ATOM   739  N  N   . LEU A 1 109 ? 5.000   2.109   2.053   1.00 9.96  ? 594  LEU A N   1 
ATOM   740  C  CA  . LEU A 1 109 ? 5.172   3.452   2.649   1.00 10.26 ? 594  LEU A CA  1 
ATOM   741  C  C   . LEU A 1 109 ? 6.121   3.309   3.807   1.00 11.02 ? 594  LEU A C   1 
ATOM   742  O  O   . LEU A 1 109 ? 5.897   2.455   4.668   1.00 12.50 ? 594  LEU A O   1 
ATOM   743  C  CB  . LEU A 1 109 ? 3.837   3.989   3.133   1.00 10.74 ? 594  LEU A CB  1 
ATOM   744  C  CG  . LEU A 1 109 ? 2.692   3.877   2.162   1.00 12.10 ? 594  LEU A CG  1 
ATOM   745  C  CD1 . LEU A 1 109 ? 1.424   4.448   2.794   1.00 12.75 ? 594  LEU A CD1 1 
ATOM   746  C  CD2 . LEU A 1 109 ? 3.026   4.588   0.868   1.00 12.89 ? 594  LEU A CD2 1 
ATOM   747  N  N   . THR A 1 110 ? 7.229   4.028   3.778   1.00 11.37 ? 595  THR A N   1 
ATOM   748  C  CA  . THR A 1 110 ? 8.288   3.859   4.786   1.00 13.36 ? 595  THR A CA  1 
ATOM   749  C  C   . THR A 1 110 ? 8.695   5.203   5.359   1.00 13.25 ? 595  THR A C   1 
ATOM   750  O  O   . THR A 1 110 ? 9.039   6.095   4.556   1.00 14.03 ? 595  THR A O   1 
ATOM   751  C  CB  . THR A 1 110 ? 9.500   3.130   4.211   1.00 14.89 ? 595  THR A CB  1 
ATOM   752  O  OG1 . THR A 1 110 ? 10.463  3.071   5.275   1.00 15.82 ? 595  THR A OG1 1 
ATOM   753  C  CG2 . THR A 1 110 ? 10.067  3.726   2.944   1.00 16.48 ? 595  THR A CG2 1 
ATOM   754  N  N   . ALA A 1 111 ? 8.772   5.302   6.672   1.00 13.22 ? 596  ALA A N   1 
ATOM   755  C  CA  . ALA A 1 111 ? 9.335   6.475   7.379   1.00 13.19 ? 596  ALA A CA  1 
ATOM   756  C  C   . ALA A 1 111 ? 10.719  6.094   7.871   1.00 13.51 ? 596  ALA A C   1 
ATOM   757  O  O   . ALA A 1 111 ? 11.319  6.887   8.614   1.00 14.64 ? 596  ALA A O   1 
ATOM   758  C  CB  . ALA A 1 111 ? 8.460   6.809   8.564   1.00 13.27 ? 596  ALA A CB  1 
ATOM   759  N  N   . ASN A 1 112 ? 11.166  4.857   7.625   1.00 13.63 ? 597  ASN A N   1 
ATOM   760  C  CA  . ASN A 1 112 ? 12.361  4.312   8.311   1.00 15.00 ? 597  ASN A CA  1 
ATOM   761  C  C   . ASN A 1 112 ? 13.197  3.467   7.364   1.00 14.05 ? 597  ASN A C   1 
ATOM   762  O  O   . ASN A 1 112 ? 13.744  2.480   7.822   1.00 15.22 ? 597  ASN A O   1 
ATOM   763  C  CB  . ASN A 1 112 ? 11.911  3.492   9.500   1.00 15.45 ? 597  ASN A CB  1 
ATOM   764  C  CG  . ASN A 1 112 ? 11.191  4.315   10.552  1.00 17.61 ? 597  ASN A CG  1 
ATOM   765  O  OD1 . ASN A 1 112 ? 11.841  4.973   11.370  1.00 22.24 ? 597  ASN A OD1 1 
ATOM   766  N  ND2 . ASN A 1 112 ? 9.857   4.236   10.587  1.00 16.16 ? 597  ASN A ND2 1 
ATOM   767  N  N   . ALA A 1 113 ? 13.369  3.919   6.138   1.00 14.15 ? 598  ALA A N   1 
ATOM   768  C  CA  . ALA A 1 113 ? 14.047  3.118   5.106   1.00 15.38 ? 598  ALA A CA  1 
ATOM   769  C  C   . ALA A 1 113 ? 15.407  2.663   5.638   1.00 14.99 ? 598  ALA A C   1 
ATOM   770  O  O   . ALA A 1 113 ? 15.741  1.465   5.525   1.00 15.63 ? 598  ALA A O   1 
ATOM   771  C  CB  . ALA A 1 113 ? 14.163  3.893   3.831   1.00 16.63 ? 598  ALA A CB  1 
ATOM   772  N  N   A LEU A 1 114 ? 16.111  3.538   6.368   0.50 14.78 ? 599  LEU A N   1 
ATOM   773  N  N   B LEU A 1 114 ? 16.265  3.611   6.039   0.50 16.20 ? 599  LEU A N   1 
ATOM   774  C  CA  A LEU A 1 114 ? 17.515  3.282   6.791   0.50 15.08 ? 599  LEU A CA  1 
ATOM   775  C  CA  B LEU A 1 114 ? 17.647  3.266   6.470   0.50 16.42 ? 599  LEU A CA  1 
ATOM   776  C  C   A LEU A 1 114 ? 17.568  3.042   8.299   0.50 15.87 ? 599  LEU A C   1 
ATOM   777  C  C   B LEU A 1 114 ? 17.681  3.199   7.992   0.50 17.56 ? 599  LEU A C   1 
ATOM   778  O  O   A LEU A 1 114 ? 18.671  2.964   8.866   0.50 16.54 ? 599  LEU A O   1 
ATOM   779  O  O   B LEU A 1 114 ? 18.764  3.464   8.546   0.50 19.63 ? 599  LEU A O   1 
ATOM   780  C  CB  A LEU A 1 114 ? 18.392  4.453   6.343   0.50 16.53 ? 599  LEU A CB  1 
ATOM   781  C  CB  B LEU A 1 114 ? 18.664  4.287   5.949   0.50 16.53 ? 599  LEU A CB  1 
ATOM   782  C  CG  A LEU A 1 114 ? 19.026  4.256   4.971   0.50 17.57 ? 599  LEU A CG  1 
ATOM   783  C  CG  B LEU A 1 114 ? 18.903  4.280   4.442   0.50 17.42 ? 599  LEU A CG  1 
ATOM   784  C  CD1 A LEU A 1 114 ? 19.594  2.853   4.876   0.50 18.10 ? 599  LEU A CD1 1 
ATOM   785  C  CD1 B LEU A 1 114 ? 19.680  5.517   4.027   0.50 17.14 ? 599  LEU A CD1 1 
ATOM   786  C  CD2 A LEU A 1 114 ? 18.050  4.513   3.832   0.50 20.44 ? 599  LEU A CD2 1 
ATOM   787  C  CD2 B LEU A 1 114 ? 19.656  3.048   3.985   0.50 19.17 ? 599  LEU A CD2 1 
ATOM   788  N  N   A GLN A 1 115 ? 16.411  2.863   8.912   0.50 14.21 ? 600  GLN A N   1 
ATOM   789  N  N   B GLN A 1 115 ? 16.552  2.840   8.613   0.50 16.46 ? 600  GLN A N   1 
ATOM   790  C  CA  A GLN A 1 115 ? 16.267  2.544   10.355  0.50 13.98 ? 600  GLN A CA  1 
ATOM   791  C  CA  B GLN A 1 115 ? 16.347  2.670   10.080  0.50 17.53 ? 600  GLN A CA  1 
ATOM   792  C  C   A GLN A 1 115 ? 15.530  1.224   10.491  0.50 15.29 ? 600  GLN A C   1 
ATOM   793  C  C   B GLN A 1 115 ? 15.511  1.406   10.333  0.50 17.82 ? 600  GLN A C   1 
ATOM   794  O  O   A GLN A 1 115 ? 14.838  0.967   11.509  0.50 15.32 ? 600  GLN A O   1 
ATOM   795  O  O   B GLN A 1 115 ? 14.677  1.437   11.261  0.50 20.19 ? 600  GLN A O   1 
ATOM   796  C  CB  A GLN A 1 115 ? 15.555  3.711   11.037  0.50 13.10 ? 600  GLN A CB  1 
ATOM   797  C  CB  B GLN A 1 115 ? 15.633  3.908   10.652  0.50 18.50 ? 600  GLN A CB  1 
ATOM   798  C  CG  A GLN A 1 115 ? 16.307  4.996   10.777  0.50 13.52 ? 600  GLN A CG  1 
ATOM   799  C  CG  B GLN A 1 115 ? 16.405  4.602   11.766  0.50 20.07 ? 600  GLN A CG  1 
ATOM   800  C  CD  A GLN A 1 115 ? 15.745  6.208   11.470  0.50 13.44 ? 600  GLN A CD  1 
ATOM   801  C  CD  B GLN A 1 115 ? 15.722  5.834   12.322  0.50 21.57 ? 600  GLN A CD  1 
ATOM   802  O  OE1 A GLN A 1 115 ? 16.491  7.121   11.833  0.50 14.08 ? 600  GLN A OE1 1 
ATOM   803  O  OE1 B GLN A 1 115 ? 14.532  5.827   12.629  0.50 23.73 ? 600  GLN A OE1 1 
ATOM   804  N  NE2 A GLN A 1 115 ? 14.431  6.241   11.630  0.50 15.22 ? 600  GLN A NE2 1 
ATOM   805  N  NE2 B GLN A 1 115 ? 16.491  6.897   12.508  0.50 22.01 ? 600  GLN A NE2 1 
ATOM   806  N  N   . GLY A 1 116 ? 15.679  0.368   9.495   1.00 15.68 ? 601  GLY A N   1 
ATOM   807  C  CA  . GLY A 1 116 ? 15.089  -0.957  9.649   1.00 16.33 ? 601  GLY A CA  1 
ATOM   808  C  C   . GLY A 1 116 ? 14.266  -1.363  8.452   1.00 14.34 ? 601  GLY A C   1 
ATOM   809  O  O   . GLY A 1 116 ? 14.204  -2.555  8.230   1.00 14.07 ? 601  GLY A O   1 
ATOM   810  N  N   . ASP A 1 117 ? 13.606  -0.462  7.727   1.00 13.00 ? 602  ASP A N   1 
ATOM   811  C  CA  . ASP A 1 117 ? 12.616  -0.985  6.748   1.00 11.78 ? 602  ASP A CA  1 
ATOM   812  C  C   . ASP A 1 117 ? 13.323  -1.605  5.540   1.00 10.92 ? 602  ASP A C   1 
ATOM   813  O  O   . ASP A 1 117 ? 12.808  -2.582  5.012   1.00 11.26 ? 602  ASP A O   1 
ATOM   814  C  CB  . ASP A 1 117 ? 11.616  0.080   6.342   1.00 12.45 ? 602  ASP A CB  1 
ATOM   815  C  CG  . ASP A 1 117 ? 10.640  0.487   7.423   1.00 13.88 ? 602  ASP A CG  1 
ATOM   816  O  OD1 . ASP A 1 117 ? 10.429  -0.260  8.382   1.00 16.91 ? 602  ASP A OD1 1 
ATOM   817  O  OD2 . ASP A 1 117 ? 10.125  1.584   7.273   1.00 15.93 ? 602  ASP A OD2 1 
ATOM   818  N  N   . ARG A 1 118 ? 14.494  -1.149  5.155   1.00 11.22 ? 603  ARG A N   1 
ATOM   819  C  CA  . ARG A 1 118 ? 15.229  -1.785  4.024   1.00 13.31 ? 603  ARG A CA  1 
ATOM   820  C  C   . ARG A 1 118 ? 15.678  -3.181  4.454   1.00 12.24 ? 603  ARG A C   1 
ATOM   821  O  O   . ARG A 1 118 ? 15.940  -4.018  3.584   1.00 13.19 ? 603  ARG A O   1 
ATOM   822  C  CB  . ARG A 1 118 ? 16.447  -0.975  3.571   1.00 16.44 ? 603  ARG A CB  1 
ATOM   823  C  CG  . ARG A 1 118 ? 16.105  0.209   2.675   1.00 19.84 ? 603  ARG A CG  1 
ATOM   824  C  CD  . ARG A 1 118 ? 17.273  1.079   2.254   1.00 25.05 ? 603  ARG A CD  1 
ATOM   825  N  NE  . ARG A 1 118 ? 16.877  1.889   1.086   1.00 26.92 ? 603  ARG A NE  1 
ATOM   826  C  CZ  . ARG A 1 118 ? 17.529  1.948   -0.073  1.00 26.62 ? 603  ARG A CZ  1 
ATOM   827  N  NH1 . ARG A 1 118 ? 18.653  1.284   -0.249  1.00 24.45 ? 603  ARG A NH1 1 
ATOM   828  N  NH2 . ARG A 1 118 ? 17.054  2.692   -1.065  1.00 27.77 ? 603  ARG A NH2 1 
ATOM   829  N  N   . GLU A 1 119 ? 15.800  -3.408  5.752   1.00 11.33 ? 604  GLU A N   1 
ATOM   830  C  CA  . GLU A 1 119 ? 16.210  -4.722  6.307   1.00 12.13 ? 604  GLU A CA  1 
ATOM   831  C  C   . GLU A 1 119 ? 15.012  -5.595  6.668   1.00 12.68 ? 604  GLU A C   1 
ATOM   832  O  O   . GLU A 1 119 ? 15.213  -6.671  7.257   1.00 13.77 ? 604  GLU A O   1 
ATOM   833  C  CB  . GLU A 1 119 ? 17.075  -4.520  7.539   1.00 13.46 ? 604  GLU A CB  1 
ATOM   834  C  CG  . GLU A 1 119 ? 18.341  -3.769  7.253   1.00 14.16 ? 604  GLU A CG  1 
ATOM   835  C  CD  . GLU A 1 119 ? 19.265  -3.573  8.439   1.00 16.42 ? 604  GLU A CD  1 
ATOM   836  O  OE1 . GLU A 1 119 ? 18.758  -3.484  9.596   1.00 21.29 ? 604  GLU A OE1 1 
ATOM   837  O  OE2 . GLU A 1 119 ? 20.483  -3.550  8.207   1.00 16.39 ? 604  GLU A OE2 1 
ATOM   838  N  N   . ASN A 1 120 ? 13.793  -5.191  6.367   1.00 11.49 ? 605  ASN A N   1 
ATOM   839  C  CA  . ASN A 1 120 ? 12.595  -5.942  6.778   1.00 12.43 ? 605  ASN A CA  1 
ATOM   840  C  C   . ASN A 1 120 ? 11.558  -5.741  5.669   1.00 11.60 ? 605  ASN A C   1 
ATOM   841  O  O   . ASN A 1 120 ? 11.619  -6.411  4.680   1.00 11.16 ? 605  ASN A O   1 
ATOM   842  C  CB  . ASN A 1 120 ? 12.200  -5.541  8.211   1.00 15.64 ? 605  ASN A CB  1 
ATOM   843  C  CG  . ASN A 1 120 ? 11.283  -6.572  8.821   1.00 19.39 ? 605  ASN A CG  1 
ATOM   844  O  OD1 . ASN A 1 120 ? 10.461  -7.146  8.119   1.00 19.11 ? 605  ASN A OD1 1 
ATOM   845  N  ND2 . ASN A 1 120 ? 11.481  -6.893  10.093  1.00 27.30 ? 605  ASN A ND2 1 
ATOM   846  N  N   . CYS A 1 121 ? 10.619  -4.839  5.901   1.00 12.57 ? 606  CYS A N   1 
ATOM   847  C  CA  . CYS A 1 121 ? 9.465   -4.588  5.045   1.00 13.60 ? 606  CYS A CA  1 
ATOM   848  C  C   . CYS A 1 121 ? 9.853   -4.625  3.565   1.00 10.46 ? 606  CYS A C   1 
ATOM   849  O  O   . CYS A 1 121 ? 9.178   -5.283  2.759   1.00 11.08 ? 606  CYS A O   1 
ATOM   850  C  CB  . CYS A 1 121 ? 8.959   -3.211  5.457   1.00 14.76 ? 606  CYS A CB  1 
ATOM   851  S  SG  . CYS A 1 121 ? 7.645   -2.533  4.434   1.00 19.15 ? 606  CYS A SG  1 
ATOM   852  N  N   . LEU A 1 122 ? 10.865  -3.867  3.196   1.00 10.54 ? 607  LEU A N   1 
ATOM   853  C  CA  . LEU A 1 122 ? 11.118  -3.616  1.754   1.00 11.22 ? 607  LEU A CA  1 
ATOM   854  C  C   . LEU A 1 122 ? 11.645  -4.845  1.034   1.00 10.97 ? 607  LEU A C   1 
ATOM   855  O  O   . LEU A 1 122 ? 11.744  -4.768  -0.206  1.00 12.62 ? 607  LEU A O   1 
ATOM   856  C  CB  . LEU A 1 122 ? 12.093  -2.449  1.607   1.00 11.21 ? 607  LEU A CB  1 
ATOM   857  C  CG  . LEU A 1 122 ? 11.566  -1.111  2.111   1.00 12.31 ? 607  LEU A CG  1 
ATOM   858  C  CD1 . LEU A 1 122 ? 12.562  -0.011  1.853   1.00 13.59 ? 607  LEU A CD1 1 
ATOM   859  C  CD2 . LEU A 1 122 ? 10.267  -0.756  1.434   1.00 14.03 ? 607  LEU A CD2 1 
ATOM   860  N  N   . GLN A 1 123 ? 11.957  -5.932  1.711   1.00 10.25 ? 608  GLN A N   1 
ATOM   861  C  CA  . GLN A 1 123 ? 12.426  -7.169  1.069   1.00 9.27  ? 608  GLN A CA  1 
ATOM   862  C  C   . GLN A 1 123 ? 11.297  -8.142  0.771   1.00 9.14  ? 608  GLN A C   1 
ATOM   863  O  O   . GLN A 1 123 ? 11.598  -9.262  0.292   1.00 10.21 ? 608  GLN A O   1 
ATOM   864  C  CB  . GLN A 1 123 ? 13.484  -7.876  1.899   1.00 10.29 ? 608  GLN A CB  1 
ATOM   865  C  CG  . GLN A 1 123 ? 14.706  -7.035  2.080   1.00 10.85 ? 608  GLN A CG  1 
ATOM   866  C  CD  . GLN A 1 123 ? 15.797  -7.667  2.901   1.00 10.94 ? 608  GLN A CD  1 
ATOM   867  O  OE1 . GLN A 1 123 ? 15.915  -8.873  2.974   1.00 11.96 ? 608  GLN A OE1 1 
ATOM   868  N  NE2 . GLN A 1 123 ? 16.643  -6.823  3.453   1.00 11.78 ? 608  GLN A NE2 1 
ATOM   869  N  N   . ALA A 1 124 ? 10.046  -7.773  1.014   1.00 9.36  ? 609  ALA A N   1 
ATOM   870  C  CA  . ALA A 1 124 ? 8.935   -8.732  0.977   1.00 10.22 ? 609  ALA A CA  1 
ATOM   871  C  C   . ALA A 1 124 ? 8.378   -9.039  -0.417  1.00 10.00 ? 609  ALA A C   1 
ATOM   872  O  O   . ALA A 1 124 ? 7.515   -9.908  -0.506  1.00 12.11 ? 609  ALA A O   1 
ATOM   873  C  CB  . ALA A 1 124 ? 7.806   -8.177  1.799   1.00 10.41 ? 609  ALA A CB  1 
ATOM   874  N  N   . GLY A 1 125 ? 8.807   -8.318  -1.455  1.00 11.43 ? 610  GLY A N   1 
ATOM   875  C  CA  . GLY A 1 125 ? 8.221   -8.471  -2.799  1.00 11.03 ? 610  GLY A CA  1 
ATOM   876  C  C   . GLY A 1 125 ? 7.430   -7.256  -3.260  1.00 10.96 ? 610  GLY A C   1 
ATOM   877  O  O   . GLY A 1 125 ? 6.472   -7.433  -4.016  1.00 12.50 ? 610  GLY A O   1 
ATOM   878  N  N   A MET A 1 126 ? 7.917   -6.080  -2.888  0.50 10.22 ? 611  MET A N   1 
ATOM   879  N  N   B MET A 1 126 ? 7.852   -6.053  -2.863  0.50 11.83 ? 611  MET A N   1 
ATOM   880  C  CA  A MET A 1 126 ? 7.384   -4.762  -3.264  0.50 9.74  ? 611  MET A CA  1 
ATOM   881  C  CA  B MET A 1 126 ? 7.219   -4.779  -3.274  0.50 12.46 ? 611  MET A CA  1 
ATOM   882  C  C   A MET A 1 126 ? 7.681   -4.487  -4.746  0.50 10.39 ? 611  MET A C   1 
ATOM   883  C  C   B MET A 1 126 ? 7.718   -4.361  -4.660  0.50 12.18 ? 611  MET A C   1 
ATOM   884  O  O   A MET A 1 126 ? 8.716   -4.930  -5.289  0.50 9.79  ? 611  MET A O   1 
ATOM   885  O  O   B MET A 1 126 ? 8.916   -4.554  -5.024  0.50 11.20 ? 611  MET A O   1 
ATOM   886  C  CB  A MET A 1 126 ? 8.032   -3.705  -2.371  0.50 9.45  ? 611  MET A CB  1 
ATOM   887  C  CB  B MET A 1 126 ? 7.509   -3.640  -2.292  0.50 14.15 ? 611  MET A CB  1 
ATOM   888  C  CG  A MET A 1 126 ? 7.761   -3.892  -0.919  0.50 8.97  ? 611  MET A CG  1 
ATOM   889  C  CG  B MET A 1 126 ? 6.647   -3.625  -1.073  0.50 16.99 ? 611  MET A CG  1 
ATOM   890  S  SD  A MET A 1 126 ? 5.986   -3.920  -0.488  0.50 8.44  ? 611  MET A SD  1 
ATOM   891  S  SD  B MET A 1 126 ? 7.584   -4.356  0.260   0.50 16.75 ? 611  MET A SD  1 
ATOM   892  C  CE  A MET A 1 126 ? 6.097   -4.187  1.281   0.50 8.47  ? 611  MET A CE  1 
ATOM   893  C  CE  B MET A 1 126 ? 6.418   -4.192  1.615   0.50 15.80 ? 611  MET A CE  1 
ATOM   894  N  N   . ASN A 1 127 ? 6.828   -3.689  -5.373  1.00 9.77  ? 612  ASN A N   1 
ATOM   895  C  CA  . ASN A 1 127 ? 7.189   -3.096  -6.680  1.00 10.24 ? 612  ASN A CA  1 
ATOM   896  C  C   . ASN A 1 127 ? 8.014   -1.854  -6.472  1.00 10.42 ? 612  ASN A C   1 
ATOM   897  O  O   . ASN A 1 127 ? 8.825   -1.513  -7.350  1.00 11.29 ? 612  ASN A O   1 
ATOM   898  C  CB  . ASN A 1 127 ? 5.957   -2.714  -7.475  1.00 10.18 ? 612  ASN A CB  1 
ATOM   899  C  CG  . ASN A 1 127 ? 5.164   -3.918  -7.895  1.00 11.06 ? 612  ASN A CG  1 
ATOM   900  O  OD1 . ASN A 1 127 ? 5.024   -4.197  -9.116  1.00 15.24 ? 612  ASN A OD1 1 
ATOM   901  N  ND2 . ASN A 1 127 ? 4.581   -4.629  -6.954  1.00 9.16  ? 612  ASN A ND2 1 
ATOM   902  N  N   . ASP A 1 128 ? 7.746   -1.084  -5.425  1.00 9.89  ? 613  ASP A N   1 
ATOM   903  C  CA  . ASP A 1 128 ? 8.325   0.229   -5.229  1.00 10.68 ? 613  ASP A CA  1 
ATOM   904  C  C   . ASP A 1 128 ? 8.093   0.675   -3.796  1.00 10.20 ? 613  ASP A C   1 
ATOM   905  O  O   . ASP A 1 128 ? 7.416   -0.065  -3.060  1.00 10.04 ? 613  ASP A O   1 
ATOM   906  C  CB  . ASP A 1 128 ? 7.734   1.230   -6.215  1.00 11.28 ? 613  ASP A CB  1 
ATOM   907  C  CG  . ASP A 1 128 ? 8.687   2.280   -6.732  1.00 10.72 ? 613  ASP A CG  1 
ATOM   908  O  OD1 . ASP A 1 128 ? 9.606   2.656   -6.035  1.00 12.91 ? 613  ASP A OD1 1 
ATOM   909  O  OD2 . ASP A 1 128 ? 8.414   2.767   -7.870  1.00 12.47 ? 613  ASP A OD2 1 
ATOM   910  N  N   . TYR A 1 129 ? 8.597   1.822   -3.446  1.00 10.10 ? 614  TYR A N   1 
ATOM   911  C  CA  . TYR A 1 129 ? 8.301   2.413   -2.133  1.00 11.21 ? 614  TYR A CA  1 
ATOM   912  C  C   . TYR A 1 129 ? 8.279   3.925   -2.196  1.00 12.35 ? 614  TYR A C   1 
ATOM   913  O  O   . TYR A 1 129 ? 8.949   4.530   -3.069  1.00 12.93 ? 614  TYR A O   1 
ATOM   914  C  CB  . TYR A 1 129 ? 9.290   1.882   -1.098  1.00 14.60 ? 614  TYR A CB  1 
ATOM   915  C  CG  . TYR A 1 129 ? 10.728  2.265   -1.310  1.00 17.86 ? 614  TYR A CG  1 
ATOM   916  C  CD1 . TYR A 1 129 ? 11.576  1.466   -2.063  1.00 20.90 ? 614  TYR A CD1 1 
ATOM   917  C  CD2 . TYR A 1 129 ? 11.265  3.394   -0.692  1.00 22.27 ? 614  TYR A CD2 1 
ATOM   918  C  CE1 . TYR A 1 129 ? 12.907  1.800   -2.246  1.00 25.09 ? 614  TYR A CE1 1 
ATOM   919  C  CE2 . TYR A 1 129 ? 12.597  3.734   -0.853  1.00 26.53 ? 614  TYR A CE2 1 
ATOM   920  C  CZ  . TYR A 1 129 ? 13.416  2.925   -1.614  1.00 27.92 ? 614  TYR A CZ  1 
ATOM   921  O  OH  . TYR A 1 129 ? 14.726  3.276   -1.751  1.00 36.67 ? 614  TYR A OH  1 
ATOM   922  N  N   . LEU A 1 130 ? 7.578   4.470   -1.241  1.00 11.73 ? 615  LEU A N   1 
ATOM   923  C  CA  . LEU A 1 130 ? 7.409   5.920   -1.046  1.00 13.27 ? 615  LEU A CA  1 
ATOM   924  C  C   . LEU A 1 130 ? 7.918   6.268   0.331   1.00 12.27 ? 615  LEU A C   1 
ATOM   925  O  O   . LEU A 1 130 ? 7.388   5.695   1.303   1.00 12.91 ? 615  LEU A O   1 
ATOM   926  C  CB  . LEU A 1 130 ? 5.901   6.158   -1.096  1.00 19.15 ? 615  LEU A CB  1 
ATOM   927  C  CG  . LEU A 1 130 ? 5.340   7.046   -2.186  1.00 23.52 ? 615  LEU A CG  1 
ATOM   928  C  CD1 . LEU A 1 130 ? 3.964   7.539   -1.762  1.00 23.27 ? 615  LEU A CD1 1 
ATOM   929  C  CD2 . LEU A 1 130 ? 6.249   8.222   -2.543  1.00 22.60 ? 615  LEU A CD2 1 
ATOM   930  N  N   . ALA A 1 131 ? 8.828   7.203   0.492   1.00 12.76 ? 616  ALA A N   1 
ATOM   931  C  CA  . ALA A 1 131 ? 9.335   7.624   1.804   1.00 13.01 ? 616  ALA A CA  1 
ATOM   932  C  C   . ALA A 1 131 ? 8.456   8.712   2.406   1.00 12.89 ? 616  ALA A C   1 
ATOM   933  O  O   . ALA A 1 131 ? 8.208   9.738   1.781   1.00 15.40 ? 616  ALA A O   1 
ATOM   934  C  CB  . ALA A 1 131 ? 10.759  8.101   1.703   1.00 14.38 ? 616  ALA A CB  1 
ATOM   935  N  N   . LYS A 1 132 ? 7.937   8.472   3.582   1.00 13.19 ? 617  LYS A N   1 
ATOM   936  C  CA  . LYS A 1 132 ? 7.260   9.486   4.395   1.00 12.59 ? 617  LYS A CA  1 
ATOM   937  C  C   . LYS A 1 132 ? 8.331   10.415  4.924   1.00 13.01 ? 617  LYS A C   1 
ATOM   938  O  O   . LYS A 1 132 ? 9.427   9.966   5.270   1.00 14.60 ? 617  LYS A O   1 
ATOM   939  C  CB  . LYS A 1 132 ? 6.484   8.832   5.544   1.00 13.26 ? 617  LYS A CB  1 
ATOM   940  C  CG  . LYS A 1 132 ? 5.234   8.061   5.158   1.00 13.73 ? 617  LYS A CG  1 
ATOM   941  C  CD  . LYS A 1 132 ? 4.642   7.385   6.382   1.00 14.47 ? 617  LYS A CD  1 
ATOM   942  C  CE  . LYS A 1 132 ? 3.272   6.829   6.110   1.00 14.36 ? 617  LYS A CE  1 
ATOM   943  N  NZ  . LYS A 1 132 ? 2.805   5.945   7.205   1.00 14.16 ? 617  LYS A NZ  1 
ATOM   944  N  N   . PRO A 1 133 ? 8.038   11.710  5.070   1.00 12.08 ? 618  PRO A N   1 
ATOM   945  C  CA  . PRO A 1 133 ? 6.792   12.298  4.572   1.00 12.41 ? 618  PRO A CA  1 
ATOM   946  C  C   . PRO A 1 133 ? 6.885   12.552  3.071   1.00 11.27 ? 618  PRO A C   1 
ATOM   947  O  O   . PRO A 1 133 ? 7.935   12.937  2.563   1.00 13.92 ? 618  PRO A O   1 
ATOM   948  C  CB  . PRO A 1 133 ? 6.710   13.602  5.343   1.00 13.54 ? 618  PRO A CB  1 
ATOM   949  C  CG  . PRO A 1 133 ? 8.152   14.002  5.549   1.00 13.46 ? 618  PRO A CG  1 
ATOM   950  C  CD  . PRO A 1 133 ? 8.936   12.718  5.658   1.00 12.56 ? 618  PRO A CD  1 
ATOM   951  N  N   . PHE A 1 134 ? 5.812   12.294  2.393   1.00 11.43 ? 619  PHE A N   1 
ATOM   952  C  CA  . PHE A 1 134 ? 5.796   12.421  0.926   1.00 11.36 ? 619  PHE A CA  1 
ATOM   953  C  C   . PHE A 1 134 ? 4.779   13.456  0.462   1.00 12.07 ? 619  PHE A C   1 
ATOM   954  O  O   . PHE A 1 134 ? 3.706   13.717  1.065   1.00 12.69 ? 619  PHE A O   1 
ATOM   955  C  CB  . PHE A 1 134 ? 5.537   11.089  0.237   1.00 12.39 ? 619  PHE A CB  1 
ATOM   956  C  CG  . PHE A 1 134 ? 4.285   10.369  0.621   1.00 12.45 ? 619  PHE A CG  1 
ATOM   957  C  CD1 . PHE A 1 134 ? 3.072   10.723  0.072   1.00 13.28 ? 619  PHE A CD1 1 
ATOM   958  C  CD2 . PHE A 1 134 ? 4.337   9.304   1.504   1.00 12.46 ? 619  PHE A CD2 1 
ATOM   959  C  CE1 . PHE A 1 134 ? 1.929   10.023  0.388   1.00 14.02 ? 619  PHE A CE1 1 
ATOM   960  C  CE2 . PHE A 1 134 ? 3.189   8.602   1.790   1.00 13.19 ? 619  PHE A CE2 1 
ATOM   961  C  CZ  . PHE A 1 134 ? 1.986   8.958   1.250   1.00 13.34 ? 619  PHE A CZ  1 
ATOM   962  N  N   . LYS A 1 135 ? 5.103   14.057  -0.690  1.00 13.00 ? 620  LYS A N   1 
ATOM   963  C  CA  A LYS A 1 135 ? 4.202   15.027  -1.351  0.50 13.28 ? 620  LYS A CA  1 
ATOM   964  C  CA  B LYS A 1 135 ? 4.210   15.027  -1.362  0.50 13.05 ? 620  LYS A CA  1 
ATOM   965  C  C   . LYS A 1 135 ? 3.127   14.311  -2.160  1.00 11.95 ? 620  LYS A C   1 
ATOM   966  O  O   . LYS A 1 135 ? 3.338   13.203  -2.635  1.00 12.35 ? 620  LYS A O   1 
ATOM   967  C  CB  A LYS A 1 135 ? 5.012   15.970  -2.231  0.50 15.18 ? 620  LYS A CB  1 
ATOM   968  C  CB  B LYS A 1 135 ? 4.996   15.928  -2.305  0.50 14.63 ? 620  LYS A CB  1 
ATOM   969  C  CG  A LYS A 1 135 ? 6.073   16.731  -1.467  0.50 16.94 ? 620  LYS A CG  1 
ATOM   970  C  CG  B LYS A 1 135 ? 6.013   16.819  -1.625  0.50 16.08 ? 620  LYS A CG  1 
ATOM   971  C  CD  A LYS A 1 135 ? 6.454   18.006  -2.163  0.50 19.56 ? 620  LYS A CD  1 
ATOM   972  C  CD  B LYS A 1 135 ? 6.958   17.414  -2.631  0.50 17.91 ? 620  LYS A CD  1 
ATOM   973  C  CE  A LYS A 1 135 ? 6.955   17.776  -3.570  0.50 22.10 ? 620  LYS A CE  1 
ATOM   974  C  CE  B LYS A 1 135 ? 7.780   18.568  -2.097  0.50 19.65 ? 620  LYS A CE  1 
ATOM   975  N  NZ  A LYS A 1 135 ? 7.244   19.050  -4.269  0.50 24.58 ? 620  LYS A NZ  1 
ATOM   976  N  NZ  B LYS A 1 135 ? 8.410   18.239  -0.802  0.50 21.72 ? 620  LYS A NZ  1 
ATOM   977  N  N   . ARG A 1 136 ? 2.007   14.980  -2.336  1.00 12.34 ? 621  ARG A N   1 
ATOM   978  C  CA  . ARG A 1 136 ? 0.974   14.515  -3.255  1.00 11.98 ? 621  ARG A CA  1 
ATOM   979  C  C   . ARG A 1 136 ? 1.583   14.222  -4.641  1.00 12.11 ? 621  ARG A C   1 
ATOM   980  O  O   . ARG A 1 136 ? 1.223   13.206  -5.241  1.00 12.12 ? 621  ARG A O   1 
ATOM   981  C  CB  . ARG A 1 136 ? -0.115  15.572  -3.316  1.00 12.15 ? 621  ARG A CB  1 
ATOM   982  C  CG  . ARG A 1 136 ? -1.233  15.189  -4.253  1.00 13.51 ? 621  ARG A CG  1 
ATOM   983  C  CD  . ARG A 1 136 ? -2.310  16.270  -4.218  1.00 13.90 ? 621  ARG A CD  1 
ATOM   984  N  NE  . ARG A 1 136 ? -3.388  16.119  -5.194  1.00 15.09 ? 621  ARG A NE  1 
ATOM   985  C  CZ  . ARG A 1 136 ? -3.420  16.658  -6.418  1.00 13.90 ? 621  ARG A CZ  1 
ATOM   986  N  NH1 . ARG A 1 136 ? -2.388  17.352  -6.859  1.00 14.87 ? 621  ARG A NH1 1 
ATOM   987  N  NH2 . ARG A 1 136 ? -4.478  16.450  -7.175  1.00 16.10 ? 621  ARG A NH2 1 
ATOM   988  N  N   . ALA A 1 137 ? 2.467   15.069  -5.149  1.00 12.63 ? 622  ALA A N   1 
ATOM   989  C  CA  . ALA A 1 137 ? 3.082   14.836  -6.471  1.00 12.06 ? 622  ALA A CA  1 
ATOM   990  C  C   . ALA A 1 137 ? 3.870   13.541  -6.485  1.00 12.86 ? 622  ALA A C   1 
ATOM   991  O  O   . ALA A 1 137 ? 3.975   12.897  -7.555  1.00 13.20 ? 622  ALA A O   1 
ATOM   992  C  CB  . ALA A 1 137 ? 3.947   16.010  -6.860  1.00 13.62 ? 622  ALA A CB  1 
ATOM   993  N  N   . GLU A 1 138 ? 4.527   13.209  -5.392  1.00 13.07 ? 623  GLU A N   1 
ATOM   994  C  CA  . GLU A 1 138 ? 5.335   11.964  -5.319  1.00 13.43 ? 623  GLU A CA  1 
ATOM   995  C  C   . GLU A 1 138 ? 4.430   10.731  -5.337  1.00 12.01 ? 623  GLU A C   1 
ATOM   996  O  O   . GLU A 1 138 ? 4.715   9.738   -6.055  1.00 11.78 ? 623  GLU A O   1 
ATOM   997  C  CB  . GLU A 1 138 ? 6.206   12.006  -4.074  1.00 13.99 ? 623  GLU A CB  1 
ATOM   998  C  CG  . GLU A 1 138 ? 7.261   13.105  -4.132  1.00 16.12 ? 623  GLU A CG  1 
ATOM   999  C  CD  . GLU A 1 138 ? 8.051   13.420  -2.884  1.00 20.52 ? 623  GLU A CD  1 
ATOM   1000 O  OE1 . GLU A 1 138 ? 7.535   13.208  -1.805  1.00 18.77 ? 623  GLU A OE1 1 
ATOM   1001 O  OE2 . GLU A 1 138 ? 9.193   13.951  -3.026  1.00 30.03 ? 623  GLU A OE2 1 
ATOM   1002 N  N   . LEU A 1 139 ? 3.303   10.819  -4.643  1.00 10.96 ? 624  LEU A N   1 
ATOM   1003 C  CA  . LEU A 1 139 ? 2.290   9.749   -4.653  1.00 11.68 ? 624  LEU A CA  1 
ATOM   1004 C  C   . LEU A 1 139 ? 1.766   9.604   -6.071  1.00 11.33 ? 624  LEU A C   1 
ATOM   1005 O  O   . LEU A 1 139 ? 1.602   8.485   -6.572  1.00 11.97 ? 624  LEU A O   1 
ATOM   1006 C  CB  . LEU A 1 139 ? 1.183   10.094  -3.655  1.00 11.84 ? 624  LEU A CB  1 
ATOM   1007 C  CG  . LEU A 1 139 ? 0.050   9.095   -3.595  1.00 12.04 ? 624  LEU A CG  1 
ATOM   1008 C  CD1 . LEU A 1 139 ? 0.529   7.695   -3.243  1.00 13.02 ? 624  LEU A CD1 1 
ATOM   1009 C  CD2 . LEU A 1 139 ? -1.036  9.581   -2.651  1.00 13.62 ? 624  LEU A CD2 1 
ATOM   1010 N  N   . GLN A 1 140 ? 1.409   10.736  -6.681  1.00 12.30 ? 625  GLN A N   1 
ATOM   1011 C  CA  . GLN A 1 140 ? 0.897   10.708  -8.057  1.00 12.44 ? 625  GLN A CA  1 
ATOM   1012 C  C   . GLN A 1 140 ? 1.890   10.031  -9.001  1.00 11.59 ? 625  GLN A C   1 
ATOM   1013 O  O   . GLN A 1 140 ? 1.498   9.183   -9.780  1.00 11.50 ? 625  GLN A O   1 
ATOM   1014 C  CB  . GLN A 1 140 ? 0.570   12.136  -8.472  1.00 13.09 ? 625  GLN A CB  1 
ATOM   1015 C  CG  . GLN A 1 140 ? -0.209  12.187  -9.781  1.00 13.45 ? 625  GLN A CG  1 
ATOM   1016 C  CD  . GLN A 1 140 ? 0.619   11.876  -11.010 1.00 14.29 ? 625  GLN A CD  1 
ATOM   1017 O  OE1 . GLN A 1 140 ? 1.809   12.162  -11.091 1.00 16.24 ? 625  GLN A OE1 1 
ATOM   1018 N  NE2 . GLN A 1 140 ? -0.056  11.259  -11.962 1.00 15.67 ? 625  GLN A NE2 1 
ATOM   1019 N  N   A ARG A 1 141 ? 3.157   10.356  -8.849  0.50 10.91 ? 626  ARG A N   1 
ATOM   1020 N  N   B ARG A 1 141 ? 3.156   10.412  -8.929  0.50 12.66 ? 626  ARG A N   1 
ATOM   1021 C  CA  A ARG A 1 141 ? 4.164   9.893   -9.824  0.50 11.38 ? 626  ARG A CA  1 
ATOM   1022 C  CA  B ARG A 1 141 ? 4.141   9.930   -9.931  0.50 14.07 ? 626  ARG A CA  1 
ATOM   1023 C  C   A ARG A 1 141 ? 4.394   8.387   -9.649  0.50 11.01 ? 626  ARG A C   1 
ATOM   1024 C  C   B ARG A 1 141 ? 4.234   8.399   -9.797  0.50 13.22 ? 626  ARG A C   1 
ATOM   1025 O  O   A ARG A 1 141 ? 4.606   7.672   -10.637 0.50 9.23  ? 626  ARG A O   1 
ATOM   1026 O  O   B ARG A 1 141 ? 4.002   7.665   -10.773 0.50 12.87 ? 626  ARG A O   1 
ATOM   1027 C  CB  A ARG A 1 141 ? 5.455   10.658  -9.616  0.50 12.22 ? 626  ARG A CB  1 
ATOM   1028 C  CB  B ARG A 1 141 ? 5.484   10.629  -9.737  0.50 16.32 ? 626  ARG A CB  1 
ATOM   1029 C  CG  A ARG A 1 141 ? 6.535   10.246  -10.596 0.50 13.32 ? 626  ARG A CG  1 
ATOM   1030 C  CG  B ARG A 1 141 ? 5.661   11.887  -10.581 0.50 19.91 ? 626  ARG A CG  1 
ATOM   1031 C  CD  A ARG A 1 141 ? 7.855   10.884  -10.215 0.50 16.71 ? 626  ARG A CD  1 
ATOM   1032 C  CD  B ARG A 1 141 ? 6.850   12.736  -10.153 0.50 22.59 ? 626  ARG A CD  1 
ATOM   1033 N  NE  A ARG A 1 141 ? 8.903   10.378  -11.080 0.50 20.28 ? 626  ARG A NE  1 
ATOM   1034 N  NE  B ARG A 1 141 ? 6.583   13.456  -8.913  0.50 25.16 ? 626  ARG A NE  1 
ATOM   1035 C  CZ  A ARG A 1 141 ? 10.194  10.614  -10.904 0.50 22.31 ? 626  ARG A CZ  1 
ATOM   1036 C  CZ  B ARG A 1 141 ? 7.518   13.975  -8.134  0.50 25.71 ? 626  ARG A CZ  1 
ATOM   1037 N  NH1 A ARG A 1 141 ? 11.065  10.090  -11.747 0.50 24.73 ? 626  ARG A NH1 1 
ATOM   1038 N  NH1 B ARG A 1 141 ? 7.190   14.604  -7.023  0.50 29.01 ? 626  ARG A NH1 1 
ATOM   1039 N  NH2 A ARG A 1 141 ? 10.616  11.360  -9.893  0.50 24.96 ? 626  ARG A NH2 1 
ATOM   1040 N  NH2 B ARG A 1 141 ? 8.791   13.864  -8.468  0.50 29.30 ? 626  ARG A NH2 1 
ATOM   1041 N  N   A ILE A 1 142 ? 4.385   7.879   -8.423  0.80 11.50 ? 627  ILE A N   1 
ATOM   1042 N  N   B ILE A 1 142 ? 4.493   7.899   -8.583  0.20 12.75 ? 627  ILE A N   1 
ATOM   1043 C  CA  A ILE A 1 142 ? 4.653   6.437   -8.218  0.80 11.47 ? 627  ILE A CA  1 
ATOM   1044 C  CA  B ILE A 1 142 ? 4.683   6.435   -8.341  0.20 12.34 ? 627  ILE A CA  1 
ATOM   1045 C  C   A ILE A 1 142 ? 3.446   5.632   -8.679  0.80 11.04 ? 627  ILE A C   1 
ATOM   1046 C  C   B ILE A 1 142 ? 3.439   5.666   -8.776  0.20 11.89 ? 627  ILE A C   1 
ATOM   1047 O  O   A ILE A 1 142 ? 3.613   4.563   -9.259  0.80 11.55 ? 627  ILE A O   1 
ATOM   1048 O  O   B ILE A 1 142 ? 3.608   4.585   -9.364  0.20 12.12 ? 627  ILE A O   1 
ATOM   1049 C  CB  A ILE A 1 142 ? 5.063   6.221   -6.761  0.80 11.09 ? 627  ILE A CB  1 
ATOM   1050 C  CB  B ILE A 1 142 ? 4.998   6.077   -6.881  0.20 12.21 ? 627  ILE A CB  1 
ATOM   1051 C  CG1 A ILE A 1 142 ? 5.844   4.919   -6.634  0.80 12.26 ? 627  ILE A CG1 1 
ATOM   1052 C  CG1 B ILE A 1 142 ? 6.388   6.526   -6.441  0.20 12.75 ? 627  ILE A CG1 1 
ATOM   1053 C  CG2 A ILE A 1 142 ? 3.887   6.295   -5.777  0.80 11.59 ? 627  ILE A CG2 1 
ATOM   1054 C  CG2 B ILE A 1 142 ? 4.851   4.578   -6.703  0.20 11.99 ? 627  ILE A CG2 1 
ATOM   1055 C  CD1 A ILE A 1 142 ? 6.740   4.837   -5.459  0.80 12.29 ? 627  ILE A CD1 1 
ATOM   1056 C  CD1 B ILE A 1 142 ? 6.934   5.769   -5.233  0.20 12.93 ? 627  ILE A CD1 1 
ATOM   1057 N  N   . LEU A 1 143 ? 2.230   6.128   -8.434  1.00 11.35 ? 628  LEU A N   1 
ATOM   1058 C  CA  . LEU A 1 143 ? 1.060   5.384   -8.909  1.00 11.54 ? 628  LEU A CA  1 
ATOM   1059 C  C   . LEU A 1 143 ? 0.955   5.421   -10.441 1.00 12.08 ? 628  LEU A C   1 
ATOM   1060 O  O   . LEU A 1 143 ? 0.658   4.365   -11.014 1.00 13.73 ? 628  LEU A O   1 
ATOM   1061 C  CB  . LEU A 1 143 ? -0.218  5.869   -8.233  1.00 11.83 ? 628  LEU A CB  1 
ATOM   1062 C  CG  . LEU A 1 143 ? -0.371  5.393   -6.792  1.00 13.85 ? 628  LEU A CG  1 
ATOM   1063 C  CD1 . LEU A 1 143 ? -1.441  6.200   -6.082  1.00 14.65 ? 628  LEU A CD1 1 
ATOM   1064 C  CD2 . LEU A 1 143 ? -0.664  3.904   -6.744  1.00 13.65 ? 628  LEU A CD2 1 
ATOM   1065 N  N   . GLN A 1 144 ? 1.226   6.551   -11.069 1.00 12.91 ? 629  GLN A N   1 
ATOM   1066 C  CA  . GLN A 1 144 ? 1.160   6.600   -12.540 1.00 13.44 ? 629  GLN A CA  1 
ATOM   1067 C  C   . GLN A 1 144 ? 2.189   5.629   -13.135 1.00 12.45 ? 629  GLN A C   1 
ATOM   1068 O  O   . GLN A 1 144 ? 1.886   4.981   -14.099 1.00 12.92 ? 629  GLN A O   1 
ATOM   1069 C  CB  . GLN A 1 144 ? 1.341   8.019   -13.016 1.00 13.76 ? 629  GLN A CB  1 
ATOM   1070 C  CG  . GLN A 1 144 ? 1.303   8.058   -14.550 1.00 16.50 ? 629  GLN A CG  1 
ATOM   1071 C  CD  . GLN A 1 144 ? 1.131   9.400   -15.233 1.00 19.90 ? 629  GLN A CD  1 
ATOM   1072 O  OE1 . GLN A 1 144 ? 1.416   9.542   -16.442 1.00 23.08 ? 629  GLN A OE1 1 
ATOM   1073 N  NE2 . GLN A 1 144 ? 0.713   10.398  -14.487 1.00 18.90 ? 629  GLN A NE2 1 
ATOM   1074 N  N   . ARG A 1 145 ? 3.377   5.564   -12.545 1.00 11.39 ? 630  ARG A N   1 
ATOM   1075 C  CA  . ARG A 1 145 ? 4.412   4.621   -13.017 1.00 12.64 ? 630  ARG A CA  1 
ATOM   1076 C  C   . ARG A 1 145 ? 3.851   3.211   -13.071 1.00 12.95 ? 630  ARG A C   1 
ATOM   1077 O  O   . ARG A 1 145 ? 4.123   2.468   -14.038 1.00 13.68 ? 630  ARG A O   1 
ATOM   1078 C  CB  . ARG A 1 145 ? 5.608   4.704   -12.086 1.00 12.67 ? 630  ARG A CB  1 
ATOM   1079 C  CG  . ARG A 1 145 ? 6.697   3.665   -12.330 1.00 14.95 ? 630  ARG A CG  1 
ATOM   1080 C  CD  . ARG A 1 145 ? 7.767   3.759   -11.259 1.00 16.81 ? 630  ARG A CD  1 
ATOM   1081 N  NE  . ARG A 1 145 ? 8.417   5.038   -11.373 1.00 18.91 ? 630  ARG A NE  1 
ATOM   1082 C  CZ  . ARG A 1 145 ? 8.783   5.837   -10.373 1.00 23.35 ? 630  ARG A CZ  1 
ATOM   1083 N  NH1 . ARG A 1 145 ? 8.714   5.452   -9.104  1.00 24.12 ? 630  ARG A NH1 1 
ATOM   1084 N  NH2 . ARG A 1 145 ? 9.271   7.040   -10.654 1.00 24.78 ? 630  ARG A NH2 1 
ATOM   1085 N  N   . TRP A 1 146 ? 3.097   2.799   -12.058 1.00 12.90 ? 631  TRP A N   1 
ATOM   1086 C  CA  . TRP A 1 146 ? 2.743   1.375   -11.891 1.00 12.72 ? 631  TRP A CA  1 
ATOM   1087 C  C   . TRP A 1 146 ? 1.400   1.049   -12.481 1.00 12.08 ? 631  TRP A C   1 
ATOM   1088 O  O   . TRP A 1 146 ? 1.196   -0.112  -12.852 1.00 15.66 ? 631  TRP A O   1 
ATOM   1089 C  CB  . TRP A 1 146 ? 2.809   0.916   -10.422 1.00 13.64 ? 631  TRP A CB  1 
ATOM   1090 C  CG  . TRP A 1 146 ? 4.228   0.853   -9.990  1.00 12.68 ? 631  TRP A CG  1 
ATOM   1091 C  CD1 . TRP A 1 146 ? 4.963   1.754   -9.287  1.00 12.17 ? 631  TRP A CD1 1 
ATOM   1092 C  CD2 . TRP A 1 146 ? 5.176   -0.133  -10.431 1.00 11.50 ? 631  TRP A CD2 1 
ATOM   1093 N  NE1 . TRP A 1 146 ? 6.275   1.406   -9.260  1.00 13.10 ? 631  TRP A NE1 1 
ATOM   1094 C  CE2 . TRP A 1 146 ? 6.439   0.211   -9.923  1.00 12.25 ? 631  TRP A CE2 1 
ATOM   1095 C  CE3 . TRP A 1 146 ? 5.032   -1.302  -11.171 1.00 11.98 ? 631  TRP A CE3 1 
ATOM   1096 C  CZ2 . TRP A 1 146 ? 7.565   -0.555  -10.195 1.00 11.38 ? 631  TRP A CZ2 1 
ATOM   1097 C  CZ3 . TRP A 1 146 ? 6.163   -2.038  -11.444 1.00 11.07 ? 631  TRP A CZ3 1 
ATOM   1098 C  CH2 . TRP A 1 146 ? 7.390   -1.702  -10.925 1.00 10.93 ? 631  TRP A CH2 1 
ATOM   1099 N  N   . ILE A 1 147 ? 0.473   1.988   -12.529 1.00 12.32 ? 632  ILE A N   1 
ATOM   1100 C  CA  . ILE A 1 147 ? -0.885  1.642   -13.005 1.00 14.04 ? 632  ILE A CA  1 
ATOM   1101 C  C   . ILE A 1 147 ? -1.413  2.669   -14.009 1.00 16.03 ? 632  ILE A C   1 
ATOM   1102 O  O   . ILE A 1 147 ? -2.561  2.506   -14.439 1.00 15.92 ? 632  ILE A O   1 
ATOM   1103 C  CB  . ILE A 1 147 ? -1.873  1.431   -11.838 1.00 14.52 ? 632  ILE A CB  1 
ATOM   1104 C  CG1 . ILE A 1 147 ? -2.120  2.692   -11.010 1.00 14.98 ? 632  ILE A CG1 1 
ATOM   1105 C  CG2 . ILE A 1 147 ? -1.406  0.261   -10.998 1.00 16.13 ? 632  ILE A CG2 1 
ATOM   1106 C  CD1 . ILE A 1 147 ? -3.200  2.505   -9.945  1.00 15.07 ? 632  ILE A CD1 1 
ATOM   1107 N  N   . GLY A 1 148 ? -0.577  3.619   -14.419 1.00 15.70 ? 633  GLY A N   1 
ATOM   1108 C  CA  . GLY A 1 148 ? -0.990  4.628   -15.418 1.00 18.56 ? 633  GLY A CA  1 
ATOM   1109 C  C   . GLY A 1 148 ? -1.188  4.030   -16.804 1.00 21.71 ? 633  GLY A C   1 
ATOM   1110 O  O   . GLY A 1 148 ? -1.951  4.632   -17.579 1.00 26.89 ? 633  GLY A O   1 
ATOM   1111 N  N   . SER A 1 149 ? -0.504  2.938   -17.163 1.00 23.80 ? 634  SER A N   1 
ATOM   1112 C  CA  . SER A 1 149 ? -0.548  2.395   -18.549 1.00 30.80 ? 634  SER A CA  1 
ATOM   1113 C  C   . SER A 1 149 ? -1.733  1.425   -18.686 1.00 35.10 ? 634  SER A C   1 
ATOM   1114 O  O   . SER A 1 149 ? -2.103  1.111   -19.824 1.00 32.18 ? 634  SER A O   1 
ATOM   1115 C  CB  . SER A 1 149 ? 0.752   1.727   -18.930 1.00 33.34 ? 634  SER A CB  1 
ATOM   1116 O  OG  . SER A 1 149 ? 1.856   2.377   -18.320 1.00 33.82 ? 634  SER A OG  1 
ATOM   1117 N  N   . GLN A 1 150 ? -2.287  0.968   -17.556 1.00 42.58 ? 635  GLN A N   1 
ATOM   1118 C  CA  . GLN A 1 150 ? -3.351  -0.072  -17.480 1.00 46.23 ? 635  GLN A CA  1 
ATOM   1119 C  C   . GLN A 1 150 ? -4.663  0.616   -17.085 1.00 48.75 ? 635  GLN A C   1 
ATOM   1120 O  O   . GLN A 1 150 ? -5.027  1.637   -17.673 1.00 37.05 ? 635  GLN A O   1 
ATOM   1121 C  CB  . GLN A 1 150 ? -2.972  -1.206  -16.513 1.00 49.51 ? 635  GLN A CB  1 
ATOM   1122 C  CG  . GLN A 1 150 ? -1.895  -0.858  -15.489 1.00 49.47 ? 635  GLN A CG  1 
ATOM   1123 C  CD  . GLN A 1 150 ? -0.512  -0.707  -16.088 1.00 52.82 ? 635  GLN A CD  1 
ATOM   1124 O  OE1 . GLN A 1 150 ? 0.159   0.321   -15.931 1.00 47.10 ? 635  GLN A OE1 1 
ATOM   1125 N  NE2 . GLN A 1 150 ? -0.080  -1.737  -16.803 1.00 53.85 ? 635  GLN A NE2 1 
HETATM 1126 CA CA  . CA  B 2 .   ? 2.310   2.775   10.644  1.00 12.45 ? 701  CA  A CA  1 
HETATM 1127 O  O   . HOH C 3 .   ? -13.337 8.522   -7.432  1.00 51.90 ? 801  HOH A O   1 
HETATM 1128 O  O   . HOH C 3 .   ? 7.740   7.555   -8.672  1.00 32.15 ? 802  HOH A O   1 
HETATM 1129 O  O   . HOH C 3 .   ? -10.426 -3.849  -9.444  1.00 42.23 ? 803  HOH A O   1 
HETATM 1130 O  O   . HOH C 3 .   ? 4.376   -3.572  14.213  1.00 17.13 ? 804  HOH A O   1 
HETATM 1131 O  O   . HOH C 3 .   ? 6.819   18.206  -6.484  1.00 45.25 ? 805  HOH A O   1 
HETATM 1132 O  O   . HOH C 3 .   ? 8.949   11.710  -7.352  1.00 35.16 ? 806  HOH A O   1 
HETATM 1133 O  O   . HOH C 3 .   ? -0.624  6.402   15.272  1.00 25.53 ? 807  HOH A O   1 
HETATM 1134 O  O   . HOH C 3 .   ? 10.171  13.545  1.716   1.00 11.62 ? 808  HOH A O   1 
HETATM 1135 O  O   . HOH C 3 .   ? -10.769 -12.998 2.772   1.00 41.00 ? 809  HOH A O   1 
HETATM 1136 O  O   . HOH C 3 .   ? -6.432  0.276   -19.189 1.00 36.74 ? 810  HOH A O   1 
HETATM 1137 O  O   . HOH C 3 .   ? -8.575  15.723  -8.873  1.00 27.73 ? 811  HOH A O   1 
HETATM 1138 O  O   . HOH C 3 .   ? -5.084  9.508   -11.426 1.00 38.99 ? 812  HOH A O   1 
HETATM 1139 O  O   . HOH C 3 .   ? -12.289 4.954   1.721   1.00 46.77 ? 813  HOH A O   1 
HETATM 1140 O  O   . HOH C 3 .   ? 1.691   -17.931 5.076   1.00 29.52 ? 814  HOH A O   1 
HETATM 1141 O  O   . HOH C 3 .   ? -14.555 -3.119  -8.080  1.00 44.28 ? 815  HOH A O   1 
HETATM 1142 O  O   . HOH C 3 .   ? 16.875  -3.851  11.285  1.00 29.15 ? 816  HOH A O   1 
HETATM 1143 O  O   . HOH C 3 .   ? -4.031  3.904   -18.916 1.00 29.18 ? 817  HOH A O   1 
HETATM 1144 O  O   . HOH C 3 .   ? -11.698 -4.272  3.194   1.00 27.97 ? 818  HOH A O   1 
HETATM 1145 O  O   . HOH C 3 .   ? 1.675   4.971   10.162  1.00 13.94 ? 819  HOH A O   1 
HETATM 1146 O  O   . HOH C 3 .   ? 9.742   15.547  -4.989  1.00 37.35 ? 820  HOH A O   1 
HETATM 1147 O  O   . HOH C 3 .   ? 2.348   -9.220  16.166  1.00 24.01 ? 821  HOH A O   1 
HETATM 1148 O  O   . HOH C 3 .   ? 10.137  -14.675 4.562   1.00 20.51 ? 822  HOH A O   1 
HETATM 1149 O  O   . HOH C 3 .   ? -5.881  -7.308  -4.725  1.00 21.33 ? 823  HOH A O   1 
HETATM 1150 O  O   . HOH C 3 .   ? -8.078  -15.132 12.234  1.00 30.42 ? 824  HOH A O   1 
HETATM 1151 O  O   . HOH C 3 .   ? -5.480  2.894   14.196  1.00 29.96 ? 825  HOH A O   1 
HETATM 1152 O  O   . HOH C 3 .   ? -4.083  2.197   -21.115 1.00 23.25 ? 826  HOH A O   1 
HETATM 1153 O  O   . HOH C 3 .   ? -12.214 -11.433 -6.223  1.00 50.87 ? 827  HOH A O   1 
HETATM 1154 O  O   . HOH C 3 .   ? -8.824  -1.079  2.979   1.00 48.60 ? 828  HOH A O   1 
HETATM 1155 O  O   . HOH C 3 .   ? 0.476   -6.450  -12.401 1.00 41.11 ? 829  HOH A O   1 
HETATM 1156 O  O   . HOH C 3 .   ? 11.634  8.941   6.234   1.00 31.94 ? 830  HOH A O   1 
HETATM 1157 O  O   . HOH C 3 .   ? 10.334  15.800  -1.545  1.00 40.51 ? 831  HOH A O   1 
HETATM 1158 O  O   . HOH C 3 .   ? 10.658  -6.286  -2.061  1.00 10.73 ? 832  HOH A O   1 
HETATM 1159 O  O   . HOH C 3 .   ? 8.334   3.073   8.497   1.00 14.82 ? 833  HOH A O   1 
HETATM 1160 O  O   . HOH C 3 .   ? -14.201 0.683   -4.009  1.00 42.92 ? 834  HOH A O   1 
HETATM 1161 O  O   . HOH C 3 .   ? 11.143  4.767   -6.413  1.00 35.73 ? 835  HOH A O   1 
HETATM 1162 O  O   . HOH C 3 .   ? -14.043 -9.730  -5.967  1.00 48.48 ? 836  HOH A O   1 
HETATM 1163 O  O   . HOH C 3 .   ? -12.628 -12.627 7.862   1.00 30.81 ? 837  HOH A O   1 
HETATM 1164 O  O   . HOH C 3 .   ? -5.222  -12.086 -4.409  1.00 34.76 ? 838  HOH A O   1 
HETATM 1165 O  O   . HOH C 3 .   ? -10.699 0.597   -3.454  1.00 26.77 ? 839  HOH A O   1 
HETATM 1166 O  O   . HOH C 3 .   ? -9.525  8.160   5.965   1.00 31.31 ? 840  HOH A O   1 
HETATM 1167 O  O   . HOH C 3 .   ? -15.932 8.147   -7.329  1.00 48.35 ? 841  HOH A O   1 
HETATM 1168 O  O   . HOH C 3 .   ? -3.330  5.811   -12.542 1.00 23.82 ? 842  HOH A O   1 
HETATM 1169 O  O   . HOH C 3 .   ? -12.685 8.645   -5.026  1.00 36.78 ? 843  HOH A O   1 
HETATM 1170 O  O   . HOH C 3 .   ? 12.260  2.495   -5.965  1.00 47.15 ? 844  HOH A O   1 
HETATM 1171 O  O   . HOH C 3 .   ? 9.848   10.387  -14.094 1.00 47.42 ? 845  HOH A O   1 
HETATM 1172 O  O   . HOH C 3 .   ? 15.882  -7.841  9.552   1.00 22.37 ? 846  HOH A O   1 
HETATM 1173 O  O   . HOH C 3 .   ? 7.213   -13.369 8.258   1.00 19.69 ? 847  HOH A O   1 
HETATM 1174 O  O   . HOH C 3 .   ? 20.264  2.447   10.945  1.00 30.95 ? 848  HOH A O   1 
HETATM 1175 O  O   . HOH C 3 .   ? -11.487 10.396  -6.466  1.00 43.05 ? 849  HOH A O   1 
HETATM 1176 O  O   . HOH C 3 .   ? 3.457   -6.346  -10.383 1.00 18.47 ? 850  HOH A O   1 
HETATM 1177 O  O   . HOH C 3 .   ? -10.260 -14.419 8.108   1.00 49.70 ? 851  HOH A O   1 
HETATM 1178 O  O   . HOH C 3 .   ? -8.320  -16.327 -2.756  1.00 60.42 ? 852  HOH A O   1 
HETATM 1179 O  O   . HOH C 3 .   ? -11.747 -6.515  -0.634  1.00 27.12 ? 853  HOH A O   1 
HETATM 1180 O  O   . HOH C 3 .   ? -11.930 -4.722  6.090   1.00 37.05 ? 854  HOH A O   1 
HETATM 1181 O  O   . HOH C 3 .   ? 8.327   -6.573  11.955  1.00 43.09 ? 855  HOH A O   1 
HETATM 1182 O  O   . HOH C 3 .   ? -4.802  -1.770  -13.154 1.00 29.56 ? 856  HOH A O   1 
HETATM 1183 O  O   . HOH C 3 .   ? -13.786 4.861   -2.698  1.00 32.59 ? 857  HOH A O   1 
HETATM 1184 O  O   . HOH C 3 .   ? 1.796   -2.717  -13.207 1.00 27.41 ? 858  HOH A O   1 
HETATM 1185 O  O   . HOH C 3 .   ? 22.691  -4.016  9.684   1.00 15.51 ? 859  HOH A O   1 
HETATM 1186 O  O   . HOH C 3 .   ? 3.424   14.045  -9.998  1.00 22.80 ? 860  HOH A O   1 
HETATM 1187 O  O   . HOH C 3 .   ? 5.451   -12.168 -7.544  1.00 41.65 ? 861  HOH A O   1 
HETATM 1188 O  O   . HOH C 3 .   ? 1.838   -3.495  -16.032 1.00 45.90 ? 862  HOH A O   1 
HETATM 1189 O  O   . HOH C 3 .   ? 10.114  -2.967  8.386   1.00 18.65 ? 863  HOH A O   1 
HETATM 1190 O  O   . HOH C 3 .   ? -15.938 -13.079 1.920   1.00 40.18 ? 864  HOH A O   1 
HETATM 1191 O  O   . HOH C 3 .   ? 3.349   -14.223 6.171   1.00 19.75 ? 865  HOH A O   1 
HETATM 1192 O  O   . HOH C 3 .   ? -2.856  -3.220  -11.506 1.00 19.12 ? 866  HOH A O   1 
HETATM 1193 O  O   . HOH C 3 .   ? -3.076  -7.927  -10.515 1.00 45.50 ? 867  HOH A O   1 
HETATM 1194 O  O   . HOH C 3 .   ? -1.655  -16.350 1.173   1.00 34.01 ? 868  HOH A O   1 
HETATM 1195 O  O   . HOH C 3 .   ? -4.916  -7.131  13.059  1.00 17.96 ? 869  HOH A O   1 
HETATM 1196 O  O   . HOH C 3 .   ? 19.743  -0.880  1.035   1.00 20.18 ? 870  HOH A O   1 
HETATM 1197 O  O   . HOH C 3 .   ? 14.310  -4.232  10.407  1.00 42.87 ? 871  HOH A O   1 
HETATM 1198 O  O   . HOH C 3 .   ? 10.334  6.320   -4.637  1.00 35.00 ? 872  HOH A O   1 
HETATM 1199 O  O   . HOH C 3 .   ? 7.994   -15.849 2.512   1.00 25.54 ? 873  HOH A O   1 
HETATM 1200 O  O   . HOH C 3 .   ? 11.791  -2.268  10.686  1.00 36.97 ? 874  HOH A O   1 
HETATM 1201 O  O   . HOH C 3 .   ? -9.752  11.726  3.877   1.00 20.35 ? 875  HOH A O   1 
HETATM 1202 O  O   . HOH C 3 .   ? 17.024  -0.421  7.219   1.00 18.73 ? 876  HOH A O   1 
HETATM 1203 O  O   . HOH C 3 .   ? 5.639   2.566   8.453   1.00 16.55 ? 877  HOH A O   1 
HETATM 1204 O  O   . HOH C 3 .   ? 0.875   -2.310  18.204  1.00 41.83 ? 878  HOH A O   1 
HETATM 1205 O  O   . HOH C 3 .   ? -4.894  18.047  -9.393  1.00 26.38 ? 879  HOH A O   1 
HETATM 1206 O  O   . HOH C 3 .   ? -6.855  3.530   -16.826 1.00 41.87 ? 880  HOH A O   1 
HETATM 1207 O  O   . HOH C 3 .   ? -7.494  -4.517  -11.332 1.00 38.88 ? 881  HOH A O   1 
HETATM 1208 O  O   . HOH C 3 .   ? 9.387   11.513  0.010   1.00 24.30 ? 882  HOH A O   1 
HETATM 1209 O  O   . HOH C 3 .   ? -8.714  4.800   12.490  1.00 16.39 ? 883  HOH A O   1 
HETATM 1210 O  O   . HOH C 3 .   ? -10.917 0.837   7.727   1.00 26.23 ? 884  HOH A O   1 
HETATM 1211 O  O   . HOH C 3 .   ? -10.620 -1.445  -10.711 1.00 44.02 ? 885  HOH A O   1 
HETATM 1212 O  O   . HOH C 3 .   ? -1.384  8.968   -9.910  1.00 21.29 ? 886  HOH A O   1 
HETATM 1213 O  O   . HOH C 3 .   ? -12.435 -9.259  6.234   1.00 36.85 ? 887  HOH A O   1 
HETATM 1214 O  O   . HOH C 3 .   ? 10.979  -11.941 0.723   1.00 15.75 ? 888  HOH A O   1 
HETATM 1215 O  O   . HOH C 3 .   ? 7.477   9.471   -6.411  1.00 21.69 ? 889  HOH A O   1 
HETATM 1216 O  O   . HOH C 3 .   ? -1.532  3.948   15.060  1.00 41.03 ? 890  HOH A O   1 
HETATM 1217 O  O   . HOH C 3 .   ? 5.032   -15.004 -0.850  1.00 23.54 ? 891  HOH A O   1 
HETATM 1218 O  O   . HOH C 3 .   ? -12.241 5.008   4.151   1.00 38.92 ? 892  HOH A O   1 
HETATM 1219 O  O   . HOH C 3 .   ? -4.350  -5.434  -10.510 1.00 36.20 ? 893  HOH A O   1 
HETATM 1220 O  O   . HOH C 3 .   ? 4.199   -1.123  14.530  1.00 36.15 ? 894  HOH A O   1 
HETATM 1221 O  O   . HOH C 3 .   ? -2.492  9.872   -12.121 1.00 38.17 ? 895  HOH A O   1 
HETATM 1222 O  O   . HOH C 3 .   ? 3.114   0.266   -15.462 1.00 36.62 ? 896  HOH A O   1 
HETATM 1223 O  O   . HOH C 3 .   ? 19.473  3.085   -2.461  1.00 38.01 ? 897  HOH A O   1 
HETATM 1224 O  O   . HOH C 3 .   ? 7.837   -3.578  9.547   1.00 26.36 ? 898  HOH A O   1 
HETATM 1225 O  O   . HOH C 3 .   ? -1.498  11.983  -15.263 1.00 21.13 ? 899  HOH A O   1 
HETATM 1226 O  O   . HOH C 3 .   ? 6.191   -8.574  9.096   1.00 16.72 ? 900  HOH A O   1 
HETATM 1227 O  O   . HOH C 3 .   ? 2.385   3.173   12.938  1.00 20.61 ? 901  HOH A O   1 
HETATM 1228 O  O   . HOH C 3 .   ? -11.245 9.261   -11.599 1.00 37.13 ? 902  HOH A O   1 
HETATM 1229 O  O   . HOH C 3 .   ? -9.636  14.689  -1.734  1.00 26.24 ? 903  HOH A O   1 
HETATM 1230 O  O   . HOH C 3 .   ? -7.303  8.450   -11.306 1.00 40.17 ? 904  HOH A O   1 
HETATM 1231 O  O   . HOH C 3 .   ? 10.838  2.222   -9.263  1.00 29.11 ? 905  HOH A O   1 
HETATM 1232 O  O   . HOH C 3 .   ? -7.696  6.022   -11.871 1.00 34.36 ? 906  HOH A O   1 
HETATM 1233 O  O   . HOH C 3 .   ? 3.176   -3.133  16.648  1.00 46.80 ? 907  HOH A O   1 
HETATM 1234 O  O   . HOH C 3 .   ? 11.690  4.182   -3.852  1.00 46.83 ? 908  HOH A O   1 
HETATM 1235 O  O   . HOH C 3 .   ? -11.797 -1.984  4.579   1.00 26.19 ? 909  HOH A O   1 
HETATM 1236 O  O   . HOH C 3 .   ? -12.391 2.410   3.280   1.00 18.96 ? 910  HOH A O   1 
HETATM 1237 O  O   . HOH C 3 .   ? 11.382  -0.298  -7.854  1.00 20.59 ? 911  HOH A O   1 
HETATM 1238 O  O   . HOH C 3 .   ? 4.903   8.770   -13.282 1.00 17.53 ? 912  HOH A O   1 
HETATM 1239 O  O   . HOH C 3 .   ? 8.798   14.757  0.273   1.00 20.54 ? 913  HOH A O   1 
HETATM 1240 O  O   . HOH C 3 .   ? -8.693  -2.544  9.231   1.00 22.00 ? 914  HOH A O   1 
HETATM 1241 O  O   . HOH C 3 .   ? 4.582   -8.656  11.865  1.00 26.61 ? 915  HOH A O   1 
HETATM 1242 O  O   . HOH C 3 .   ? 12.921  8.346   12.929  1.00 27.34 ? 916  HOH A O   1 
HETATM 1243 O  O   . HOH C 3 .   ? 3.916   -16.537 -5.030  1.00 36.01 ? 917  HOH A O   1 
HETATM 1244 O  O   . HOH C 3 .   ? 9.760   8.561   -1.898  1.00 24.15 ? 918  HOH A O   1 
HETATM 1245 O  O   . HOH C 3 .   ? -4.648  -0.556  13.488  1.00 32.44 ? 919  HOH A O   1 
HETATM 1246 O  O   . HOH C 3 .   ? 4.521   19.185  -5.298  1.00 29.92 ? 920  HOH A O   1 
HETATM 1247 O  O   . HOH C 3 .   ? 0.232   18.229  -5.870  1.00 17.94 ? 921  HOH A O   1 
HETATM 1248 O  O   . HOH C 3 .   ? 13.441  2.036   13.858  1.00 36.00 ? 922  HOH A O   1 
HETATM 1249 O  O   . HOH C 3 .   ? -2.082  7.517   -17.053 1.00 31.46 ? 923  HOH A O   1 
HETATM 1250 O  O   . HOH C 3 .   ? -6.207  -14.425 5.699   1.00 34.75 ? 924  HOH A O   1 
HETATM 1251 O  O   . HOH C 3 .   ? 10.709  8.571   -8.578  1.00 44.29 ? 925  HOH A O   1 
HETATM 1252 O  O   . HOH C 3 .   ? 9.146   7.325   -6.857  1.00 36.47 ? 926  HOH A O   1 
HETATM 1253 O  O   . HOH C 3 .   ? 5.636   21.472  -3.668  1.00 40.86 ? 927  HOH A O   1 
HETATM 1254 O  O   . HOH C 3 .   ? 6.101   -2.103  13.469  1.00 36.70 ? 928  HOH A O   1 
HETATM 1255 O  O   . HOH C 3 .   ? 10.970  6.014   14.021  1.00 33.31 ? 929  HOH A O   1 
HETATM 1256 O  O   . HOH C 3 .   ? 11.804  12.696  -2.305  1.00 38.83 ? 930  HOH A O   1 
HETATM 1257 O  O   . HOH C 3 .   ? -4.361  -15.259 1.655   1.00 35.03 ? 931  HOH A O   1 
HETATM 1258 O  O   . HOH C 3 .   ? 7.624   -4.589  7.438   1.00 24.03 ? 932  HOH A O   1 
HETATM 1259 O  O   . HOH C 3 .   ? -12.479 -8.401  -7.703  1.00 39.61 ? 933  HOH A O   1 
HETATM 1260 O  O   . HOH C 3 .   ? 11.043  -7.586  13.003  1.00 43.96 ? 934  HOH A O   1 
HETATM 1261 O  O   . HOH C 3 .   ? 0.828   -6.336  18.541  1.00 40.73 ? 935  HOH A O   1 
HETATM 1262 O  O   . HOH C 3 .   ? 12.161  6.326   4.728   1.00 26.66 ? 936  HOH A O   1 
HETATM 1263 O  O   . HOH C 3 .   ? -5.305  -12.416 7.169   1.00 31.42 ? 937  HOH A O   1 
HETATM 1264 O  O   . HOH C 3 .   ? 16.158  5.097   15.096  1.00 43.40 ? 938  HOH A O   1 
HETATM 1265 O  O   . HOH C 3 .   ? 7.130   -12.716 -4.050  1.00 34.88 ? 939  HOH A O   1 
HETATM 1266 O  O   . HOH C 3 .   ? 20.621  -0.494  8.548   1.00 46.09 ? 940  HOH A O   1 
HETATM 1267 O  O   . HOH C 3 .   ? -6.088  -17.007 -6.000  1.00 52.05 ? 941  HOH A O   1 
HETATM 1268 O  O   . HOH C 3 .   ? -17.899 8.959   -9.231  1.00 44.45 ? 942  HOH A O   1 
HETATM 1269 O  O   . HOH C 3 .   ? 10.751  11.681  2.794   1.00 23.31 ? 943  HOH A O   1 
HETATM 1270 O  O   . HOH C 3 .   ? 1.965   0.382   14.166  1.00 35.58 ? 944  HOH A O   1 
HETATM 1271 O  O   . HOH C 3 .   ? 2.795   6.932   -17.382 1.00 25.46 ? 945  HOH A O   1 
HETATM 1272 O  O   . HOH C 3 .   ? -8.356  2.114   11.742  1.00 16.74 ? 946  HOH A O   1 
HETATM 1273 O  O   . HOH C 3 .   ? 4.418   6.711   9.756   1.00 18.05 ? 947  HOH A O   1 
HETATM 1274 O  O   . HOH C 3 .   ? 1.040   -17.083 -5.741  1.00 43.94 ? 948  HOH A O   1 
HETATM 1275 O  O   . HOH C 3 .   ? -0.655  -4.504  19.183  1.00 45.11 ? 949  HOH A O   1 
HETATM 1276 O  O   . HOH C 3 .   ? 3.664   -5.579  14.563  1.00 31.68 ? 950  HOH A O   1 
HETATM 1277 O  O   . HOH C 3 .   ? 6.786   -10.683 -5.558  1.00 49.97 ? 951  HOH A O   1 
HETATM 1278 O  O   . HOH C 3 .   ? -8.212  -15.137 6.762   1.00 48.53 ? 952  HOH A O   1 
HETATM 1279 O  O   . HOH C 3 .   ? -14.015 2.440   -2.493  1.00 47.96 ? 953  HOH A O   1 
HETATM 1280 O  O   . HOH C 3 .   ? 9.156   -15.236 -3.684  1.00 31.13 ? 954  HOH A O   1 
HETATM 1281 O  O   . HOH C 3 .   ? 18.804  -0.121  9.823   1.00 43.98 ? 955  HOH A O   1 
HETATM 1282 O  O   . HOH C 3 .   ? 15.750  3.490   -4.787  1.00 50.45 ? 956  HOH A O   1 
HETATM 1283 O  O   . HOH C 3 .   ? 3.998   -14.110 -6.681  1.00 52.44 ? 957  HOH A O   1 
HETATM 1284 O  O   . HOH C 3 .   ? 0.637   6.543   -17.725 1.00 33.52 ? 958  HOH A O   1 
HETATM 1285 O  O   . HOH C 3 .   ? -10.749 14.152  4.418   1.00 39.10 ? 959  HOH A O   1 
HETATM 1286 O  O   . HOH C 3 .   ? -12.648 -7.691  3.740   1.00 51.44 ? 960  HOH A O   1 
HETATM 1287 O  O   . HOH C 3 .   ? -14.320 1.338   -0.129  1.00 39.60 ? 961  HOH A O   1 
HETATM 1288 O  O   . HOH C 3 .   ? 10.756  12.617  -5.565  1.00 49.90 ? 962  HOH A O   1 
HETATM 1289 O  O   . HOH C 3 .   ? 2.252   7.289   11.648  1.00 17.23 ? 963  HOH A O   1 
HETATM 1290 O  O   . HOH C 3 .   ? 14.218  10.872  -11.236 1.00 43.30 ? 964  HOH A O   1 
HETATM 1291 O  O   . HOH C 3 .   ? -12.762 -5.430  -8.122  1.00 47.52 ? 965  HOH A O   1 
HETATM 1292 O  O   . HOH C 3 .   ? 16.527  -1.515  12.923  1.00 37.39 ? 966  HOH A O   1 
HETATM 1293 O  O   . HOH C 3 .   ? -5.788  -2.539  12.968  1.00 23.13 ? 967  HOH A O   1 
HETATM 1294 O  O   . HOH C 3 .   ? 4.541   3.749   10.672  1.00 17.07 ? 968  HOH A O   1 
HETATM 1295 O  O   . HOH C 3 .   ? -14.420 2.908   1.509   1.00 35.30 ? 969  HOH A O   1 
HETATM 1296 O  O   . HOH C 3 .   ? -5.170  15.846  -0.325  1.00 27.25 ? 970  HOH A O   1 
HETATM 1297 O  O   . HOH C 3 .   ? -2.825  1.844   15.392  1.00 39.57 ? 971  HOH A O   1 
HETATM 1298 O  O   . HOH C 3 .   ? -6.432  -14.302 -4.949  1.00 51.79 ? 972  HOH A O   1 
HETATM 1299 O  O   . HOH C 3 .   ? 6.346   17.412  -8.740  1.00 51.47 ? 973  HOH A O   1 
HETATM 1300 O  O   . HOH C 3 .   ? -9.653  -18.557 0.964   1.00 46.35 ? 974  HOH A O   1 
HETATM 1301 O  O   . HOH C 3 .   ? -1.572  7.823   17.071  1.00 30.79 ? 975  HOH A O   1 
HETATM 1302 O  O   . HOH C 3 .   ? 18.201  0.203   12.139  1.00 37.44 ? 976  HOH A O   1 
HETATM 1303 O  O   . HOH C 3 .   ? -10.623 -11.602 -10.421 1.00 47.76 ? 977  HOH A O   1 
HETATM 1304 O  O   . HOH C 3 .   ? -15.195 -1.872  -3.536  1.00 52.12 ? 978  HOH A O   1 
HETATM 1305 O  O   . HOH C 3 .   ? 11.506  3.382   -12.093 1.00 36.79 ? 979  HOH A O   1 
HETATM 1306 O  O   . HOH C 3 .   ? -11.053 15.088  -4.377  0.50 33.18 ? 980  HOH A O   1 
HETATM 1307 O  O   . HOH C 3 .   ? -1.878  7.862   -14.199 1.00 33.61 ? 981  HOH A O   1 
HETATM 1308 O  O   . HOH C 3 .   ? -16.513 -1.221  -10.007 1.00 50.13 ? 982  HOH A O   1 
HETATM 1309 O  O   . HOH C 3 .   ? -8.062  14.144  -10.716 1.00 41.22 ? 983  HOH A O   1 
HETATM 1310 O  O   . HOH C 3 .   ? -5.879  -16.575 -3.252  1.00 52.98 ? 984  HOH A O   1 
HETATM 1311 O  O   . HOH C 3 .   ? 12.328  5.877   -8.434  1.00 39.04 ? 985  HOH A O   1 
HETATM 1312 O  O   . HOH C 3 .   ? 5.402   -15.742 -3.415  1.00 52.04 ? 986  HOH A O   1 
HETATM 1313 O  O   . HOH C 3 .   ? 2.149   5.926   13.857  1.00 27.95 ? 987  HOH A O   1 
HETATM 1314 O  O   . HOH C 3 .   ? 13.496  -6.148  13.125  1.00 43.66 ? 988  HOH A O   1 
HETATM 1315 O  O   . HOH C 3 .   ? -18.324 1.690   -1.924  1.00 47.62 ? 989  HOH A O   1 
HETATM 1316 O  O   . HOH C 3 .   ? 19.680  -0.347  6.311   1.00 25.64 ? 990  HOH A O   1 
HETATM 1317 O  O   . HOH C 3 .   ? 4.737   7.621   -15.676 1.00 22.73 ? 991  HOH A O   1 
HETATM 1318 O  O   . HOH C 3 .   ? 1.306   18.143  -8.301  1.00 36.26 ? 992  HOH A O   1 
HETATM 1319 O  O   . HOH C 3 .   ? 16.394  2.701   14.840  1.00 50.11 ? 993  HOH A O   1 
HETATM 1320 O  O   . HOH C 3 .   ? -13.847 -3.919  1.111   1.00 43.54 ? 994  HOH A O   1 
HETATM 1321 O  O   . HOH C 3 .   ? 13.088  13.293  -4.321  1.00 45.76 ? 995  HOH A O   1 
HETATM 1322 O  O   . HOH C 3 .   ? 14.045  6.120   1.235   1.00 45.04 ? 996  HOH A O   1 
HETATM 1323 O  O   . HOH C 3 .   ? -8.338  -3.730  -15.026 1.00 52.97 ? 997  HOH A O   1 
HETATM 1324 O  O   . HOH C 3 .   ? 6.041   -14.262 -5.514  1.00 42.97 ? 998  HOH A O   1 
HETATM 1325 O  O   . HOH C 3 .   ? 5.983   -14.098 -8.737  1.00 47.65 ? 999  HOH A O   1 
HETATM 1326 O  O   . HOH C 3 .   ? -14.029 0.756   2.454   1.00 31.23 ? 1000 HOH A O   1 
HETATM 1327 O  O   . HOH C 3 .   ? 20.107  -0.222  3.517   1.00 39.63 ? 1001 HOH A O   1 
HETATM 1328 O  O   . HOH C 3 .   ? -4.763  0.839   15.259  1.00 40.04 ? 1002 HOH A O   1 
HETATM 1329 O  O   . HOH C 3 .   ? -2.999  -2.931  18.546  1.00 40.65 ? 1003 HOH A O   1 
HETATM 1330 O  O   . HOH C 3 .   ? 12.079  11.070  0.044   1.00 54.36 ? 1004 HOH A O   1 
HETATM 1331 O  O   . HOH C 3 .   ? -0.860  5.534   17.209  1.00 33.75 ? 1005 HOH A O   1 
HETATM 1332 O  O   . HOH C 3 .   ? 1.661   0.374   16.757  1.00 43.92 ? 1006 HOH A O   1 
HETATM 1333 O  O   . HOH C 3 .   ? 3.553   -19.604 -2.563  1.00 39.20 ? 1007 HOH A O   1 
HETATM 1334 O  O   . HOH C 3 .   ? -5.245  7.719   -18.040 1.00 39.38 ? 1008 HOH A O   1 
HETATM 1335 O  O   . HOH C 3 .   ? -0.781  -4.216  -12.858 1.00 29.09 ? 1009 HOH A O   1 
HETATM 1336 O  O   . HOH C 3 .   ? 12.677  8.461   -1.673  1.00 42.07 ? 1010 HOH A O   1 
HETATM 1337 O  O   . HOH C 3 .   ? -11.579 13.649  0.036   1.00 31.57 ? 1011 HOH A O   1 
HETATM 1338 O  O   . HOH C 3 .   ? 9.198   9.470   -4.340  1.00 48.10 ? 1012 HOH A O   1 
HETATM 1339 O  O   . HOH C 3 .   ? -16.881 -12.417 -5.062  1.00 44.09 ? 1013 HOH A O   1 
HETATM 1340 O  O   . HOH C 3 .   ? 13.988  7.453   2.979   1.00 26.94 ? 1014 HOH A O   1 
HETATM 1341 O  O   . HOH C 3 .   ? -1.715  -0.783  18.777  0.50 34.96 ? 1015 HOH A O   1 
HETATM 1342 O  O   . HOH C 3 .   ? 13.596  16.294  -3.354  1.00 42.78 ? 1016 HOH A O   1 
HETATM 1343 O  O   . HOH C 3 .   ? 21.940  3.750   -3.199  1.00 48.88 ? 1017 HOH A O   1 
HETATM 1344 O  O   . HOH C 3 .   ? -5.639  -3.645  -16.971 1.00 38.21 ? 1018 HOH A O   1 
HETATM 1345 O  O   . HOH C 3 .   ? -15.959 10.720  -5.593  1.00 53.66 ? 1019 HOH A O   1 
HETATM 1346 O  O   . HOH C 3 .   ? -21.966 0.847   -8.381  1.00 42.56 ? 1020 HOH A O   1 
HETATM 1347 O  O   . HOH C 3 .   ? -16.272 -11.525 -10.418 1.00 50.50 ? 1021 HOH A O   1 
HETATM 1348 O  O   . HOH C 3 .   ? -23.059 -1.525  -6.535  0.50 38.89 ? 1022 HOH A O   1 
# 
